data_7CN3
#
_entry.id   7CN3
#
_cell.length_a   126.673
_cell.length_b   145.510
_cell.length_c   118.976
_cell.angle_alpha   90.000
_cell.angle_beta   90.000
_cell.angle_gamma   90.000
#
_symmetry.space_group_name_H-M   'P 21 21 2'
#
loop_
_entity.id
_entity.type
_entity.pdbx_description
1 polymer '2,5-dihydroxypyridine 5,6-dioxygenase'
2 non-polymer 'FE (II) ION'
3 non-polymer '(~{Z})-4-formamido-4-oxidanylidene-but-2-enoic acid'
4 non-polymer 1,2-ETHANEDIOL
5 non-polymer 5-oxidanyl-1H-pyridin-2-one
6 non-polymer 'TRIETHYLENE GLYCOL'
7 water water
#
_entity_poly.entity_id   1
_entity_poly.type   'polypeptide(L)'
_entity_poly.pdbx_seq_one_letter_code
;MPVSNAQLTQMFEHVLKLSRVDETQSVAVLKSHYSDPRTVNAAMEAAQRLKAKVYAVELPAFNHPTAMGNDMTAYCGDTA
LTGNLAAQRALEAADLVVDTMMLLHSPEQEQILKTGTRILLAVEPPEVLARMLPTEDDKRRVLAAETLLKQARSLHVRSK
AGSDFHAPLGQYPAVTEYGYADEPGRWDHWPSGFLFTWPNEDSAEGTLVLDVGDIILPFKNYCRERITLEIEKGFITGIH
GGFEAEYLRDYMKYFNDPEVYGISHIGWGLQPRAQWTAMGLHDRNDGMCMDARAFYGNFLFSTGPNTEVGGKRKTPCHLD
IPLRNCDIYLDDKAVVLAGDVVAPEESRARKLAAALEHHHHHH
;
_entity_poly.pdbx_strand_id   A,B,C,D,E,F
#
loop_
_chem_comp.id
_chem_comp.type
_chem_comp.name
_chem_comp.formula
D6O non-polymer '(~{Z})-4-formamido-4-oxidanylidene-but-2-enoic acid' 'C5 H5 N O4'
EDO non-polymer 1,2-ETHANEDIOL 'C2 H6 O2'
FE2 non-polymer 'FE (II) ION' 'Fe 2'
G6C non-polymer 5-oxidanyl-1H-pyridin-2-one 'C5 H5 N O2'
PGE non-polymer 'TRIETHYLENE GLYCOL' 'C6 H14 O4'
#
# COMPACT_ATOMS: atom_id res chain seq x y z
N PRO A 2 15.93 -10.14 12.47
CA PRO A 2 14.49 -9.99 12.25
C PRO A 2 13.87 -11.28 11.75
N VAL A 3 12.54 -11.43 11.91
CA VAL A 3 11.83 -12.67 11.60
C VAL A 3 11.23 -12.58 10.22
N SER A 4 11.50 -13.57 9.36
CA SER A 4 10.90 -13.58 8.03
C SER A 4 9.44 -14.05 8.11
N ASN A 5 8.68 -13.72 7.05
CA ASN A 5 7.32 -14.21 6.91
C ASN A 5 7.27 -15.74 6.99
N ALA A 6 8.18 -16.42 6.32
CA ALA A 6 8.20 -17.87 6.40
C ALA A 6 8.43 -18.33 7.84
N GLN A 7 9.38 -17.70 8.53
CA GLN A 7 9.64 -18.10 9.90
C GLN A 7 8.45 -17.78 10.80
N LEU A 8 7.79 -16.65 10.56
CA LEU A 8 6.66 -16.25 11.40
C LEU A 8 5.50 -17.25 11.28
N THR A 9 5.20 -17.70 10.06
CA THR A 9 4.16 -18.70 9.85
C THR A 9 4.51 -20.04 10.53
N GLN A 10 5.77 -20.48 10.44
CA GLN A 10 6.16 -21.73 11.10
C GLN A 10 6.11 -21.61 12.61
N MET A 11 6.35 -20.41 13.13
CA MET A 11 6.24 -20.21 14.58
C MET A 11 4.80 -20.38 15.03
N PHE A 12 3.86 -19.82 14.26
CA PHE A 12 2.45 -19.98 14.60
C PHE A 12 1.99 -21.43 14.43
N GLU A 13 2.57 -22.15 13.46
CA GLU A 13 2.25 -23.57 13.33
C GLU A 13 2.67 -24.34 14.57
N HIS A 14 3.83 -23.99 15.12
CA HIS A 14 4.31 -24.65 16.33
C HIS A 14 3.42 -24.30 17.52
N VAL A 15 3.02 -23.03 17.65
CA VAL A 15 2.24 -22.62 18.82
C VAL A 15 0.79 -23.07 18.68
N LEU A 16 0.22 -23.01 17.48
CA LEU A 16 -1.16 -23.44 17.32
C LEU A 16 -1.28 -24.95 17.52
N LYS A 17 -0.26 -25.71 17.07
CA LYS A 17 -0.26 -27.15 17.32
C LYS A 17 -0.22 -27.44 18.83
N LEU A 18 0.64 -26.74 19.58
CA LEU A 18 0.63 -26.90 21.03
C LEU A 18 -0.73 -26.56 21.61
N SER A 19 -1.40 -25.57 21.04
CA SER A 19 -2.77 -25.19 21.41
C SER A 19 -3.83 -26.13 20.82
N ARG A 20 -3.43 -27.32 20.32
CA ARG A 20 -4.34 -28.37 19.85
C ARG A 20 -5.21 -27.95 18.66
N VAL A 21 -4.70 -27.08 17.79
CA VAL A 21 -5.38 -26.79 16.53
C VAL A 21 -5.05 -27.86 15.50
N ASP A 22 -6.08 -28.47 14.92
CA ASP A 22 -5.90 -29.47 13.86
C ASP A 22 -7.15 -29.44 12.99
N GLU A 23 -7.33 -30.48 12.18
CA GLU A 23 -8.45 -30.49 11.25
C GLU A 23 -9.81 -30.59 11.94
N THR A 24 -9.87 -30.95 13.23
CA THR A 24 -11.15 -30.93 13.91
C THR A 24 -11.54 -29.52 14.38
N GLN A 25 -10.64 -28.55 14.28
CA GLN A 25 -10.83 -27.28 14.93
C GLN A 25 -11.15 -26.15 13.95
N SER A 26 -11.78 -25.10 14.50
CA SER A 26 -12.01 -23.85 13.81
C SER A 26 -11.30 -22.71 14.53
N VAL A 27 -10.64 -21.84 13.78
CA VAL A 27 -9.86 -20.73 14.34
C VAL A 27 -10.39 -19.41 13.82
N ALA A 28 -10.67 -18.49 14.73
CA ALA A 28 -10.96 -17.11 14.38
C ALA A 28 -9.74 -16.25 14.70
N VAL A 29 -9.32 -15.45 13.76
CA VAL A 29 -8.23 -14.52 14.00
C VAL A 29 -8.84 -13.14 14.17
N LEU A 30 -8.75 -12.62 15.39
CA LEU A 30 -9.38 -11.37 15.76
C LEU A 30 -8.39 -10.22 15.58
N LYS A 31 -8.84 -9.14 14.94
CA LYS A 31 -7.93 -8.05 14.63
C LYS A 31 -8.69 -6.74 14.60
N SER A 32 -7.93 -5.63 14.60
CA SER A 32 -8.48 -4.31 14.40
C SER A 32 -7.47 -3.56 13.51
N HIS A 33 -7.71 -2.27 13.23
CA HIS A 33 -6.89 -1.60 12.22
C HIS A 33 -5.42 -1.50 12.65
N TYR A 34 -5.15 -1.48 13.94
CA TYR A 34 -3.78 -1.35 14.42
C TYR A 34 -3.06 -2.70 14.57
N SER A 35 -3.72 -3.81 14.25
CA SER A 35 -3.06 -5.11 14.39
C SER A 35 -1.95 -5.27 13.36
N ASP A 36 -0.85 -5.92 13.76
CA ASP A 36 0.28 -6.18 12.87
C ASP A 36 -0.15 -7.10 11.74
N PRO A 37 -0.19 -6.61 10.49
CA PRO A 37 -0.71 -7.47 9.42
C PRO A 37 0.15 -8.68 9.14
N ARG A 38 1.45 -8.62 9.45
CA ARG A 38 2.29 -9.80 9.28
C ARG A 38 1.89 -10.92 10.23
N THR A 39 1.58 -10.57 11.48
CA THR A 39 1.18 -11.58 12.46
C THR A 39 -0.21 -12.15 12.13
N VAL A 40 -1.14 -11.28 11.76
CA VAL A 40 -2.46 -11.73 11.30
C VAL A 40 -2.30 -12.76 10.19
N ASN A 41 -1.54 -12.40 9.16
N ASN A 41 -1.53 -12.40 9.16
CA ASN A 41 -1.38 -13.28 8.00
CA ASN A 41 -1.40 -13.28 8.01
C ASN A 41 -0.75 -14.60 8.42
C ASN A 41 -0.73 -14.60 8.39
N ALA A 42 0.32 -14.55 9.23
CA ALA A 42 1.01 -15.77 9.64
C ALA A 42 0.06 -16.72 10.37
N ALA A 43 -0.84 -16.16 11.18
CA ALA A 43 -1.79 -16.96 11.95
C ALA A 43 -2.86 -17.57 11.06
N MET A 44 -3.43 -16.77 10.15
CA MET A 44 -4.35 -17.32 9.15
C MET A 44 -3.69 -18.45 8.36
N GLU A 45 -2.44 -18.25 7.95
CA GLU A 45 -1.77 -19.23 7.11
C GLU A 45 -1.43 -20.49 7.91
N ALA A 46 -0.86 -20.31 9.10
CA ALA A 46 -0.52 -21.46 9.93
C ALA A 46 -1.75 -22.31 10.25
N ALA A 47 -2.88 -21.66 10.60
CA ALA A 47 -4.09 -22.42 10.93
C ALA A 47 -4.54 -23.28 9.75
N GLN A 48 -4.55 -22.71 8.55
CA GLN A 48 -4.90 -23.48 7.35
C GLN A 48 -3.92 -24.62 7.10
N ARG A 49 -2.63 -24.38 7.30
CA ARG A 49 -1.66 -25.46 7.14
C ARG A 49 -1.93 -26.59 8.10
N LEU A 50 -2.37 -26.28 9.31
CA LEU A 50 -2.73 -27.32 10.27
C LEU A 50 -4.06 -27.98 9.93
N LYS A 51 -4.71 -27.57 8.83
CA LYS A 51 -5.94 -28.10 8.27
C LYS A 51 -7.19 -27.66 9.04
N ALA A 52 -7.08 -26.65 9.90
CA ALA A 52 -8.26 -26.11 10.56
C ALA A 52 -9.05 -25.23 9.60
N LYS A 53 -10.33 -25.02 9.94
CA LYS A 53 -11.14 -23.99 9.28
C LYS A 53 -10.87 -22.63 9.92
N VAL A 54 -10.71 -21.60 9.09
CA VAL A 54 -10.26 -20.33 9.60
C VAL A 54 -11.12 -19.20 9.04
N TYR A 55 -11.21 -18.11 9.79
CA TYR A 55 -11.77 -16.85 9.34
C TYR A 55 -11.20 -15.77 10.24
N ALA A 56 -11.20 -14.54 9.73
CA ALA A 56 -10.80 -13.37 10.49
C ALA A 56 -12.03 -12.56 10.88
N VAL A 57 -11.99 -12.02 12.10
CA VAL A 57 -13.00 -11.10 12.59
C VAL A 57 -12.30 -9.78 12.84
N GLU A 58 -12.79 -8.71 12.21
CA GLU A 58 -12.22 -7.39 12.39
C GLU A 58 -13.22 -6.49 13.09
N LEU A 59 -12.82 -5.91 14.22
CA LEU A 59 -13.64 -4.98 14.98
C LEU A 59 -13.14 -3.56 14.81
N PRO A 60 -14.03 -2.57 14.80
CA PRO A 60 -13.57 -1.18 14.86
C PRO A 60 -12.82 -0.92 16.16
N ALA A 61 -11.76 -0.12 16.07
CA ALA A 61 -11.00 0.20 17.27
C ALA A 61 -11.89 0.95 18.27
N PHE A 62 -11.75 0.61 19.55
CA PHE A 62 -12.46 1.28 20.64
C PHE A 62 -11.53 2.28 21.33
N ASN A 63 -11.97 3.54 21.46
CA ASN A 63 -11.11 4.56 22.03
C ASN A 63 -11.55 4.96 23.43
N HIS A 64 -10.57 5.05 24.33
CA HIS A 64 -10.78 5.63 25.64
C HIS A 64 -10.28 7.07 25.61
N PRO A 65 -11.17 8.07 25.62
CA PRO A 65 -10.72 9.48 25.54
C PRO A 65 -9.62 9.86 26.52
N THR A 66 -9.73 9.46 27.79
CA THR A 66 -8.76 9.92 28.79
C THR A 66 -7.51 9.04 28.89
N ALA A 67 -7.44 7.90 28.21
CA ALA A 67 -6.20 7.13 28.23
C ALA A 67 -5.07 7.94 27.59
N MET A 68 -3.88 7.86 28.18
CA MET A 68 -2.69 8.47 27.61
C MET A 68 -1.72 7.41 27.13
N GLY A 69 -1.02 7.69 26.02
CA GLY A 69 -0.09 6.74 25.42
C GLY A 69 -0.81 5.65 24.64
N ASN A 70 0.00 4.75 24.06
CA ASN A 70 -0.49 3.73 23.13
C ASN A 70 -0.46 2.32 23.69
N ASP A 71 -0.14 2.15 24.96
CA ASP A 71 -0.08 0.82 25.54
C ASP A 71 -1.49 0.43 25.96
N MET A 72 -2.00 -0.67 25.41
CA MET A 72 -3.36 -1.11 25.70
C MET A 72 -3.57 -1.56 27.14
N THR A 73 -2.51 -1.97 27.86
CA THR A 73 -2.68 -2.40 29.24
C THR A 73 -2.90 -1.24 30.20
N ALA A 74 -2.77 0.01 29.75
CA ALA A 74 -2.79 1.13 30.67
C ALA A 74 -4.20 1.56 31.08
N TYR A 75 -5.20 1.31 30.24
CA TYR A 75 -6.58 1.73 30.53
C TYR A 75 -7.52 0.54 30.32
N CYS A 76 -7.98 -0.06 31.41
CA CYS A 76 -8.91 -1.20 31.32
C CYS A 76 -10.33 -0.70 31.56
N GLY A 77 -11.00 -0.30 30.48
CA GLY A 77 -12.41 0.00 30.52
C GLY A 77 -13.22 -0.94 29.64
N ASP A 78 -14.19 -0.40 28.92
CA ASP A 78 -14.89 -1.18 27.92
C ASP A 78 -13.92 -1.58 26.81
N THR A 79 -14.36 -2.50 25.97
CA THR A 79 -13.62 -2.91 24.78
C THR A 79 -14.53 -2.81 23.58
N ALA A 80 -14.01 -3.15 22.41
CA ALA A 80 -14.83 -3.19 21.21
C ALA A 80 -15.94 -4.23 21.29
N LEU A 81 -15.85 -5.15 22.23
CA LEU A 81 -16.87 -6.18 22.42
C LEU A 81 -18.02 -5.72 23.31
N THR A 82 -17.86 -4.61 24.03
CA THR A 82 -18.89 -4.18 24.96
C THR A 82 -20.14 -3.79 24.19
N GLY A 83 -21.27 -4.39 24.57
CA GLY A 83 -22.54 -4.21 23.85
C GLY A 83 -22.59 -4.79 22.45
N ASN A 84 -21.67 -5.66 22.08
CA ASN A 84 -21.59 -6.22 20.74
C ASN A 84 -21.71 -7.74 20.83
N LEU A 85 -22.93 -8.22 21.16
CA LEU A 85 -23.13 -9.66 21.33
C LEU A 85 -22.96 -10.43 20.01
N ALA A 86 -23.23 -9.79 18.87
CA ALA A 86 -23.02 -10.49 17.61
C ALA A 86 -21.54 -10.80 17.40
N ALA A 87 -20.68 -9.80 17.56
CA ALA A 87 -19.25 -10.02 17.43
C ALA A 87 -18.76 -11.06 18.43
N GLN A 88 -19.30 -11.04 19.63
CA GLN A 88 -18.88 -12.00 20.64
C GLN A 88 -19.24 -13.43 20.22
N ARG A 89 -20.45 -13.61 19.64
N ARG A 89 -20.44 -13.61 19.63
CA ARG A 89 -20.85 -14.93 19.15
CA ARG A 89 -20.83 -14.94 19.17
C ARG A 89 -20.00 -15.37 17.97
C ARG A 89 -20.03 -15.38 17.94
N ALA A 90 -19.58 -14.42 17.14
CA ALA A 90 -18.68 -14.75 16.05
C ALA A 90 -17.38 -15.35 16.58
N LEU A 91 -16.92 -14.90 17.75
CA LEU A 91 -15.73 -15.48 18.35
C LEU A 91 -16.05 -16.79 19.07
N GLU A 92 -17.22 -16.86 19.73
CA GLU A 92 -17.61 -18.08 20.41
C GLU A 92 -17.85 -19.24 19.45
N ALA A 93 -18.08 -18.96 18.17
CA ALA A 93 -18.27 -20.02 17.19
C ALA A 93 -16.99 -20.80 16.95
N ALA A 94 -15.83 -20.20 17.22
CA ALA A 94 -14.55 -20.85 16.97
C ALA A 94 -14.14 -21.69 18.17
N ASP A 95 -13.32 -22.71 17.92
CA ASP A 95 -12.68 -23.43 19.01
C ASP A 95 -11.54 -22.63 19.62
N LEU A 96 -10.79 -21.89 18.81
CA LEU A 96 -9.72 -21.05 19.34
C LEU A 96 -9.76 -19.70 18.65
N VAL A 97 -9.49 -18.64 19.43
CA VAL A 97 -9.36 -17.28 18.94
C VAL A 97 -7.90 -16.86 19.04
N VAL A 98 -7.32 -16.42 17.93
CA VAL A 98 -6.03 -15.77 17.96
C VAL A 98 -6.29 -14.28 18.12
N ASP A 99 -5.98 -13.72 19.28
CA ASP A 99 -6.29 -12.32 19.56
C ASP A 99 -5.08 -11.45 19.20
N THR A 100 -5.17 -10.71 18.09
CA THR A 100 -4.11 -9.76 17.73
C THR A 100 -4.51 -8.30 18.00
N MET A 101 -5.59 -8.06 18.72
CA MET A 101 -5.97 -6.69 19.00
C MET A 101 -5.98 -6.35 20.48
N MET A 102 -5.93 -7.36 21.35
CA MET A 102 -5.77 -7.24 22.80
C MET A 102 -7.12 -6.93 23.44
N LEU A 103 -8.00 -7.92 23.48
CA LEU A 103 -9.20 -7.84 24.32
C LEU A 103 -8.77 -7.84 25.76
N LEU A 104 -9.00 -6.75 26.47
CA LEU A 104 -8.67 -6.77 27.88
C LEU A 104 -9.53 -7.80 28.60
N HIS A 105 -9.04 -8.21 29.76
CA HIS A 105 -9.82 -9.14 30.58
C HIS A 105 -11.14 -8.47 30.92
N SER A 106 -12.20 -8.93 30.30
CA SER A 106 -13.51 -8.30 30.31
C SER A 106 -14.55 -9.36 30.62
N PRO A 107 -15.75 -8.96 31.04
CA PRO A 107 -16.82 -9.95 31.22
C PRO A 107 -17.15 -10.67 29.94
N GLU A 108 -17.04 -9.99 28.78
CA GLU A 108 -17.31 -10.66 27.51
C GLU A 108 -16.22 -11.67 27.17
N GLN A 109 -14.97 -11.31 27.44
CA GLN A 109 -13.89 -12.30 27.30
C GLN A 109 -14.18 -13.53 28.16
N GLU A 110 -14.59 -13.30 29.41
CA GLU A 110 -14.79 -14.44 30.29
C GLU A 110 -15.97 -15.28 29.84
N GLN A 111 -17.03 -14.67 29.28
CA GLN A 111 -18.12 -15.49 28.79
C GLN A 111 -17.74 -16.27 27.55
N ILE A 112 -16.83 -15.73 26.72
CA ILE A 112 -16.32 -16.49 25.59
C ILE A 112 -15.57 -17.73 26.08
N LEU A 113 -14.63 -17.53 27.01
CA LEU A 113 -13.89 -18.64 27.60
C LEU A 113 -14.84 -19.65 28.22
N LYS A 114 -15.95 -19.17 28.82
CA LYS A 114 -16.88 -20.04 29.50
C LYS A 114 -17.62 -20.98 28.57
N THR A 115 -17.69 -20.65 27.27
CA THR A 115 -18.32 -21.58 26.34
C THR A 115 -17.38 -22.72 25.93
N GLY A 116 -16.12 -22.70 26.36
CA GLY A 116 -15.13 -23.68 25.95
C GLY A 116 -14.13 -23.17 24.93
N THR A 117 -14.49 -22.13 24.18
CA THR A 117 -13.53 -21.49 23.27
C THR A 117 -12.29 -21.08 24.05
N ARG A 118 -11.14 -21.27 23.44
CA ARG A 118 -9.89 -20.84 24.06
C ARG A 118 -9.36 -19.64 23.28
N ILE A 119 -8.55 -18.82 23.96
CA ILE A 119 -8.06 -17.59 23.40
C ILE A 119 -6.56 -17.52 23.61
N LEU A 120 -5.83 -17.27 22.52
CA LEU A 120 -4.39 -17.07 22.57
C LEU A 120 -4.09 -15.63 22.17
N LEU A 121 -3.54 -14.85 23.10
CA LEU A 121 -3.14 -13.48 22.82
C LEU A 121 -1.77 -13.45 22.13
N ALA A 122 -1.67 -12.70 21.04
CA ALA A 122 -0.40 -12.62 20.32
C ALA A 122 -0.26 -11.21 19.72
N VAL A 123 0.48 -10.34 20.40
CA VAL A 123 0.54 -8.93 20.00
C VAL A 123 1.96 -8.38 20.06
N GLU A 124 2.87 -9.04 20.78
CA GLU A 124 4.25 -8.60 20.84
C GLU A 124 4.93 -8.74 19.47
N PRO A 125 6.01 -8.01 19.22
CA PRO A 125 6.63 -8.03 17.88
C PRO A 125 7.13 -9.42 17.55
N PRO A 126 7.26 -9.73 16.24
CA PRO A 126 7.73 -11.07 15.83
C PRO A 126 9.04 -11.51 16.47
N GLU A 127 10.03 -10.62 16.60
CA GLU A 127 11.31 -11.04 17.18
C GLU A 127 11.14 -11.42 18.65
N VAL A 128 10.26 -10.71 19.36
CA VAL A 128 10.00 -11.06 20.74
C VAL A 128 9.27 -12.39 20.82
N LEU A 129 8.29 -12.62 19.93
CA LEU A 129 7.61 -13.90 19.88
C LEU A 129 8.61 -15.04 19.68
N ALA A 130 9.64 -14.79 18.87
CA ALA A 130 10.61 -15.83 18.55
C ALA A 130 11.56 -16.09 19.71
N ARG A 131 11.99 -15.03 20.41
CA ARG A 131 12.90 -15.22 21.54
C ARG A 131 12.25 -16.04 22.64
N MET A 132 10.94 -15.92 22.81
CA MET A 132 10.25 -16.64 23.88
C MET A 132 9.22 -17.59 23.30
N LEU A 133 9.61 -18.30 22.23
CA LEU A 133 8.74 -19.30 21.62
C LEU A 133 8.32 -20.34 22.65
N PRO A 134 7.03 -20.61 22.81
CA PRO A 134 6.58 -21.47 23.92
C PRO A 134 7.05 -22.91 23.78
N THR A 135 7.27 -23.54 24.94
CA THR A 135 7.69 -24.93 25.05
C THR A 135 6.82 -25.68 26.04
N GLU A 136 6.75 -27.01 25.86
CA GLU A 136 6.06 -27.82 26.85
C GLU A 136 6.79 -27.79 28.19
N ASP A 137 8.12 -27.70 28.17
CA ASP A 137 8.85 -27.64 29.44
C ASP A 137 8.45 -26.40 30.25
N ASP A 138 8.31 -25.26 29.58
CA ASP A 138 7.81 -24.06 30.24
C ASP A 138 6.48 -24.34 30.94
N LYS A 139 5.58 -25.06 30.25
CA LYS A 139 4.28 -25.35 30.86
C LYS A 139 4.46 -26.26 32.08
N ARG A 140 5.33 -27.27 31.96
CA ARG A 140 5.61 -28.13 33.10
C ARG A 140 6.11 -27.32 34.30
N ARG A 141 7.10 -26.45 34.08
CA ARG A 141 7.67 -25.72 35.19
C ARG A 141 6.65 -24.75 35.80
N VAL A 142 5.81 -24.12 34.97
CA VAL A 142 4.83 -23.19 35.53
C VAL A 142 3.74 -23.95 36.30
N LEU A 143 3.38 -25.14 35.84
CA LEU A 143 2.34 -25.91 36.52
C LEU A 143 2.84 -26.42 37.87
N ALA A 144 4.12 -26.80 37.95
CA ALA A 144 4.67 -27.20 39.24
C ALA A 144 4.58 -26.05 40.24
N ALA A 145 4.93 -24.84 39.80
CA ALA A 145 4.80 -23.67 40.68
C ALA A 145 3.36 -23.45 41.09
N GLU A 146 2.42 -23.53 40.13
CA GLU A 146 1.01 -23.36 40.45
C GLU A 146 0.56 -24.30 41.56
N THR A 147 0.99 -25.57 41.48
CA THR A 147 0.64 -26.55 42.50
C THR A 147 0.96 -26.05 43.89
N LEU A 148 2.12 -25.41 44.07
CA LEU A 148 2.47 -24.89 45.38
C LEU A 148 1.67 -23.64 45.71
N LEU A 149 1.41 -22.79 44.71
CA LEU A 149 0.69 -21.55 44.99
C LEU A 149 -0.76 -21.82 45.40
N LYS A 150 -1.40 -22.81 44.78
CA LYS A 150 -2.81 -23.09 45.06
C LYS A 150 -3.07 -23.44 46.51
N GLN A 151 -2.05 -23.92 47.23
CA GLN A 151 -2.20 -24.32 48.62
C GLN A 151 -1.74 -23.25 49.61
N ALA A 152 -1.09 -22.19 49.15
CA ALA A 152 -0.53 -21.22 50.07
C ALA A 152 -1.64 -20.45 50.78
N ARG A 153 -1.45 -20.20 52.07
CA ARG A 153 -2.35 -19.33 52.83
C ARG A 153 -1.83 -17.91 52.98
N SER A 154 -0.55 -17.68 52.73
CA SER A 154 -0.03 -16.34 52.68
C SER A 154 1.11 -16.27 51.68
N LEU A 155 1.35 -15.08 51.16
CA LEU A 155 2.57 -14.78 50.42
C LEU A 155 3.27 -13.63 51.11
N HIS A 156 4.60 -13.68 51.16
CA HIS A 156 5.36 -12.61 51.77
C HIS A 156 6.55 -12.25 50.89
N VAL A 157 6.90 -10.97 50.89
CA VAL A 157 7.99 -10.44 50.07
C VAL A 157 8.89 -9.57 50.94
N ARG A 158 10.20 -9.81 50.86
CA ARG A 158 11.21 -9.00 51.52
C ARG A 158 12.34 -8.69 50.54
N SER A 159 12.94 -7.52 50.70
CA SER A 159 14.15 -7.17 49.95
C SER A 159 15.07 -6.34 50.83
N LYS A 160 16.37 -6.42 50.54
CA LYS A 160 17.34 -5.56 51.20
C LYS A 160 16.98 -4.10 51.00
N ALA A 161 16.55 -3.74 49.80
CA ALA A 161 16.17 -2.36 49.51
C ALA A 161 15.03 -1.87 50.40
N GLY A 162 14.38 -2.74 51.16
CA GLY A 162 13.39 -2.34 52.13
C GLY A 162 11.98 -2.89 51.95
N SER A 163 11.69 -3.78 51.00
CA SER A 163 10.33 -4.31 50.91
C SER A 163 10.04 -5.24 52.08
N ASP A 164 8.81 -5.14 52.60
CA ASP A 164 8.37 -5.99 53.71
C ASP A 164 6.85 -6.09 53.61
N PHE A 165 6.39 -7.06 52.82
CA PHE A 165 5.03 -7.08 52.31
C PHE A 165 4.36 -8.43 52.60
N HIS A 166 3.12 -8.37 53.10
CA HIS A 166 2.38 -9.56 53.51
C HIS A 166 1.02 -9.59 52.84
N ALA A 167 0.65 -10.74 52.29
CA ALA A 167 -0.63 -10.90 51.59
C ALA A 167 -1.26 -12.23 51.97
N PRO A 168 -2.28 -12.22 52.82
CA PRO A 168 -3.09 -13.44 53.02
C PRO A 168 -3.75 -13.88 51.71
N LEU A 169 -3.77 -15.20 51.49
CA LEU A 169 -4.32 -15.84 50.30
C LEU A 169 -5.52 -16.72 50.66
N GLY A 170 -6.09 -17.37 49.63
CA GLY A 170 -7.11 -18.38 49.82
C GLY A 170 -8.44 -18.02 49.21
N GLN A 171 -8.75 -16.73 49.11
CA GLN A 171 -10.04 -16.29 48.59
C GLN A 171 -10.10 -16.32 47.07
N TYR A 172 -8.97 -16.12 46.41
CA TYR A 172 -8.92 -16.06 44.95
C TYR A 172 -8.01 -17.14 44.39
N PRO A 173 -8.29 -17.64 43.20
CA PRO A 173 -7.48 -18.74 42.65
C PRO A 173 -6.14 -18.23 42.11
N ALA A 174 -5.33 -19.18 41.69
CA ALA A 174 -4.10 -18.91 40.97
C ALA A 174 -4.37 -18.94 39.48
N VAL A 175 -3.59 -18.16 38.74
CA VAL A 175 -3.67 -18.09 37.28
C VAL A 175 -2.25 -18.22 36.74
N THR A 176 -2.07 -19.07 35.72
CA THR A 176 -0.79 -19.30 35.06
C THR A 176 -0.81 -18.74 33.64
N GLU A 177 0.37 -18.43 33.13
CA GLU A 177 0.55 -18.11 31.72
C GLU A 177 1.80 -18.82 31.25
N TYR A 178 1.65 -19.81 30.37
CA TYR A 178 2.80 -20.55 29.86
C TYR A 178 2.93 -20.50 28.33
N GLY A 179 2.19 -19.62 27.65
CA GLY A 179 2.45 -19.35 26.24
C GLY A 179 1.50 -19.98 25.23
N TYR A 180 0.64 -20.92 25.63
CA TYR A 180 -0.29 -21.45 24.64
C TYR A 180 -1.58 -21.88 25.30
N ALA A 181 -2.61 -21.98 24.46
CA ALA A 181 -3.98 -22.15 24.92
C ALA A 181 -4.46 -23.54 24.47
N ASP A 182 -4.07 -24.56 25.22
CA ASP A 182 -4.33 -25.94 24.81
C ASP A 182 -5.59 -26.53 25.42
N GLU A 183 -6.07 -26.01 26.57
CA GLU A 183 -7.23 -26.65 27.18
C GLU A 183 -8.49 -25.83 26.93
N PRO A 184 -9.66 -26.48 26.90
CA PRO A 184 -10.91 -25.74 26.65
C PRO A 184 -11.11 -24.66 27.69
N GLY A 185 -11.55 -23.49 27.23
CA GLY A 185 -11.77 -22.37 28.10
C GLY A 185 -10.52 -21.64 28.57
N ARG A 186 -9.33 -22.04 28.11
CA ARG A 186 -8.10 -21.43 28.58
C ARG A 186 -7.78 -20.17 27.78
N TRP A 187 -7.41 -19.13 28.51
CA TRP A 187 -6.76 -17.95 27.95
C TRP A 187 -5.28 -18.02 28.29
N ASP A 188 -4.44 -17.63 27.35
CA ASP A 188 -3.00 -17.57 27.58
C ASP A 188 -2.41 -16.56 26.61
N HIS A 189 -1.11 -16.31 26.77
CA HIS A 189 -0.43 -15.20 26.11
C HIS A 189 0.94 -15.66 25.65
N TRP A 190 1.16 -15.65 24.34
CA TRP A 190 2.47 -15.85 23.77
C TRP A 190 3.10 -14.47 23.54
N PRO A 191 4.18 -14.11 24.24
CA PRO A 191 5.02 -14.83 25.22
C PRO A 191 4.63 -14.63 26.68
N SER A 192 4.99 -15.59 27.53
CA SER A 192 4.71 -15.48 28.95
C SER A 192 5.62 -16.44 29.72
N GLY A 193 5.12 -17.11 30.73
CA GLY A 193 5.95 -17.98 31.55
C GLY A 193 6.04 -17.50 32.97
N PHE A 194 4.89 -17.27 33.60
CA PHE A 194 4.80 -16.79 34.98
C PHE A 194 3.40 -17.08 35.52
N LEU A 195 3.21 -16.87 36.81
CA LEU A 195 1.95 -17.15 37.46
C LEU A 195 1.66 -16.11 38.53
N PHE A 196 0.41 -16.06 38.98
CA PHE A 196 0.01 -15.08 39.99
C PHE A 196 -1.32 -15.47 40.62
N THR A 197 -1.60 -14.84 41.76
CA THR A 197 -2.87 -14.93 42.45
C THR A 197 -3.24 -13.52 42.93
N TRP A 198 -4.22 -13.43 43.84
CA TRP A 198 -4.70 -12.16 44.36
C TRP A 198 -4.78 -12.21 45.88
N PRO A 199 -4.49 -11.11 46.58
CA PRO A 199 -4.64 -11.10 48.04
C PRO A 199 -6.11 -11.09 48.43
N ASN A 200 -6.41 -11.68 49.58
CA ASN A 200 -7.75 -11.60 50.13
C ASN A 200 -8.16 -10.15 50.30
N GLU A 201 -9.47 -9.90 50.19
CA GLU A 201 -9.99 -8.54 50.24
C GLU A 201 -9.44 -7.77 51.44
N ASP A 202 -9.04 -6.51 51.19
CA ASP A 202 -8.74 -5.55 52.24
C ASP A 202 -7.75 -6.08 53.26
N SER A 203 -6.71 -6.76 52.78
CA SER A 203 -5.87 -7.52 53.70
C SER A 203 -4.38 -7.26 53.57
N ALA A 204 -3.91 -6.92 52.37
CA ALA A 204 -2.46 -6.80 52.18
C ALA A 204 -1.90 -5.65 52.99
N GLU A 205 -0.69 -5.86 53.51
CA GLU A 205 -0.05 -4.96 54.47
C GLU A 205 1.45 -4.86 54.20
N GLY A 206 2.02 -3.68 54.48
CA GLY A 206 3.45 -3.53 54.63
C GLY A 206 4.03 -2.51 53.66
N THR A 207 5.22 -2.80 53.18
CA THR A 207 6.02 -1.87 52.39
C THR A 207 6.54 -2.57 51.14
N LEU A 208 6.39 -1.92 49.99
CA LEU A 208 7.01 -2.35 48.75
C LEU A 208 7.89 -1.22 48.26
N VAL A 209 9.18 -1.48 48.13
CA VAL A 209 10.14 -0.48 47.69
C VAL A 209 10.52 -0.80 46.25
N LEU A 210 10.28 0.16 45.36
CA LEU A 210 10.85 0.10 44.02
C LEU A 210 12.28 0.61 44.13
N ASP A 211 13.24 -0.29 43.99
CA ASP A 211 14.66 0.04 44.05
C ASP A 211 15.11 0.65 42.72
N VAL A 212 16.30 1.26 42.75
CA VAL A 212 17.04 1.59 41.53
C VAL A 212 17.04 0.38 40.61
N GLY A 213 16.62 0.58 39.36
CA GLY A 213 16.57 -0.49 38.39
C GLY A 213 15.21 -1.17 38.27
N ASP A 214 14.31 -0.98 39.22
CA ASP A 214 13.00 -1.59 39.10
C ASP A 214 12.12 -0.79 38.13
N ILE A 215 10.99 -1.37 37.74
CA ILE A 215 10.25 -0.96 36.55
C ILE A 215 8.79 -0.71 36.88
N ILE A 216 8.23 0.36 36.31
CA ILE A 216 6.78 0.58 36.29
C ILE A 216 6.28 0.49 34.85
N LEU A 217 5.30 -0.44 34.62
CA LEU A 217 4.56 -0.55 33.38
C LEU A 217 3.18 0.06 33.56
N PRO A 218 2.74 0.98 32.70
CA PRO A 218 3.30 1.20 31.36
C PRO A 218 4.29 2.35 31.20
N PHE A 219 4.85 2.90 32.28
CA PHE A 219 5.85 3.97 32.12
C PHE A 219 7.05 3.48 31.34
N LYS A 220 7.48 2.24 31.58
CA LYS A 220 8.59 1.61 30.87
C LYS A 220 9.92 2.33 31.10
N ASN A 221 10.20 2.65 32.37
N ASN A 221 10.21 2.66 32.36
CA ASN A 221 11.47 3.22 32.78
CA ASN A 221 11.52 3.20 32.70
C ASN A 221 12.10 2.35 33.87
C ASN A 221 12.11 2.45 33.89
N TYR A 222 13.43 2.33 33.89
CA TYR A 222 14.16 1.83 35.05
C TYR A 222 14.25 2.95 36.09
N CYS A 223 13.75 2.72 37.30
CA CYS A 223 13.84 3.73 38.34
C CYS A 223 15.29 4.08 38.64
N ARG A 224 15.58 5.38 38.72
CA ARG A 224 16.89 5.88 39.09
C ARG A 224 16.96 6.33 40.54
N GLU A 225 15.81 6.44 41.21
CA GLU A 225 15.70 6.74 42.63
C GLU A 225 14.61 5.85 43.21
N ARG A 226 14.74 5.52 44.50
CA ARG A 226 13.79 4.63 45.16
C ARG A 226 12.40 5.25 45.26
N ILE A 227 11.38 4.41 45.11
CA ILE A 227 10.02 4.73 45.50
C ILE A 227 9.59 3.75 46.58
N THR A 228 9.02 4.28 47.66
CA THR A 228 8.50 3.48 48.76
C THR A 228 6.98 3.55 48.72
N LEU A 229 6.33 2.39 48.67
CA LEU A 229 4.88 2.31 48.73
C LEU A 229 4.49 1.69 50.08
N GLU A 230 3.65 2.40 50.84
CA GLU A 230 3.09 1.87 52.07
C GLU A 230 1.70 1.34 51.75
N ILE A 231 1.40 0.14 52.23
CA ILE A 231 0.12 -0.50 51.94
C ILE A 231 -0.55 -0.86 53.26
N GLU A 232 -1.85 -0.63 53.32
CA GLU A 232 -2.68 -0.89 54.49
C GLU A 232 -4.02 -1.38 54.01
N LYS A 233 -4.43 -2.55 54.50
CA LYS A 233 -5.73 -3.14 54.19
C LYS A 233 -5.96 -3.19 52.70
N GLY A 234 -4.92 -3.58 51.95
CA GLY A 234 -5.04 -3.83 50.52
C GLY A 234 -4.83 -2.64 49.63
N PHE A 235 -4.54 -1.46 50.17
CA PHE A 235 -4.46 -0.24 49.38
C PHE A 235 -3.15 0.48 49.64
N ILE A 236 -2.57 1.00 48.56
CA ILE A 236 -1.48 1.95 48.73
C ILE A 236 -2.03 3.19 49.42
N THR A 237 -1.39 3.57 50.53
CA THR A 237 -1.74 4.78 51.26
C THR A 237 -0.62 5.80 51.27
N GLY A 238 0.59 5.40 50.93
CA GLY A 238 1.69 6.34 50.82
C GLY A 238 2.58 6.02 49.64
N ILE A 239 2.94 7.04 48.87
CA ILE A 239 3.88 6.94 47.76
C ILE A 239 4.97 7.99 48.01
N HIS A 240 6.18 7.54 48.32
CA HIS A 240 7.22 8.45 48.78
C HIS A 240 8.52 8.22 48.02
N GLY A 241 9.20 9.31 47.70
CA GLY A 241 10.50 9.24 47.07
C GLY A 241 10.91 10.54 46.41
N GLY A 242 11.49 10.43 45.22
CA GLY A 242 11.93 11.58 44.46
C GLY A 242 11.06 11.87 43.26
N PHE A 243 11.71 12.09 42.10
CA PHE A 243 10.96 12.50 40.92
C PHE A 243 10.02 11.39 40.45
N GLU A 244 10.49 10.14 40.42
CA GLU A 244 9.66 9.04 39.97
C GLU A 244 8.42 8.91 40.84
N ALA A 245 8.55 9.14 42.15
CA ALA A 245 7.39 9.04 43.01
C ALA A 245 6.42 10.17 42.74
N GLU A 246 6.92 11.38 42.54
CA GLU A 246 6.05 12.49 42.18
C GLU A 246 5.37 12.24 40.84
N TYR A 247 6.11 11.68 39.89
CA TYR A 247 5.49 11.29 38.63
C TYR A 247 4.37 10.29 38.85
N LEU A 248 4.67 9.25 39.62
CA LEU A 248 3.68 8.20 39.91
C LEU A 248 2.47 8.78 40.63
N ARG A 249 2.69 9.65 41.62
CA ARG A 249 1.57 10.24 42.36
C ARG A 249 0.66 11.02 41.43
N ASP A 250 1.25 11.81 40.54
CA ASP A 250 0.49 12.62 39.61
C ASP A 250 -0.29 11.76 38.62
N TYR A 251 0.31 10.67 38.15
CA TYR A 251 -0.39 9.78 37.22
C TYR A 251 -1.61 9.14 37.87
N MET A 252 -1.45 8.63 39.08
CA MET A 252 -2.56 7.93 39.71
C MET A 252 -3.67 8.89 40.11
N LYS A 253 -3.34 10.12 40.53
CA LYS A 253 -4.38 11.07 40.90
C LYS A 253 -5.19 11.51 39.69
N TYR A 254 -4.57 11.50 38.51
CA TYR A 254 -5.26 11.94 37.29
C TYR A 254 -6.59 11.23 37.09
N PHE A 255 -6.67 9.98 37.51
CA PHE A 255 -7.90 9.21 37.31
C PHE A 255 -8.98 9.57 38.31
N ASN A 256 -8.63 10.29 39.37
CA ASN A 256 -9.60 10.80 40.35
C ASN A 256 -10.54 9.68 40.78
N ASP A 257 -9.94 8.68 41.42
CA ASP A 257 -10.65 7.45 41.79
C ASP A 257 -9.82 6.70 42.83
N PRO A 258 -10.33 6.58 44.06
CA PRO A 258 -9.55 5.89 45.12
C PRO A 258 -9.27 4.43 44.82
N GLU A 259 -9.95 3.83 43.84
CA GLU A 259 -9.76 2.42 43.53
C GLU A 259 -8.42 2.15 42.86
N VAL A 260 -7.75 3.17 42.33
CA VAL A 260 -6.48 2.92 41.63
C VAL A 260 -5.39 2.44 42.57
N TYR A 261 -5.51 2.68 43.87
CA TYR A 261 -4.48 2.35 44.84
C TYR A 261 -4.60 0.93 45.39
N GLY A 262 -5.64 0.19 45.01
CA GLY A 262 -5.77 -1.18 45.47
C GLY A 262 -4.76 -2.10 44.82
N ILE A 263 -4.11 -2.94 45.63
CA ILE A 263 -3.26 -3.99 45.08
C ILE A 263 -4.13 -5.06 44.41
N SER A 264 -3.78 -5.41 43.17
CA SER A 264 -4.44 -6.52 42.49
C SER A 264 -3.53 -7.75 42.50
N HIS A 265 -3.09 -8.23 41.34
CA HIS A 265 -2.45 -9.55 41.34
C HIS A 265 -0.98 -9.50 41.78
N ILE A 266 -0.51 -10.65 42.28
CA ILE A 266 0.81 -10.83 42.87
C ILE A 266 1.32 -12.23 42.53
N GLY A 267 2.60 -12.35 42.22
CA GLY A 267 3.14 -13.60 41.72
C GLY A 267 4.59 -13.40 41.35
N TRP A 268 5.16 -14.40 40.67
CA TRP A 268 6.58 -14.32 40.34
C TRP A 268 6.85 -14.92 38.97
N GLY A 269 8.00 -14.53 38.41
CA GLY A 269 8.35 -14.88 37.05
C GLY A 269 9.13 -16.17 36.95
N LEU A 270 8.88 -16.89 35.85
CA LEU A 270 9.53 -18.18 35.60
C LEU A 270 10.05 -18.28 34.17
N GLN A 271 10.27 -17.16 33.48
CA GLN A 271 10.67 -17.19 32.09
C GLN A 271 12.16 -16.83 31.98
N PRO A 272 13.06 -17.80 31.95
CA PRO A 272 14.48 -17.48 31.85
C PRO A 272 14.87 -16.86 30.51
N ARG A 273 14.03 -16.98 29.47
CA ARG A 273 14.34 -16.36 28.19
C ARG A 273 13.82 -14.93 28.08
N ALA A 274 13.01 -14.48 29.04
CA ALA A 274 12.73 -13.06 29.20
C ALA A 274 13.87 -12.41 29.96
N GLN A 275 14.07 -11.10 29.73
CA GLN A 275 15.25 -10.43 30.26
C GLN A 275 14.90 -9.06 30.80
N TRP A 276 15.29 -8.83 32.06
CA TRP A 276 15.13 -7.54 32.70
C TRP A 276 15.77 -6.41 31.90
N THR A 277 16.87 -6.70 31.17
CA THR A 277 17.51 -5.69 30.35
C THR A 277 16.79 -5.40 29.04
N ALA A 278 15.81 -6.23 28.63
CA ALA A 278 15.27 -6.09 27.28
C ALA A 278 14.56 -4.74 27.10
N MET A 279 13.85 -4.27 28.13
CA MET A 279 13.05 -3.06 27.98
C MET A 279 13.89 -1.90 27.46
N GLY A 280 15.14 -1.79 27.92
CA GLY A 280 15.97 -0.70 27.45
C GLY A 280 16.45 -0.82 26.02
N LEU A 281 16.15 -1.92 25.34
CA LEU A 281 16.50 -2.09 23.94
C LEU A 281 15.33 -1.81 23.01
N HIS A 282 14.18 -1.38 23.53
CA HIS A 282 12.95 -1.18 22.76
C HIS A 282 12.42 0.24 22.95
N ASP A 283 11.62 0.68 21.98
CA ASP A 283 10.86 1.91 22.12
C ASP A 283 9.51 1.59 22.76
N ARG A 284 8.85 2.63 23.26
CA ARG A 284 7.63 2.40 24.05
C ARG A 284 6.52 1.81 23.20
N ASN A 285 6.40 2.24 21.95
CA ASN A 285 5.27 1.77 21.16
C ASN A 285 5.52 0.40 20.52
N ASP A 286 6.66 -0.25 20.81
CA ASP A 286 6.91 -1.58 20.25
C ASP A 286 5.92 -2.62 20.78
N GLY A 287 5.42 -2.41 21.99
CA GLY A 287 4.56 -3.39 22.65
C GLY A 287 4.51 -3.10 24.13
N MET A 288 3.95 -4.06 24.87
CA MET A 288 3.73 -3.90 26.30
C MET A 288 4.90 -4.37 27.17
N CYS A 289 5.95 -4.92 26.59
CA CYS A 289 7.12 -5.41 27.36
C CYS A 289 6.72 -6.55 28.30
N MET A 290 6.44 -7.69 27.69
CA MET A 290 6.29 -8.92 28.45
C MET A 290 7.60 -9.35 29.09
N ASP A 291 8.75 -8.94 28.56
CA ASP A 291 10.03 -9.25 29.20
C ASP A 291 10.03 -8.78 30.66
N ALA A 292 9.47 -7.58 30.91
CA ALA A 292 9.48 -7.03 32.26
C ALA A 292 8.58 -7.83 33.19
N ARG A 293 7.46 -8.33 32.67
CA ARG A 293 6.48 -9.05 33.49
C ARG A 293 6.96 -10.46 33.83
N ALA A 294 7.65 -11.12 32.91
CA ALA A 294 7.86 -12.55 33.04
C ALA A 294 9.25 -12.97 33.51
N PHE A 295 10.22 -12.06 33.62
CA PHE A 295 11.60 -12.54 33.74
C PHE A 295 11.82 -13.32 35.04
N TYR A 296 12.63 -14.36 34.90
CA TYR A 296 12.85 -15.41 35.89
C TYR A 296 13.19 -14.83 37.26
N GLY A 297 12.34 -15.10 38.24
CA GLY A 297 12.65 -14.75 39.61
C GLY A 297 12.24 -13.36 40.05
N ASN A 298 11.50 -12.61 39.23
CA ASN A 298 11.03 -11.31 39.68
C ASN A 298 9.88 -11.49 40.67
N PHE A 299 9.54 -10.41 41.36
CA PHE A 299 8.25 -10.33 42.03
C PHE A 299 7.42 -9.29 41.29
N LEU A 300 6.24 -9.68 40.85
CA LEU A 300 5.38 -8.81 40.06
C LEU A 300 4.10 -8.54 40.84
N PHE A 301 3.82 -7.27 41.07
CA PHE A 301 2.54 -6.90 41.64
C PHE A 301 1.92 -5.83 40.77
N SER A 302 0.65 -5.56 41.06
CA SER A 302 -0.20 -4.80 40.17
C SER A 302 -1.17 -3.96 40.99
N THR A 303 -1.69 -2.90 40.37
CA THR A 303 -2.62 -1.98 41.00
C THR A 303 -3.85 -1.85 40.13
N GLY A 304 -4.97 -1.50 40.76
CA GLY A 304 -6.17 -1.13 40.03
C GLY A 304 -7.25 -2.18 40.01
N PRO A 305 -7.78 -2.47 38.82
CA PRO A 305 -8.97 -3.34 38.71
C PRO A 305 -8.68 -4.77 39.15
N ASN A 306 -9.71 -5.41 39.70
CA ASN A 306 -9.68 -6.84 40.01
C ASN A 306 -11.03 -7.49 39.73
N THR A 307 -11.89 -6.81 38.96
CA THR A 307 -13.17 -7.36 38.57
C THR A 307 -13.03 -8.67 37.81
N GLU A 308 -11.86 -8.93 37.20
CA GLU A 308 -11.67 -10.15 36.43
C GLU A 308 -11.71 -11.41 37.31
N VAL A 309 -11.51 -11.28 38.62
CA VAL A 309 -11.60 -12.42 39.55
C VAL A 309 -12.79 -12.28 40.48
N GLY A 310 -13.71 -11.36 40.18
CA GLY A 310 -14.84 -11.13 41.06
C GLY A 310 -14.57 -10.18 42.21
N GLY A 311 -13.50 -9.40 42.16
CA GLY A 311 -13.31 -8.33 43.10
C GLY A 311 -14.25 -7.16 42.79
N LYS A 312 -14.20 -6.16 43.66
CA LYS A 312 -15.12 -5.02 43.56
C LYS A 312 -14.66 -3.94 42.60
N ARG A 313 -13.38 -3.92 42.21
CA ARG A 313 -12.76 -2.75 41.60
C ARG A 313 -12.79 -2.84 40.08
N LYS A 314 -13.49 -1.90 39.44
CA LYS A 314 -13.57 -1.79 37.99
C LYS A 314 -12.67 -0.70 37.43
N THR A 315 -11.85 -0.06 38.26
CA THR A 315 -11.16 1.15 37.86
C THR A 315 -10.27 0.92 36.64
N PRO A 316 -10.16 1.91 35.72
CA PRO A 316 -9.34 1.72 34.51
C PRO A 316 -7.83 1.84 34.71
N CYS A 317 -7.38 2.56 35.73
CA CYS A 317 -5.94 2.82 35.90
C CYS A 317 -5.24 1.56 36.37
N HIS A 318 -4.14 1.20 35.68
CA HIS A 318 -3.59 -0.14 35.81
C HIS A 318 -2.07 -0.10 35.69
N LEU A 319 -1.38 -0.56 36.72
CA LEU A 319 0.07 -0.63 36.69
C LEU A 319 0.55 -2.05 36.94
N ASP A 320 1.57 -2.47 36.21
CA ASP A 320 2.30 -3.70 36.49
C ASP A 320 3.71 -3.32 36.90
N ILE A 321 4.15 -3.84 38.05
CA ILE A 321 5.43 -3.42 38.62
C ILE A 321 6.30 -4.61 39.02
N PRO A 322 7.32 -4.96 38.25
CA PRO A 322 8.26 -6.02 38.67
C PRO A 322 9.43 -5.51 39.51
N LEU A 323 9.78 -6.31 40.52
CA LEU A 323 10.87 -6.01 41.44
C LEU A 323 11.98 -7.04 41.32
N ARG A 324 13.24 -6.58 41.37
CA ARG A 324 14.40 -7.46 41.38
C ARG A 324 14.83 -7.80 42.82
N ASN A 325 15.63 -8.85 42.95
CA ASN A 325 16.39 -9.15 44.18
C ASN A 325 15.49 -9.43 45.38
N CYS A 326 14.26 -9.90 45.15
CA CYS A 326 13.32 -10.15 46.22
C CYS A 326 13.41 -11.58 46.75
N ASP A 327 13.06 -11.72 48.02
CA ASP A 327 12.74 -13.01 48.60
C ASP A 327 11.22 -13.11 48.65
N ILE A 328 10.69 -14.21 48.13
CA ILE A 328 9.26 -14.44 48.10
C ILE A 328 8.95 -15.72 48.85
N TYR A 329 7.98 -15.67 49.74
CA TYR A 329 7.63 -16.82 50.57
C TYR A 329 6.16 -17.18 50.36
N LEU A 330 5.91 -18.48 50.19
CA LEU A 330 4.57 -19.02 50.29
C LEU A 330 4.44 -19.63 51.69
N ASP A 331 3.55 -19.06 52.51
CA ASP A 331 3.53 -19.33 53.94
C ASP A 331 4.91 -19.05 54.51
N ASP A 332 5.63 -20.06 54.99
CA ASP A 332 6.97 -19.79 55.51
C ASP A 332 8.07 -20.48 54.71
N LYS A 333 7.78 -20.86 53.47
CA LYS A 333 8.76 -21.45 52.58
C LYS A 333 9.06 -20.50 51.42
N ALA A 334 10.33 -20.32 51.14
CA ALA A 334 10.74 -19.44 50.06
C ALA A 334 10.56 -20.14 48.71
N VAL A 335 10.02 -19.40 47.75
CA VAL A 335 10.00 -19.88 46.37
C VAL A 335 11.08 -19.11 45.59
N VAL A 336 11.40 -17.91 46.06
CA VAL A 336 12.45 -17.10 45.44
C VAL A 336 13.31 -16.48 46.54
N LEU A 337 14.62 -16.52 46.34
CA LEU A 337 15.60 -15.93 47.25
C LEU A 337 16.55 -15.03 46.46
N ALA A 338 16.54 -13.74 46.81
CA ALA A 338 17.38 -12.74 46.13
C ALA A 338 17.24 -12.82 44.61
N GLY A 339 16.00 -12.93 44.13
CA GLY A 339 15.74 -12.90 42.70
C GLY A 339 16.02 -14.18 41.96
N ASP A 340 16.30 -15.27 42.67
CA ASP A 340 16.51 -16.58 42.08
C ASP A 340 15.42 -17.54 42.54
N VAL A 341 14.85 -18.31 41.60
CA VAL A 341 13.84 -19.30 41.92
C VAL A 341 14.49 -20.49 42.64
N VAL A 342 13.94 -20.87 43.81
CA VAL A 342 14.48 -22.00 44.56
C VAL A 342 13.47 -23.13 44.73
N ALA A 343 12.16 -22.83 44.68
CA ALA A 343 11.16 -23.86 44.93
C ALA A 343 9.89 -23.56 44.14
N PRO A 344 9.17 -24.58 43.65
CA PRO A 344 9.57 -25.99 43.71
C PRO A 344 10.72 -26.27 42.77
N GLU A 345 11.50 -27.30 43.09
CA GLU A 345 12.64 -27.66 42.25
C GLU A 345 12.20 -27.87 40.80
N GLU A 346 11.04 -28.51 40.59
CA GLU A 346 10.55 -28.81 39.25
C GLU A 346 10.32 -27.54 38.44
N SER A 347 10.07 -26.42 39.11
CA SER A 347 9.79 -25.18 38.41
C SER A 347 11.05 -24.46 37.92
N ARG A 348 12.24 -24.93 38.30
CA ARG A 348 13.48 -24.21 38.03
C ARG A 348 14.00 -24.51 36.62
N ALA A 349 14.84 -23.61 36.12
CA ALA A 349 15.42 -23.79 34.79
C ALA A 349 16.88 -24.17 34.89
N PRO B 2 -11.88 -17.87 -6.84
CA PRO B 2 -10.50 -17.38 -6.87
C PRO B 2 -9.57 -18.16 -5.93
N VAL B 3 -8.26 -18.03 -6.14
CA VAL B 3 -7.26 -18.82 -5.42
C VAL B 3 -6.79 -18.01 -4.22
N SER B 4 -6.79 -18.62 -3.04
CA SER B 4 -6.25 -17.96 -1.86
C SER B 4 -4.74 -18.06 -1.81
N ASN B 5 -4.14 -17.19 -0.97
CA ASN B 5 -2.70 -17.22 -0.68
C ASN B 5 -2.24 -18.60 -0.19
N ALA B 6 -3.00 -19.22 0.69
CA ALA B 6 -2.61 -20.56 1.15
C ALA B 6 -2.63 -21.55 0.00
N GLN B 7 -3.67 -21.49 -0.85
CA GLN B 7 -3.72 -22.44 -1.95
C GLN B 7 -2.64 -22.13 -3.00
N LEU B 8 -2.35 -20.85 -3.24
CA LEU B 8 -1.30 -20.51 -4.20
C LEU B 8 0.07 -21.06 -3.76
N THR B 9 0.41 -20.94 -2.48
CA THR B 9 1.70 -21.44 -2.01
C THR B 9 1.78 -22.95 -2.13
N GLN B 10 0.68 -23.62 -1.79
CA GLN B 10 0.63 -25.06 -1.90
C GLN B 10 0.79 -25.50 -3.36
N MET B 11 0.24 -24.72 -4.30
CA MET B 11 0.41 -25.03 -5.70
C MET B 11 1.89 -24.94 -6.11
N PHE B 12 2.58 -23.89 -5.65
CA PHE B 12 4.00 -23.77 -5.97
C PHE B 12 4.82 -24.86 -5.30
N GLU B 13 4.47 -25.26 -4.08
CA GLU B 13 5.14 -26.41 -3.48
C GLU B 13 5.03 -27.63 -4.37
N HIS B 14 3.84 -27.88 -4.91
CA HIS B 14 3.63 -29.04 -5.76
C HIS B 14 4.47 -28.94 -7.03
N VAL B 15 4.47 -27.76 -7.67
CA VAL B 15 5.16 -27.61 -8.94
C VAL B 15 6.68 -27.58 -8.74
N LEU B 16 7.15 -26.94 -7.65
CA LEU B 16 8.58 -26.91 -7.39
C LEU B 16 9.13 -28.30 -7.02
N LYS B 17 8.37 -29.08 -6.24
CA LYS B 17 8.77 -30.45 -5.97
C LYS B 17 8.86 -31.25 -7.27
N LEU B 18 7.90 -31.07 -8.17
CA LEU B 18 7.96 -31.74 -9.47
C LEU B 18 9.19 -31.29 -10.26
N SER B 19 9.59 -30.03 -10.12
CA SER B 19 10.81 -29.51 -10.71
C SER B 19 12.06 -29.88 -9.90
N ARG B 20 11.94 -30.84 -8.99
CA ARG B 20 13.06 -31.40 -8.22
C ARG B 20 13.71 -30.36 -7.31
N VAL B 21 12.96 -29.41 -6.78
CA VAL B 21 13.47 -28.48 -5.77
C VAL B 21 13.43 -29.15 -4.41
N ASP B 22 14.56 -29.15 -3.71
CA ASP B 22 14.66 -29.72 -2.35
C ASP B 22 15.75 -28.97 -1.60
N GLU B 23 16.29 -29.60 -0.54
CA GLU B 23 17.21 -28.91 0.36
C GLU B 23 18.61 -28.76 -0.23
N THR B 24 18.94 -29.54 -1.23
CA THR B 24 20.19 -29.35 -1.93
C THR B 24 20.12 -28.23 -2.98
N GLN B 25 18.99 -27.56 -3.14
CA GLN B 25 18.79 -26.67 -4.28
C GLN B 25 18.68 -25.20 -3.87
N SER B 26 19.09 -24.31 -4.76
CA SER B 26 18.86 -22.88 -4.60
C SER B 26 17.90 -22.38 -5.66
N VAL B 27 16.98 -21.51 -5.27
CA VAL B 27 15.94 -21.00 -6.14
C VAL B 27 16.05 -19.47 -6.21
N ALA B 28 16.07 -18.94 -7.42
CA ALA B 28 15.97 -17.50 -7.63
C ALA B 28 14.60 -17.19 -8.23
N VAL B 29 13.94 -16.21 -7.65
CA VAL B 29 12.63 -15.78 -8.12
C VAL B 29 12.84 -14.44 -8.81
N LEU B 30 12.69 -14.45 -10.13
CA LEU B 30 12.97 -13.29 -10.95
C LEU B 30 11.68 -12.49 -11.15
N LYS B 31 11.76 -11.19 -10.92
CA LYS B 31 10.57 -10.35 -10.99
C LYS B 31 10.96 -8.95 -11.46
N SER B 32 9.93 -8.19 -11.87
CA SER B 32 10.06 -6.79 -12.22
C SER B 32 8.85 -6.09 -11.61
N HIS B 33 8.74 -4.77 -11.82
CA HIS B 33 7.69 -4.02 -11.11
C HIS B 33 6.27 -4.47 -11.47
N TYR B 34 6.08 -5.05 -12.64
CA TYR B 34 4.76 -5.50 -13.06
C TYR B 34 4.48 -6.95 -12.71
N SER B 35 5.35 -7.60 -11.95
CA SER B 35 5.12 -9.00 -11.60
C SER B 35 4.01 -9.10 -10.56
N ASP B 36 3.19 -10.15 -10.66
CA ASP B 36 2.13 -10.33 -9.66
C ASP B 36 2.75 -10.62 -8.30
N PRO B 37 2.58 -9.75 -7.30
CA PRO B 37 3.29 -9.96 -6.03
C PRO B 37 2.77 -11.13 -5.21
N ARG B 38 1.51 -11.54 -5.41
CA ARG B 38 1.06 -12.75 -4.72
C ARG B 38 1.79 -13.98 -5.27
N THR B 39 2.03 -14.02 -6.58
CA THR B 39 2.75 -15.16 -7.16
C THR B 39 4.22 -15.15 -6.74
N VAL B 40 4.87 -13.97 -6.75
CA VAL B 40 6.23 -13.84 -6.23
C VAL B 40 6.33 -14.39 -4.81
N ASN B 41 5.45 -13.92 -3.92
N ASN B 41 5.45 -13.92 -3.92
CA ASN B 41 5.52 -14.36 -2.53
CA ASN B 41 5.49 -14.34 -2.53
C ASN B 41 5.23 -15.85 -2.40
C ASN B 41 5.22 -15.84 -2.40
N ALA B 42 4.25 -16.35 -3.15
CA ALA B 42 3.93 -17.77 -3.07
C ALA B 42 5.12 -18.63 -3.48
N ALA B 43 5.89 -18.19 -4.48
CA ALA B 43 7.04 -18.97 -4.91
C ALA B 43 8.16 -18.89 -3.90
N MET B 44 8.41 -17.68 -3.38
CA MET B 44 9.38 -17.52 -2.31
C MET B 44 9.04 -18.45 -1.15
N GLU B 45 7.77 -18.40 -0.70
CA GLU B 45 7.34 -19.16 0.47
C GLU B 45 7.43 -20.65 0.22
N ALA B 46 6.88 -21.10 -0.91
CA ALA B 46 6.96 -22.51 -1.26
C ALA B 46 8.40 -23.01 -1.30
N ALA B 47 9.32 -22.21 -1.82
CA ALA B 47 10.69 -22.71 -1.96
C ALA B 47 11.36 -22.86 -0.59
N GLN B 48 11.10 -21.93 0.32
CA GLN B 48 11.60 -22.10 1.68
C GLN B 48 10.99 -23.31 2.36
N ARG B 49 9.69 -23.55 2.13
CA ARG B 49 9.08 -24.71 2.75
C ARG B 49 9.69 -26.02 2.24
N LEU B 50 10.14 -26.05 1.00
CA LEU B 50 10.84 -27.22 0.49
C LEU B 50 12.29 -27.33 0.99
N LYS B 51 12.72 -26.41 1.86
CA LYS B 51 14.04 -26.38 2.48
C LYS B 51 15.15 -25.92 1.54
N ALA B 52 14.79 -25.29 0.42
CA ALA B 52 15.79 -24.76 -0.49
C ALA B 52 16.27 -23.39 -0.02
N LYS B 53 17.46 -23.00 -0.48
CA LYS B 53 17.88 -21.60 -0.34
C LYS B 53 17.22 -20.73 -1.42
N VAL B 54 16.73 -19.56 -1.01
CA VAL B 54 15.94 -18.71 -1.91
C VAL B 54 16.45 -17.28 -1.86
N TYR B 55 16.22 -16.56 -2.96
CA TYR B 55 16.37 -15.11 -3.03
C TYR B 55 15.61 -14.63 -4.25
N ALA B 56 15.19 -13.38 -4.21
CA ALA B 56 14.53 -12.72 -5.33
C ALA B 56 15.53 -11.85 -6.08
N VAL B 57 15.37 -11.80 -7.40
CA VAL B 57 16.11 -10.88 -8.28
C VAL B 57 15.10 -9.96 -8.94
N GLU B 58 15.25 -8.66 -8.74
CA GLU B 58 14.39 -7.69 -9.40
C GLU B 58 15.18 -6.88 -10.41
N LEU B 59 14.71 -6.89 -11.66
CA LEU B 59 15.27 -6.14 -12.77
C LEU B 59 14.35 -4.97 -13.11
N PRO B 60 14.91 -3.81 -13.49
CA PRO B 60 14.08 -2.74 -14.04
C PRO B 60 13.34 -3.24 -15.28
N ALA B 61 12.11 -2.76 -15.46
CA ALA B 61 11.37 -3.10 -16.67
C ALA B 61 12.08 -2.55 -17.90
N PHE B 62 12.22 -3.39 -18.93
CA PHE B 62 12.76 -2.97 -20.22
C PHE B 62 11.60 -2.60 -21.17
N ASN B 63 11.69 -1.44 -21.82
CA ASN B 63 10.62 -0.99 -22.72
C ASN B 63 11.05 -0.99 -24.17
N HIS B 64 10.16 -1.50 -25.02
CA HIS B 64 10.30 -1.41 -26.47
C HIS B 64 9.41 -0.27 -26.97
N PRO B 65 9.98 0.88 -27.39
CA PRO B 65 9.15 2.05 -27.74
C PRO B 65 8.02 1.75 -28.73
N THR B 66 8.26 0.96 -29.77
CA THR B 66 7.27 0.77 -30.81
C THR B 66 6.26 -0.34 -30.52
N ALA B 67 6.44 -1.11 -29.43
CA ALA B 67 5.51 -2.19 -29.12
C ALA B 67 4.14 -1.64 -28.73
N MET B 68 3.08 -2.34 -29.13
CA MET B 68 1.73 -1.92 -28.77
C MET B 68 1.05 -2.96 -27.87
N GLY B 69 0.23 -2.47 -26.94
CA GLY B 69 -0.42 -3.31 -25.95
C GLY B 69 0.55 -3.81 -24.89
N ASN B 70 0.02 -4.61 -23.97
CA ASN B 70 0.77 -5.03 -22.79
C ASN B 70 1.14 -6.51 -22.79
N ASP B 71 0.89 -7.22 -23.88
CA ASP B 71 1.22 -8.63 -23.93
C ASP B 71 2.72 -8.78 -24.22
N MET B 72 3.44 -9.47 -23.33
CA MET B 72 4.89 -9.58 -23.46
C MET B 72 5.32 -10.47 -24.62
N THR B 73 4.43 -11.34 -25.12
CA THR B 73 4.79 -12.18 -26.25
C THR B 73 4.71 -11.46 -27.59
N ALA B 74 4.25 -10.21 -27.61
CA ALA B 74 3.99 -9.55 -28.88
C ALA B 74 5.24 -8.96 -29.52
N TYR B 75 6.23 -8.54 -28.74
CA TYR B 75 7.47 -7.92 -29.24
C TYR B 75 8.68 -8.67 -28.68
N CYS B 76 9.34 -9.42 -29.55
CA CYS B 76 10.53 -10.20 -29.18
C CYS B 76 11.79 -9.45 -29.61
N GLY B 77 12.22 -8.53 -28.75
CA GLY B 77 13.45 -7.83 -28.96
C GLY B 77 14.43 -8.06 -27.83
N ASP B 78 15.19 -7.04 -27.47
CA ASP B 78 16.02 -7.13 -26.28
C ASP B 78 15.12 -7.34 -25.06
N THR B 79 15.76 -7.75 -23.97
CA THR B 79 15.12 -7.87 -22.68
C THR B 79 15.97 -7.14 -21.65
N ALA B 80 15.46 -7.06 -20.42
CA ALA B 80 16.22 -6.47 -19.34
C ALA B 80 17.56 -7.15 -19.09
N LEU B 81 17.81 -8.34 -19.65
CA LEU B 81 19.11 -9.02 -19.50
C LEU B 81 20.13 -8.61 -20.55
N THR B 82 19.73 -7.96 -21.63
CA THR B 82 20.68 -7.58 -22.67
C THR B 82 21.74 -6.67 -22.07
N GLY B 83 23.01 -6.99 -22.35
CA GLY B 83 24.14 -6.23 -21.84
C GLY B 83 24.25 -6.19 -20.33
N ASN B 84 23.58 -7.09 -19.63
CA ASN B 84 23.56 -7.09 -18.18
C ASN B 84 24.08 -8.45 -17.68
N LEU B 85 25.39 -8.66 -17.84
CA LEU B 85 25.99 -9.93 -17.47
C LEU B 85 25.91 -10.20 -15.97
N ALA B 86 25.91 -9.15 -15.15
CA ALA B 86 25.89 -9.39 -13.71
C ALA B 86 24.55 -9.98 -13.29
N ALA B 87 23.45 -9.39 -13.77
CA ALA B 87 22.14 -9.94 -13.44
C ALA B 87 21.99 -11.36 -14.01
N GLN B 88 22.57 -11.62 -15.19
CA GLN B 88 22.53 -12.97 -15.73
C GLN B 88 23.28 -13.94 -14.82
N ARG B 89 24.43 -13.53 -14.28
CA ARG B 89 25.16 -14.40 -13.36
C ARG B 89 24.41 -14.61 -12.07
N ALA B 90 23.64 -13.59 -11.65
CA ALA B 90 22.80 -13.73 -10.46
C ALA B 90 21.78 -14.83 -10.65
N LEU B 91 21.32 -15.04 -11.88
CA LEU B 91 20.35 -16.10 -12.13
C LEU B 91 21.06 -17.43 -12.32
N GLU B 92 22.23 -17.45 -12.99
CA GLU B 92 22.96 -18.68 -13.23
C GLU B 92 23.45 -19.32 -11.94
N ALA B 93 23.51 -18.53 -10.85
CA ALA B 93 23.91 -19.02 -9.55
C ALA B 93 22.90 -19.98 -8.96
N ALA B 94 21.63 -19.85 -9.35
CA ALA B 94 20.59 -20.72 -8.80
C ALA B 94 20.50 -22.02 -9.60
N ASP B 95 19.97 -23.03 -8.93
CA ASP B 95 19.64 -24.27 -9.61
C ASP B 95 18.36 -24.11 -10.43
N LEU B 96 17.41 -23.36 -9.92
CA LEU B 96 16.15 -23.13 -10.61
C LEU B 96 15.79 -21.66 -10.51
N VAL B 97 15.31 -21.10 -11.62
CA VAL B 97 14.75 -19.75 -11.67
C VAL B 97 13.25 -19.86 -11.84
N VAL B 98 12.50 -19.17 -10.98
CA VAL B 98 11.07 -18.98 -11.19
C VAL B 98 10.92 -17.64 -11.86
N ASP B 99 10.59 -17.63 -13.14
CA ASP B 99 10.49 -16.40 -13.90
C ASP B 99 9.07 -15.86 -13.84
N THR B 100 8.86 -14.75 -13.13
CA THR B 100 7.56 -14.08 -13.10
C THR B 100 7.56 -12.75 -13.86
N MET B 101 8.57 -12.48 -14.69
CA MET B 101 8.56 -11.27 -15.50
C MET B 101 8.56 -11.53 -17.00
N MET B 102 8.80 -12.79 -17.39
CA MET B 102 8.90 -13.30 -18.76
C MET B 102 10.13 -12.80 -19.51
N LEU B 103 11.27 -13.44 -19.25
CA LEU B 103 12.42 -13.34 -20.14
C LEU B 103 12.05 -13.98 -21.46
N LEU B 104 12.09 -13.22 -22.52
CA LEU B 104 11.80 -13.84 -23.81
C LEU B 104 12.89 -14.84 -24.13
N HIS B 105 12.59 -15.72 -25.08
CA HIS B 105 13.61 -16.64 -25.55
C HIS B 105 14.70 -15.81 -26.22
N SER B 106 15.81 -15.65 -25.51
CA SER B 106 16.88 -14.72 -25.84
C SER B 106 18.20 -15.47 -25.77
N PRO B 107 19.29 -14.88 -26.29
CA PRO B 107 20.59 -15.55 -26.14
C PRO B 107 21.09 -15.56 -24.71
N GLU B 108 20.53 -14.71 -23.83
CA GLU B 108 20.88 -14.75 -22.42
C GLU B 108 20.14 -15.87 -21.70
N GLN B 109 18.85 -16.03 -21.99
CA GLN B 109 18.12 -17.19 -21.48
C GLN B 109 18.81 -18.49 -21.88
N GLU B 110 19.21 -18.60 -23.14
CA GLU B 110 19.84 -19.83 -23.62
C GLU B 110 21.15 -20.07 -22.88
N GLN B 111 21.90 -18.99 -22.60
CA GLN B 111 23.17 -19.17 -21.90
C GLN B 111 22.94 -19.62 -20.46
N ILE B 112 21.95 -19.06 -19.77
CA ILE B 112 21.61 -19.53 -18.44
C ILE B 112 21.26 -21.01 -18.46
N LEU B 113 20.41 -21.41 -19.41
CA LEU B 113 20.04 -22.81 -19.53
C LEU B 113 21.27 -23.69 -19.78
N LYS B 114 22.23 -23.19 -20.55
CA LYS B 114 23.38 -24.02 -20.87
C LYS B 114 24.31 -24.23 -19.68
N THR B 115 24.23 -23.41 -18.64
CA THR B 115 24.99 -23.71 -17.43
C THR B 115 24.39 -24.84 -16.59
N GLY B 116 23.19 -25.31 -16.93
CA GLY B 116 22.49 -26.32 -16.17
C GLY B 116 21.34 -25.79 -15.33
N THR B 117 21.34 -24.50 -15.01
CA THR B 117 20.16 -23.86 -14.41
C THR B 117 18.92 -24.21 -15.21
N ARG B 118 17.81 -24.41 -14.50
CA ARG B 118 16.53 -24.60 -15.14
C ARG B 118 15.62 -23.42 -14.82
N ILE B 119 14.69 -23.14 -15.73
CA ILE B 119 13.84 -21.95 -15.66
C ILE B 119 12.39 -22.40 -15.81
N LEU B 120 11.56 -22.01 -14.84
CA LEU B 120 10.12 -22.23 -14.89
C LEU B 120 9.45 -20.87 -15.08
N LEU B 121 8.77 -20.70 -16.22
CA LEU B 121 7.96 -19.52 -16.45
C LEU B 121 6.62 -19.66 -15.71
N ALA B 122 6.21 -18.60 -15.01
CA ALA B 122 4.93 -18.62 -14.26
C ALA B 122 4.40 -17.19 -14.18
N VAL B 123 3.55 -16.83 -15.14
CA VAL B 123 3.03 -15.47 -15.23
C VAL B 123 1.51 -15.40 -15.37
N GLU B 124 0.84 -16.49 -15.77
CA GLU B 124 -0.60 -16.49 -15.89
C GLU B 124 -1.27 -16.29 -14.52
N PRO B 125 -2.53 -15.84 -14.51
CA PRO B 125 -3.19 -15.55 -13.23
C PRO B 125 -3.32 -16.79 -12.38
N PRO B 126 -3.36 -16.63 -11.04
CA PRO B 126 -3.52 -17.81 -10.15
C PRO B 126 -4.62 -18.80 -10.53
N GLU B 127 -5.82 -18.33 -10.90
CA GLU B 127 -6.90 -19.26 -11.22
C GLU B 127 -6.57 -20.07 -12.47
N VAL B 128 -5.81 -19.47 -13.41
CA VAL B 128 -5.41 -20.23 -14.59
C VAL B 128 -4.34 -21.22 -14.21
N LEU B 129 -3.41 -20.80 -13.36
CA LEU B 129 -2.41 -21.72 -12.84
C LEU B 129 -3.07 -22.92 -12.16
N ALA B 130 -4.19 -22.69 -11.45
CA ALA B 130 -4.82 -23.78 -10.71
C ALA B 130 -5.61 -24.71 -11.62
N ARG B 131 -6.30 -24.16 -12.62
CA ARG B 131 -7.05 -25.00 -13.55
C ARG B 131 -6.13 -25.95 -14.33
N MET B 132 -4.89 -25.55 -14.56
CA MET B 132 -4.00 -26.43 -15.31
C MET B 132 -2.75 -26.78 -14.49
N LEU B 133 -2.96 -27.14 -13.23
CA LEU B 133 -1.87 -27.57 -12.36
C LEU B 133 -1.14 -28.75 -12.99
N PRO B 134 0.15 -28.64 -13.27
CA PRO B 134 0.85 -29.70 -14.00
C PRO B 134 0.83 -31.04 -13.26
N THR B 135 0.84 -32.13 -14.05
CA THR B 135 0.84 -33.50 -13.55
C THR B 135 1.91 -34.32 -14.26
N GLU B 136 2.38 -35.38 -13.60
CA GLU B 136 3.36 -36.26 -14.22
C GLU B 136 2.78 -36.95 -15.44
N ASP B 137 1.48 -37.23 -15.42
CA ASP B 137 0.86 -37.87 -16.58
C ASP B 137 0.90 -36.95 -17.80
N ASP B 138 0.67 -35.64 -17.61
CA ASP B 138 0.82 -34.70 -18.71
C ASP B 138 2.18 -34.84 -19.36
N LYS B 139 3.22 -34.89 -18.53
CA LYS B 139 4.58 -35.04 -19.05
C LYS B 139 4.70 -36.35 -19.83
N ARG B 140 4.17 -37.44 -19.28
CA ARG B 140 4.22 -38.72 -19.98
C ARG B 140 3.56 -38.62 -21.36
N ARG B 141 2.37 -38.01 -21.43
CA ARG B 141 1.66 -37.97 -22.71
C ARG B 141 2.42 -37.10 -23.71
N VAL B 142 2.95 -35.97 -23.25
CA VAL B 142 3.67 -35.05 -24.14
C VAL B 142 4.97 -35.68 -24.63
N LEU B 143 5.68 -36.40 -23.77
CA LEU B 143 6.88 -37.10 -24.21
C LEU B 143 6.55 -38.22 -25.19
N ALA B 144 5.40 -38.87 -25.03
CA ALA B 144 5.02 -39.89 -26.02
C ALA B 144 4.81 -39.25 -27.39
N ALA B 145 4.19 -38.06 -27.43
CA ALA B 145 4.05 -37.35 -28.70
C ALA B 145 5.41 -36.99 -29.26
N GLU B 146 6.33 -36.53 -28.40
CA GLU B 146 7.64 -36.09 -28.86
C GLU B 146 8.40 -37.21 -29.55
N THR B 147 8.25 -38.44 -29.07
CA THR B 147 8.90 -39.58 -29.71
C THR B 147 8.54 -39.65 -31.19
N LEU B 148 7.24 -39.61 -31.48
CA LEU B 148 6.76 -39.58 -32.85
C LEU B 148 7.32 -38.38 -33.60
N LEU B 149 7.23 -37.20 -33.00
CA LEU B 149 7.61 -35.97 -33.70
C LEU B 149 9.10 -35.96 -34.07
N LYS B 150 9.95 -36.45 -33.16
CA LYS B 150 11.41 -36.46 -33.39
C LYS B 150 11.80 -37.22 -34.64
N GLN B 151 10.98 -38.18 -35.08
CA GLN B 151 11.30 -39.03 -36.23
C GLN B 151 10.62 -38.59 -37.52
N ALA B 152 9.54 -37.82 -37.43
CA ALA B 152 8.87 -37.32 -38.62
C ALA B 152 9.85 -36.63 -39.56
N ARG B 153 9.67 -36.84 -40.86
CA ARG B 153 10.41 -36.04 -41.84
C ARG B 153 9.53 -35.04 -42.56
N SER B 154 8.21 -35.07 -42.33
CA SER B 154 7.36 -33.99 -42.78
C SER B 154 6.16 -33.88 -41.83
N LEU B 155 5.58 -32.68 -41.79
CA LEU B 155 4.30 -32.42 -41.14
C LEU B 155 3.36 -31.85 -42.18
N HIS B 156 2.10 -32.29 -42.14
CA HIS B 156 1.10 -31.80 -43.08
C HIS B 156 -0.20 -31.48 -42.33
N VAL B 157 -0.89 -30.42 -42.76
CA VAL B 157 -2.15 -30.01 -42.15
C VAL B 157 -3.19 -29.81 -43.26
N ARG B 158 -4.39 -30.35 -43.05
CA ARG B 158 -5.56 -30.06 -43.88
C ARG B 158 -6.79 -29.81 -43.01
N SER B 159 -7.72 -29.03 -43.55
CA SER B 159 -9.02 -28.88 -42.93
C SER B 159 -10.08 -28.60 -43.99
N LYS B 160 -11.34 -28.83 -43.60
CA LYS B 160 -12.47 -28.57 -44.50
C LYS B 160 -12.57 -27.10 -44.85
N ALA B 161 -12.18 -26.21 -43.93
CA ALA B 161 -12.17 -24.78 -44.23
C ALA B 161 -11.17 -24.42 -45.32
N GLY B 162 -10.30 -25.33 -45.71
CA GLY B 162 -9.39 -25.09 -46.83
C GLY B 162 -7.92 -25.10 -46.48
N SER B 163 -7.51 -25.39 -45.25
CA SER B 163 -6.08 -25.45 -44.99
C SER B 163 -5.49 -26.61 -45.77
N ASP B 164 -4.31 -26.40 -46.38
CA ASP B 164 -3.58 -27.45 -47.10
C ASP B 164 -2.10 -27.06 -47.03
N PHE B 165 -1.43 -27.50 -45.98
CA PHE B 165 -0.13 -26.96 -45.60
C PHE B 165 0.87 -28.09 -45.43
N HIS B 166 2.05 -27.94 -46.04
CA HIS B 166 3.11 -28.94 -46.00
C HIS B 166 4.38 -28.34 -45.42
N ALA B 167 5.04 -29.08 -44.53
CA ALA B 167 6.23 -28.60 -43.83
C ALA B 167 7.29 -29.69 -43.69
N PRO B 168 8.26 -29.74 -44.61
CA PRO B 168 9.39 -30.68 -44.43
C PRO B 168 10.13 -30.44 -43.12
N LEU B 169 10.54 -31.53 -42.48
CA LEU B 169 11.15 -31.51 -41.15
C LEU B 169 12.54 -32.14 -41.18
N GLY B 170 13.23 -31.99 -40.06
CA GLY B 170 14.49 -32.68 -39.84
C GLY B 170 15.63 -31.78 -39.41
N GLN B 171 15.63 -30.55 -39.92
CA GLN B 171 16.73 -29.62 -39.65
C GLN B 171 16.70 -29.04 -38.24
N TYR B 172 15.56 -29.08 -37.56
CA TYR B 172 15.43 -28.44 -36.26
C TYR B 172 14.82 -29.40 -35.27
N PRO B 173 15.17 -29.28 -33.99
CA PRO B 173 14.70 -30.27 -32.99
C PRO B 173 13.24 -30.05 -32.63
N ALA B 174 12.72 -30.99 -31.86
CA ALA B 174 11.40 -30.87 -31.24
C ALA B 174 11.55 -30.32 -29.84
N VAL B 175 10.58 -29.50 -29.42
CA VAL B 175 10.58 -28.88 -28.10
C VAL B 175 9.21 -29.08 -27.47
N THR B 176 9.20 -29.53 -26.23
CA THR B 176 7.98 -29.82 -25.50
C THR B 176 7.80 -28.78 -24.39
N GLU B 177 6.56 -28.67 -23.93
CA GLU B 177 6.23 -27.94 -22.71
C GLU B 177 5.17 -28.75 -21.98
N TYR B 178 5.47 -29.19 -20.76
CA TYR B 178 4.54 -30.00 -20.00
C TYR B 178 4.30 -29.50 -18.57
N GLY B 179 4.85 -28.35 -18.20
CA GLY B 179 4.40 -27.65 -17.01
C GLY B 179 5.41 -27.50 -15.89
N TYR B 180 6.51 -28.26 -15.89
CA TYR B 180 7.49 -28.09 -14.83
C TYR B 180 8.89 -28.31 -15.39
N ALA B 181 9.87 -27.84 -14.63
CA ALA B 181 11.27 -27.82 -15.07
C ALA B 181 12.10 -28.73 -14.17
N ASP B 182 11.99 -30.04 -14.41
CA ASP B 182 12.67 -31.07 -13.63
C ASP B 182 14.08 -31.40 -14.14
N GLU B 183 14.34 -31.23 -15.42
CA GLU B 183 15.64 -31.66 -15.96
C GLU B 183 16.62 -30.50 -16.02
N PRO B 184 17.91 -30.74 -15.78
CA PRO B 184 18.87 -29.64 -15.80
C PRO B 184 18.92 -28.99 -17.18
N GLY B 185 19.12 -27.68 -17.20
CA GLY B 185 19.14 -26.95 -18.44
C GLY B 185 17.81 -26.81 -19.15
N ARG B 186 16.71 -27.25 -18.55
CA ARG B 186 15.42 -27.26 -19.22
C ARG B 186 14.59 -26.03 -18.86
N TRP B 187 13.96 -25.45 -19.87
CA TRP B 187 12.96 -24.41 -19.71
C TRP B 187 11.57 -25.01 -19.91
N ASP B 188 10.61 -24.57 -19.10
CA ASP B 188 9.22 -24.98 -19.25
C ASP B 188 8.34 -23.88 -18.68
N HIS B 189 7.04 -24.02 -18.94
CA HIS B 189 6.07 -22.97 -18.65
C HIS B 189 4.89 -23.61 -17.95
N TRP B 190 4.57 -23.12 -16.76
CA TRP B 190 3.34 -23.49 -16.08
C TRP B 190 2.33 -22.39 -16.33
N PRO B 191 1.21 -22.64 -17.03
CA PRO B 191 0.69 -23.90 -17.59
C PRO B 191 1.06 -24.14 -19.04
N SER B 192 1.15 -25.42 -19.44
CA SER B 192 1.33 -25.79 -20.84
C SER B 192 0.72 -27.16 -21.10
N GLY B 193 1.42 -28.01 -21.84
CA GLY B 193 0.91 -29.29 -22.27
C GLY B 193 0.80 -29.38 -23.78
N PHE B 194 1.89 -29.12 -24.49
CA PHE B 194 1.89 -29.14 -25.95
C PHE B 194 3.34 -29.21 -26.43
N LEU B 195 3.51 -29.30 -27.74
CA LEU B 195 4.85 -29.51 -28.32
C LEU B 195 4.89 -28.92 -29.72
N PHE B 196 6.10 -28.76 -30.25
CA PHE B 196 6.26 -28.15 -31.57
C PHE B 196 7.68 -28.36 -32.08
N THR B 197 7.85 -28.15 -33.38
CA THR B 197 9.17 -28.10 -34.01
C THR B 197 9.18 -26.89 -34.95
N TRP B 198 10.13 -26.88 -35.90
CA TRP B 198 10.25 -25.82 -36.90
C TRP B 198 10.41 -26.45 -38.27
N PRO B 199 9.83 -25.87 -39.32
CA PRO B 199 10.05 -26.40 -40.67
C PRO B 199 11.47 -26.12 -41.12
N ASN B 200 11.95 -26.99 -42.01
CA ASN B 200 13.23 -26.73 -42.67
C ASN B 200 13.21 -25.38 -43.36
N GLU B 201 14.37 -24.75 -43.46
CA GLU B 201 14.39 -23.35 -43.85
C GLU B 201 13.93 -23.17 -45.29
N ASP B 202 13.12 -22.13 -45.51
CA ASP B 202 12.64 -21.73 -46.84
C ASP B 202 11.91 -22.89 -47.54
N SER B 203 11.16 -23.66 -46.77
CA SER B 203 10.60 -24.91 -47.27
C SER B 203 9.07 -24.99 -47.21
N ALA B 204 8.43 -24.35 -46.23
CA ALA B 204 7.01 -24.59 -46.00
C ALA B 204 6.18 -24.06 -47.17
N GLU B 205 5.10 -24.78 -47.49
CA GLU B 205 4.32 -24.54 -48.70
C GLU B 205 2.84 -24.71 -48.42
N GLY B 206 2.01 -23.89 -49.08
CA GLY B 206 0.60 -24.16 -49.25
C GLY B 206 -0.29 -23.10 -48.61
N THR B 207 -1.37 -23.56 -48.00
CA THR B 207 -2.44 -22.68 -47.57
C THR B 207 -2.83 -22.98 -46.14
N LEU B 208 -2.88 -21.94 -45.32
CA LEU B 208 -3.45 -22.04 -43.98
C LEU B 208 -4.63 -21.09 -43.88
N VAL B 209 -5.79 -21.64 -43.50
CA VAL B 209 -7.03 -20.89 -43.41
C VAL B 209 -7.41 -20.76 -41.94
N LEU B 210 -7.44 -19.52 -41.45
CA LEU B 210 -8.05 -19.24 -40.16
C LEU B 210 -9.55 -19.23 -40.36
N ASP B 211 -10.23 -20.24 -39.82
CA ASP B 211 -11.66 -20.36 -39.94
C ASP B 211 -12.36 -19.44 -38.96
N VAL B 212 -13.66 -19.25 -39.18
CA VAL B 212 -14.53 -18.64 -38.19
C VAL B 212 -14.27 -19.36 -36.87
N GLY B 213 -13.88 -18.61 -35.84
CA GLY B 213 -13.62 -19.17 -34.52
C GLY B 213 -12.16 -19.43 -34.22
N ASP B 214 -11.29 -19.43 -35.22
CA ASP B 214 -9.86 -19.54 -34.98
C ASP B 214 -9.31 -18.21 -34.45
N ILE B 215 -8.09 -18.26 -33.91
CA ILE B 215 -7.58 -17.24 -33.02
C ILE B 215 -6.21 -16.75 -33.49
N ILE B 216 -5.97 -15.44 -33.33
CA ILE B 216 -4.65 -14.83 -33.48
C ILE B 216 -4.21 -14.26 -32.13
N LEU B 217 -3.03 -14.68 -31.67
CA LEU B 217 -2.38 -14.08 -30.50
C LEU B 217 -1.23 -13.20 -30.96
N PRO B 218 -1.10 -11.98 -30.42
CA PRO B 218 -1.83 -11.50 -29.23
C PRO B 218 -3.13 -10.71 -29.46
N PHE B 219 -3.70 -10.71 -30.68
CA PHE B 219 -4.94 -9.99 -30.92
C PHE B 219 -6.01 -10.47 -29.94
N LYS B 220 -6.08 -11.78 -29.71
CA LYS B 220 -7.01 -12.40 -28.76
C LYS B 220 -8.48 -12.20 -29.17
N ASN B 221 -8.75 -12.39 -30.45
N ASN B 221 -8.78 -12.38 -30.45
CA ASN B 221 -10.11 -12.38 -30.97
CA ASN B 221 -10.17 -12.36 -30.88
C ASN B 221 -10.43 -13.74 -31.58
C ASN B 221 -10.47 -13.61 -31.69
N TYR B 222 -11.71 -14.10 -31.52
CA TYR B 222 -12.21 -15.17 -32.36
C TYR B 222 -12.54 -14.57 -33.73
N CYS B 223 -11.95 -15.15 -34.78
CA CYS B 223 -12.21 -14.69 -36.15
C CYS B 223 -13.69 -14.87 -36.46
N ARG B 224 -14.29 -13.81 -37.02
CA ARG B 224 -15.68 -13.84 -37.46
C ARG B 224 -15.79 -14.00 -38.96
N GLU B 225 -14.69 -13.85 -39.67
CA GLU B 225 -14.60 -14.12 -41.10
C GLU B 225 -13.27 -14.79 -41.37
N ARG B 226 -13.23 -15.64 -42.39
CA ARG B 226 -12.03 -16.40 -42.70
C ARG B 226 -10.87 -15.48 -43.09
N ILE B 227 -9.66 -15.90 -42.72
CA ILE B 227 -8.44 -15.33 -43.27
C ILE B 227 -7.70 -16.47 -43.96
N THR B 228 -7.29 -16.23 -45.21
CA THR B 228 -6.52 -17.19 -45.99
C THR B 228 -5.08 -16.71 -46.07
N LEU B 229 -4.15 -17.56 -45.62
CA LEU B 229 -2.73 -17.27 -45.70
C LEU B 229 -2.08 -18.19 -46.72
N GLU B 230 -1.41 -17.60 -47.70
CA GLU B 230 -0.68 -18.37 -48.70
C GLU B 230 0.80 -18.36 -48.32
N ILE B 231 1.43 -19.53 -48.36
CA ILE B 231 2.80 -19.73 -47.90
C ILE B 231 3.63 -20.31 -49.02
N GLU B 232 4.81 -19.74 -49.24
CA GLU B 232 5.73 -20.20 -50.27
C GLU B 232 7.15 -20.11 -49.73
N LYS B 233 7.88 -21.22 -49.83
CA LYS B 233 9.27 -21.29 -49.42
C LYS B 233 9.45 -20.67 -48.04
N GLY B 234 8.56 -21.04 -47.12
CA GLY B 234 8.64 -20.64 -45.73
C GLY B 234 8.02 -19.32 -45.37
N PHE B 235 7.48 -18.57 -46.32
CA PHE B 235 6.98 -17.24 -46.02
C PHE B 235 5.54 -17.05 -46.47
N ILE B 236 4.76 -16.38 -45.63
CA ILE B 236 3.45 -15.89 -46.05
C ILE B 236 3.63 -14.85 -47.15
N THR B 237 3.01 -15.10 -48.31
CA THR B 237 3.06 -14.14 -49.42
C THR B 237 1.73 -13.49 -49.72
N GLY B 238 0.62 -14.03 -49.23
CA GLY B 238 -0.68 -13.43 -49.40
C GLY B 238 -1.51 -13.55 -48.14
N ILE B 239 -2.14 -12.45 -47.74
CA ILE B 239 -3.08 -12.45 -46.62
C ILE B 239 -4.40 -11.94 -47.19
N HIS B 240 -5.38 -12.82 -47.31
CA HIS B 240 -6.63 -12.50 -48.00
C HIS B 240 -7.82 -12.80 -47.11
N GLY B 241 -8.83 -11.94 -47.20
CA GLY B 241 -10.03 -12.10 -46.43
C GLY B 241 -10.83 -10.81 -46.25
N GLY B 242 -11.47 -10.67 -45.10
CA GLY B 242 -12.27 -9.50 -44.83
C GLY B 242 -11.60 -8.54 -43.87
N PHE B 243 -12.34 -8.12 -42.83
CA PHE B 243 -11.79 -7.10 -41.93
C PHE B 243 -10.58 -7.63 -41.18
N GLU B 244 -10.70 -8.83 -40.60
CA GLU B 244 -9.62 -9.40 -39.80
C GLU B 244 -8.33 -9.48 -40.61
N ALA B 245 -8.45 -9.80 -41.91
CA ALA B 245 -7.26 -9.89 -42.75
C ALA B 245 -6.65 -8.50 -42.98
N GLU B 246 -7.49 -7.51 -43.26
CA GLU B 246 -6.96 -6.15 -43.40
C GLU B 246 -6.34 -5.70 -42.09
N TYR B 247 -6.93 -6.09 -40.96
CA TYR B 247 -6.32 -5.77 -39.68
C TYR B 247 -4.97 -6.45 -39.55
N LEU B 248 -4.93 -7.76 -39.82
CA LEU B 248 -3.69 -8.53 -39.78
C LEU B 248 -2.63 -7.92 -40.68
N ARG B 249 -3.00 -7.59 -41.92
CA ARG B 249 -2.04 -7.05 -42.88
C ARG B 249 -1.43 -5.76 -42.37
N ASP B 250 -2.27 -4.87 -41.86
CA ASP B 250 -1.80 -3.57 -41.40
C ASP B 250 -0.85 -3.73 -40.21
N TYR B 251 -1.15 -4.69 -39.33
CA TYR B 251 -0.32 -4.91 -38.15
C TYR B 251 1.06 -5.39 -38.54
N MET B 252 1.14 -6.40 -39.40
CA MET B 252 2.44 -6.95 -39.79
C MET B 252 3.23 -5.94 -40.61
N LYS B 253 2.57 -5.15 -41.47
CA LYS B 253 3.29 -4.15 -42.24
C LYS B 253 3.90 -3.09 -41.35
N TYR B 254 3.24 -2.77 -40.24
CA TYR B 254 3.73 -1.71 -39.34
C TYR B 254 5.19 -1.92 -38.94
N PHE B 255 5.63 -3.16 -38.85
CA PHE B 255 7.00 -3.43 -38.41
C PHE B 255 8.02 -3.16 -39.50
N ASN B 256 7.60 -3.10 -40.75
CA ASN B 256 8.46 -2.77 -41.88
C ASN B 256 9.72 -3.62 -41.88
N ASP B 257 9.49 -4.90 -42.15
CA ASP B 257 10.48 -5.97 -42.06
C ASP B 257 9.91 -7.21 -42.73
N PRO B 258 10.52 -7.68 -43.83
CA PRO B 258 10.02 -8.90 -44.49
C PRO B 258 10.15 -10.15 -43.63
N GLU B 259 10.90 -10.10 -42.53
CA GLU B 259 11.07 -11.27 -41.67
C GLU B 259 9.80 -11.63 -40.91
N VAL B 260 8.84 -10.70 -40.77
CA VAL B 260 7.66 -11.00 -39.94
C VAL B 260 6.82 -12.12 -40.56
N TYR B 261 6.87 -12.29 -41.88
CA TYR B 261 6.07 -13.29 -42.58
C TYR B 261 6.68 -14.67 -42.60
N GLY B 262 7.84 -14.87 -41.97
CA GLY B 262 8.43 -16.19 -41.92
C GLY B 262 7.65 -17.08 -40.95
N ILE B 263 7.33 -18.29 -41.40
CA ILE B 263 6.69 -19.26 -40.50
C ILE B 263 7.73 -19.76 -39.51
N SER B 264 7.40 -19.68 -38.22
CA SER B 264 8.30 -20.22 -37.21
C SER B 264 7.79 -21.58 -36.71
N HIS B 265 7.36 -21.69 -35.46
CA HIS B 265 7.10 -23.02 -34.92
C HIS B 265 5.70 -23.54 -35.26
N ILE B 266 5.59 -24.87 -35.32
CA ILE B 266 4.41 -25.62 -35.75
C ILE B 266 4.30 -26.87 -34.88
N GLY B 267 3.07 -27.21 -34.46
CA GLY B 267 2.90 -28.26 -33.48
C GLY B 267 1.44 -28.41 -33.13
N TRP B 268 1.15 -29.25 -32.14
CA TRP B 268 -0.25 -29.47 -31.77
C TRP B 268 -0.41 -29.52 -30.25
N GLY B 269 -1.64 -29.28 -29.82
CA GLY B 269 -1.95 -29.18 -28.41
C GLY B 269 -2.32 -30.52 -27.78
N LEU B 270 -1.97 -30.66 -26.50
CA LEU B 270 -2.17 -31.90 -25.78
C LEU B 270 -2.72 -31.67 -24.38
N GLN B 271 -3.26 -30.49 -24.10
CA GLN B 271 -3.71 -30.14 -22.77
C GLN B 271 -5.24 -30.17 -22.70
N PRO B 272 -5.85 -31.26 -22.23
CA PRO B 272 -7.31 -31.32 -22.19
C PRO B 272 -7.93 -30.35 -21.21
N ARG B 273 -7.17 -29.88 -20.21
CA ARG B 273 -7.71 -28.93 -19.26
C ARG B 273 -7.63 -27.49 -19.74
N ALA B 274 -7.00 -27.25 -20.88
CA ALA B 274 -7.09 -25.96 -21.55
C ALA B 274 -8.31 -25.98 -22.45
N GLN B 275 -8.91 -24.81 -22.64
CA GLN B 275 -10.19 -24.74 -23.34
C GLN B 275 -10.20 -23.63 -24.37
N TRP B 276 -10.63 -23.97 -25.58
CA TRP B 276 -10.73 -23.00 -26.67
C TRP B 276 -11.65 -21.84 -26.30
N THR B 277 -12.66 -22.09 -25.45
CA THR B 277 -13.61 -21.06 -25.06
C THR B 277 -13.07 -20.11 -24.01
N ALA B 278 -11.91 -20.41 -23.41
CA ALA B 278 -11.51 -19.66 -22.22
C ALA B 278 -11.17 -18.23 -22.58
N MET B 279 -10.59 -18.01 -23.76
CA MET B 279 -10.20 -16.66 -24.14
C MET B 279 -11.39 -15.71 -24.03
N GLY B 280 -12.59 -16.18 -24.37
CA GLY B 280 -13.76 -15.32 -24.32
C GLY B 280 -14.19 -14.91 -22.92
N LEU B 281 -13.59 -15.49 -21.89
CA LEU B 281 -13.95 -15.15 -20.53
C LEU B 281 -12.89 -14.30 -19.83
N HIS B 282 -11.91 -13.77 -20.58
CA HIS B 282 -10.82 -12.98 -20.02
C HIS B 282 -10.71 -11.63 -20.72
N ASP B 283 -10.14 -10.66 -20.01
CA ASP B 283 -9.71 -9.43 -20.63
C ASP B 283 -8.30 -9.60 -21.20
N ARG B 284 -7.89 -8.68 -22.08
CA ARG B 284 -6.62 -8.87 -22.78
C ARG B 284 -5.45 -8.77 -21.82
N ASN B 285 -5.54 -7.90 -20.82
CA ASN B 285 -4.43 -7.71 -19.92
C ASN B 285 -4.35 -8.75 -18.82
N ASP B 286 -5.25 -9.74 -18.81
CA ASP B 286 -5.16 -10.79 -17.81
C ASP B 286 -3.89 -11.61 -18.00
N GLY B 287 -3.54 -11.93 -19.24
CA GLY B 287 -2.33 -12.68 -19.52
C GLY B 287 -2.22 -12.95 -21.00
N MET B 288 -1.36 -13.89 -21.35
CA MET B 288 -1.10 -14.25 -22.74
C MET B 288 -2.02 -15.35 -23.27
N CYS B 289 -2.90 -15.90 -22.42
CA CYS B 289 -3.90 -16.89 -22.83
C CYS B 289 -3.23 -18.18 -23.31
N MET B 290 -2.61 -18.86 -22.35
CA MET B 290 -2.02 -20.17 -22.66
C MET B 290 -3.09 -21.18 -23.03
N ASP B 291 -4.35 -20.90 -22.67
CA ASP B 291 -5.47 -21.74 -23.07
C ASP B 291 -5.53 -21.90 -24.58
N ALA B 292 -5.45 -20.78 -25.30
CA ALA B 292 -5.54 -20.83 -26.75
C ALA B 292 -4.38 -21.59 -27.37
N ARG B 293 -3.20 -21.55 -26.74
CA ARG B 293 -2.03 -22.20 -27.33
C ARG B 293 -2.06 -23.71 -27.14
N ALA B 294 -2.56 -24.16 -26.00
CA ALA B 294 -2.33 -25.54 -25.57
C ALA B 294 -3.54 -26.46 -25.76
N PHE B 295 -4.70 -25.97 -26.18
CA PHE B 295 -5.89 -26.80 -26.03
C PHE B 295 -5.81 -28.05 -26.90
N TYR B 296 -6.34 -29.14 -26.37
CA TYR B 296 -6.17 -30.50 -26.89
C TYR B 296 -6.59 -30.57 -28.35
N GLY B 297 -5.67 -30.98 -29.21
CA GLY B 297 -6.00 -31.21 -30.60
C GLY B 297 -5.93 -30.01 -31.51
N ASN B 298 -5.41 -28.87 -31.03
CA ASN B 298 -5.26 -27.76 -31.96
C ASN B 298 -4.04 -27.98 -32.85
N PHE B 299 -3.99 -27.22 -33.94
CA PHE B 299 -2.75 -27.00 -34.66
C PHE B 299 -2.34 -25.54 -34.41
N LEU B 300 -1.12 -25.35 -33.91
CA LEU B 300 -0.62 -24.04 -33.52
C LEU B 300 0.61 -23.74 -34.38
N PHE B 301 0.54 -22.67 -35.15
CA PHE B 301 1.71 -22.22 -35.89
C PHE B 301 2.02 -20.79 -35.49
N SER B 302 3.18 -20.32 -35.91
CA SER B 302 3.69 -19.06 -35.43
C SER B 302 4.41 -18.33 -36.56
N THR B 303 4.65 -17.03 -36.34
CA THR B 303 5.32 -16.20 -37.34
C THR B 303 6.45 -15.41 -36.69
N GLY B 304 7.39 -14.99 -37.52
CA GLY B 304 8.44 -14.10 -37.05
C GLY B 304 9.71 -14.82 -36.66
N PRO B 305 10.26 -14.47 -35.50
CA PRO B 305 11.62 -14.90 -35.16
C PRO B 305 11.73 -16.41 -34.99
N ASN B 306 12.86 -16.94 -35.45
CA ASN B 306 13.26 -18.33 -35.20
C ASN B 306 14.71 -18.39 -34.72
N THR B 307 15.23 -17.26 -34.24
CA THR B 307 16.60 -17.20 -33.77
C THR B 307 16.84 -18.09 -32.55
N GLU B 308 15.79 -18.46 -31.80
CA GLU B 308 15.95 -19.30 -30.62
C GLU B 308 16.42 -20.71 -30.95
N VAL B 309 16.30 -21.17 -32.19
CA VAL B 309 16.80 -22.47 -32.60
C VAL B 309 17.89 -22.34 -33.67
N GLY B 310 18.53 -21.19 -33.74
CA GLY B 310 19.56 -20.98 -34.73
C GLY B 310 19.05 -20.69 -36.13
N GLY B 311 17.84 -20.15 -36.26
CA GLY B 311 17.39 -19.65 -37.54
C GLY B 311 17.87 -18.22 -37.80
N LYS B 312 17.58 -17.73 -39.01
CA LYS B 312 18.08 -16.43 -39.45
C LYS B 312 17.35 -15.25 -38.80
N ARG B 313 16.13 -15.43 -38.33
CA ARG B 313 15.20 -14.31 -38.17
C ARG B 313 15.19 -13.79 -36.73
N LYS B 314 15.65 -12.54 -36.58
CA LYS B 314 15.68 -11.82 -35.31
C LYS B 314 14.45 -10.95 -35.09
N THR B 315 13.49 -10.98 -36.02
CA THR B 315 12.48 -9.93 -36.07
C THR B 315 11.63 -9.93 -34.80
N PRO B 316 11.21 -8.76 -34.33
CA PRO B 316 10.44 -8.72 -33.07
C PRO B 316 8.96 -9.03 -33.23
N CYS B 317 8.40 -8.95 -34.44
CA CYS B 317 6.97 -9.15 -34.62
C CYS B 317 6.62 -10.63 -34.57
N HIS B 318 5.63 -10.97 -33.75
CA HIS B 318 5.45 -12.37 -33.40
C HIS B 318 3.98 -12.70 -33.17
N LEU B 319 3.50 -13.73 -33.87
CA LEU B 319 2.11 -14.17 -33.75
C LEU B 319 2.06 -15.66 -33.48
N ASP B 320 1.13 -16.04 -32.60
CA ASP B 320 0.77 -17.43 -32.39
C ASP B 320 -0.68 -17.59 -32.83
N ILE B 321 -0.93 -18.63 -33.62
CA ILE B 321 -2.24 -18.86 -34.22
C ILE B 321 -2.66 -20.32 -34.06
N PRO B 322 -3.58 -20.62 -33.13
CA PRO B 322 -4.14 -21.98 -33.07
C PRO B 322 -5.34 -22.14 -34.00
N LEU B 323 -5.37 -23.29 -34.69
CA LEU B 323 -6.44 -23.65 -35.61
C LEU B 323 -7.20 -24.86 -35.07
N ARG B 324 -8.52 -24.85 -35.23
CA ARG B 324 -9.38 -25.95 -34.81
C ARG B 324 -9.68 -26.91 -35.97
N ASN B 325 -10.18 -28.08 -35.61
CA ASN B 325 -10.77 -29.04 -36.56
C ASN B 325 -9.79 -29.50 -37.63
N CYS B 326 -8.50 -29.46 -37.35
CA CYS B 326 -7.53 -29.78 -38.39
C CYS B 326 -7.17 -31.27 -38.36
N ASP B 327 -6.71 -31.76 -39.50
CA ASP B 327 -6.02 -33.03 -39.58
C ASP B 327 -4.52 -32.75 -39.67
N ILE B 328 -3.75 -33.33 -38.77
CA ILE B 328 -2.31 -33.15 -38.76
C ILE B 328 -1.65 -34.50 -38.99
N TYR B 329 -0.74 -34.55 -39.94
CA TYR B 329 -0.06 -35.78 -40.31
C TYR B 329 1.43 -35.62 -40.05
N LEU B 330 2.00 -36.59 -39.35
CA LEU B 330 3.44 -36.80 -39.30
C LEU B 330 3.77 -37.81 -40.39
N ASP B 331 4.43 -37.34 -41.45
CA ASP B 331 4.63 -38.10 -42.68
C ASP B 331 3.25 -38.50 -43.20
N ASP B 332 2.88 -39.77 -43.26
CA ASP B 332 1.55 -40.17 -43.71
C ASP B 332 0.70 -40.75 -42.58
N LYS B 333 1.05 -40.50 -41.33
CA LYS B 333 0.27 -40.94 -40.19
C LYS B 333 -0.35 -39.74 -39.48
N ALA B 334 -1.68 -39.79 -39.31
CA ALA B 334 -2.39 -38.76 -38.59
C ALA B 334 -2.16 -38.88 -37.09
N VAL B 335 -1.80 -37.76 -36.47
CA VAL B 335 -1.82 -37.67 -35.01
C VAL B 335 -3.01 -36.87 -34.51
N VAL B 336 -3.61 -36.05 -35.36
CA VAL B 336 -4.87 -35.38 -35.07
C VAL B 336 -5.78 -35.53 -36.29
N LEU B 337 -7.05 -35.86 -36.03
CA LEU B 337 -8.08 -35.91 -37.06
C LEU B 337 -9.28 -35.09 -36.61
N ALA B 338 -9.68 -34.13 -37.45
CA ALA B 338 -10.80 -33.23 -37.16
C ALA B 338 -10.71 -32.63 -35.75
N GLY B 339 -9.49 -32.28 -35.34
CA GLY B 339 -9.29 -31.63 -34.05
C GLY B 339 -9.22 -32.56 -32.86
N ASP B 340 -9.14 -33.87 -33.06
CA ASP B 340 -9.01 -34.82 -31.97
C ASP B 340 -7.68 -35.55 -32.08
N VAL B 341 -6.98 -35.68 -30.95
CA VAL B 341 -5.74 -36.44 -30.91
C VAL B 341 -6.03 -37.91 -31.12
N VAL B 342 -5.28 -38.55 -32.03
CA VAL B 342 -5.50 -39.97 -32.32
C VAL B 342 -4.23 -40.79 -32.18
N ALA B 343 -3.06 -40.17 -32.38
CA ALA B 343 -1.81 -40.91 -32.26
C ALA B 343 -0.73 -39.98 -31.70
N PRO B 344 0.25 -40.54 -30.96
CA PRO B 344 0.32 -41.93 -30.46
C PRO B 344 -0.77 -42.19 -29.42
N GLU B 345 -1.10 -43.46 -29.21
CA GLU B 345 -2.16 -43.78 -28.26
C GLU B 345 -1.80 -43.30 -26.87
N GLU B 346 -0.53 -43.45 -26.48
CA GLU B 346 -0.05 -43.06 -25.15
C GLU B 346 -0.18 -41.56 -24.86
N SER B 347 -0.35 -40.71 -25.88
CA SER B 347 -0.46 -39.28 -25.64
C SER B 347 -1.89 -38.82 -25.41
N ARG B 348 -2.88 -39.70 -25.56
CA ARG B 348 -4.28 -39.31 -25.52
C ARG B 348 -4.81 -39.17 -24.10
N ALA B 349 -5.88 -38.39 -23.96
CA ALA B 349 -6.58 -38.20 -22.68
C ALA B 349 -8.00 -38.74 -22.76
N PRO C 2 -7.53 2.85 20.90
CA PRO C 2 -7.20 3.71 19.75
C PRO C 2 -8.43 4.23 18.97
N VAL C 3 -8.20 5.14 18.04
CA VAL C 3 -9.26 5.83 17.30
C VAL C 3 -9.45 5.17 15.94
N SER C 4 -10.68 4.77 15.63
CA SER C 4 -10.99 4.22 14.30
C SER C 4 -11.11 5.33 13.24
N ASN C 5 -11.08 4.91 11.97
CA ASN C 5 -11.23 5.87 10.88
C ASN C 5 -12.54 6.62 10.98
N ALA C 6 -13.62 5.92 11.32
CA ALA C 6 -14.92 6.56 11.40
C ALA C 6 -14.94 7.61 12.48
N GLN C 7 -14.36 7.31 13.65
CA GLN C 7 -14.37 8.29 14.72
C GLN C 7 -13.48 9.48 14.38
N LEU C 8 -12.34 9.22 13.73
CA LEU C 8 -11.45 10.31 13.35
C LEU C 8 -12.14 11.25 12.38
N THR C 9 -12.88 10.70 11.41
CA THR C 9 -13.69 11.55 10.53
C THR C 9 -14.76 12.31 11.32
N GLN C 10 -15.38 11.64 12.31
CA GLN C 10 -16.39 12.31 13.11
C GLN C 10 -15.78 13.45 13.94
N MET C 11 -14.55 13.24 14.42
CA MET C 11 -13.87 14.30 15.16
C MET C 11 -13.59 15.51 14.27
N PHE C 12 -13.18 15.28 13.03
CA PHE C 12 -12.93 16.41 12.15
C PHE C 12 -14.22 17.16 11.79
N GLU C 13 -15.33 16.43 11.64
CA GLU C 13 -16.60 17.12 11.41
C GLU C 13 -16.91 18.08 12.53
N HIS C 14 -16.70 17.62 13.77
CA HIS C 14 -16.98 18.46 14.94
C HIS C 14 -16.02 19.65 15.01
N VAL C 15 -14.75 19.44 14.68
CA VAL C 15 -13.78 20.53 14.81
C VAL C 15 -13.94 21.54 13.67
N LEU C 16 -14.19 21.06 12.45
CA LEU C 16 -14.41 21.94 11.30
C LEU C 16 -15.70 22.73 11.43
N LYS C 17 -16.72 22.13 12.06
CA LYS C 17 -17.95 22.86 12.33
C LYS C 17 -17.70 23.99 13.33
N LEU C 18 -16.99 23.68 14.42
CA LEU C 18 -16.54 24.74 15.32
C LEU C 18 -15.70 25.77 14.57
N SER C 19 -15.02 25.37 13.50
CA SER C 19 -14.25 26.31 12.70
C SER C 19 -15.09 26.95 11.61
N ARG C 20 -16.43 26.87 11.72
CA ARG C 20 -17.37 27.55 10.81
C ARG C 20 -17.19 27.11 9.36
N VAL C 21 -16.85 25.85 9.15
CA VAL C 21 -16.83 25.31 7.79
C VAL C 21 -18.24 24.86 7.44
N ASP C 22 -18.78 25.37 6.34
CA ASP C 22 -20.04 24.87 5.82
C ASP C 22 -19.99 24.95 4.30
N GLU C 23 -21.16 24.89 3.67
CA GLU C 23 -21.24 24.87 2.20
C GLU C 23 -20.74 26.17 1.58
N THR C 24 -20.66 27.25 2.33
CA THR C 24 -20.11 28.48 1.76
C THR C 24 -18.60 28.56 1.84
N GLN C 25 -17.93 27.60 2.49
CA GLN C 25 -16.52 27.73 2.75
C GLN C 25 -15.71 26.82 1.84
N SER C 26 -14.48 27.23 1.54
CA SER C 26 -13.52 26.38 0.87
C SER C 26 -12.41 25.99 1.84
N VAL C 27 -11.98 24.73 1.75
CA VAL C 27 -10.98 24.18 2.65
C VAL C 27 -9.85 23.59 1.82
N ALA C 28 -8.62 23.94 2.16
CA ALA C 28 -7.42 23.36 1.57
C ALA C 28 -6.74 22.51 2.64
N VAL C 29 -6.51 21.23 2.34
CA VAL C 29 -5.79 20.35 3.24
C VAL C 29 -4.34 20.32 2.75
N LEU C 30 -3.43 20.89 3.56
CA LEU C 30 -2.04 21.00 3.19
C LEU C 30 -1.26 19.82 3.76
N LYS C 31 -0.44 19.20 2.91
CA LYS C 31 0.23 17.96 3.31
C LYS C 31 1.57 17.84 2.60
N SER C 32 2.42 16.98 3.15
CA SER C 32 3.63 16.51 2.48
C SER C 32 3.71 15.01 2.71
N HIS C 33 4.80 14.37 2.26
CA HIS C 33 4.82 12.91 2.25
C HIS C 33 4.76 12.31 3.65
N TYR C 34 5.27 13.03 4.64
CA TYR C 34 5.31 12.58 6.03
C TYR C 34 4.06 12.94 6.83
N SER C 35 3.04 13.51 6.17
CA SER C 35 1.79 13.80 6.85
C SER C 35 1.07 12.50 7.21
N ASP C 36 0.40 12.49 8.35
CA ASP C 36 -0.34 11.28 8.70
C ASP C 36 -1.47 11.08 7.71
N PRO C 37 -1.45 10.02 6.89
CA PRO C 37 -2.47 9.89 5.84
C PRO C 37 -3.88 9.65 6.37
N ARG C 38 -4.03 9.01 7.55
CA ARG C 38 -5.36 8.85 8.12
C ARG C 38 -5.96 10.19 8.50
N THR C 39 -5.14 11.10 9.03
CA THR C 39 -5.64 12.43 9.40
C THR C 39 -5.92 13.26 8.16
N VAL C 40 -5.04 13.19 7.15
CA VAL C 40 -5.33 13.81 5.87
C VAL C 40 -6.68 13.35 5.34
N ASN C 41 -6.88 12.03 5.25
N ASN C 41 -6.88 12.03 5.25
CA ASN C 41 -8.11 11.51 4.68
CA ASN C 41 -8.11 11.50 4.68
C ASN C 41 -9.33 11.90 5.51
C ASN C 41 -9.32 11.89 5.50
N ALA C 42 -9.20 11.87 6.83
CA ALA C 42 -10.32 12.23 7.69
C ALA C 42 -10.75 13.68 7.47
N ALA C 43 -9.78 14.59 7.29
CA ALA C 43 -10.14 15.99 7.10
C ALA C 43 -10.78 16.21 5.73
N MET C 44 -10.25 15.57 4.70
CA MET C 44 -10.83 15.69 3.37
C MET C 44 -12.29 15.24 3.39
N GLU C 45 -12.54 14.08 3.99
CA GLU C 45 -13.89 13.51 4.00
C GLU C 45 -14.82 14.33 4.88
N ALA C 46 -14.36 14.78 6.05
CA ALA C 46 -15.21 15.58 6.90
C ALA C 46 -15.60 16.89 6.22
N ALA C 47 -14.64 17.52 5.54
CA ALA C 47 -14.95 18.76 4.85
C ALA C 47 -15.98 18.51 3.74
N GLN C 48 -15.85 17.38 3.03
CA GLN C 48 -16.85 17.02 2.03
C GLN C 48 -18.23 16.78 2.65
N ARG C 49 -18.28 16.08 3.78
CA ARG C 49 -19.58 15.82 4.39
C ARG C 49 -20.23 17.11 4.90
N LEU C 50 -19.43 18.12 5.26
CA LEU C 50 -19.99 19.43 5.54
C LEU C 50 -20.31 20.22 4.27
N LYS C 51 -20.09 19.62 3.09
CA LYS C 51 -20.39 20.21 1.78
C LYS C 51 -19.55 21.45 1.49
N ALA C 52 -18.44 21.61 2.20
CA ALA C 52 -17.46 22.60 1.79
C ALA C 52 -16.82 22.17 0.48
N LYS C 53 -16.26 23.15 -0.23
CA LYS C 53 -15.48 22.86 -1.43
C LYS C 53 -14.05 22.58 -0.99
N VAL C 54 -13.61 21.33 -1.20
CA VAL C 54 -12.40 20.79 -0.60
C VAL C 54 -11.36 20.50 -1.67
N TYR C 55 -10.09 20.71 -1.33
CA TYR C 55 -9.00 20.18 -2.15
C TYR C 55 -7.75 20.03 -1.27
N ALA C 56 -6.88 19.12 -1.68
CA ALA C 56 -5.59 18.93 -1.01
C ALA C 56 -4.50 19.66 -1.76
N VAL C 57 -3.54 20.21 -1.00
CA VAL C 57 -2.35 20.81 -1.56
C VAL C 57 -1.16 20.06 -0.99
N GLU C 58 -0.31 19.54 -1.87
CA GLU C 58 0.81 18.69 -1.45
C GLU C 58 2.10 19.33 -1.90
N LEU C 59 3.00 19.54 -0.96
CA LEU C 59 4.29 20.14 -1.22
C LEU C 59 5.38 19.09 -1.10
N PRO C 60 6.39 19.13 -1.95
CA PRO C 60 7.58 18.33 -1.69
C PRO C 60 8.19 18.73 -0.36
N ALA C 61 8.63 17.74 0.42
CA ALA C 61 9.24 18.02 1.70
C ALA C 61 10.49 18.88 1.52
N PHE C 62 10.75 19.75 2.51
CA PHE C 62 11.95 20.58 2.54
C PHE C 62 12.86 20.08 3.65
N ASN C 63 14.12 19.83 3.33
CA ASN C 63 15.08 19.38 4.32
C ASN C 63 16.11 20.46 4.59
N HIS C 64 16.27 20.79 5.86
CA HIS C 64 17.38 21.62 6.27
C HIS C 64 18.57 20.70 6.54
N PRO C 65 19.69 20.86 5.84
CA PRO C 65 20.84 19.98 6.06
C PRO C 65 21.23 19.83 7.53
N THR C 66 21.30 20.94 8.26
CA THR C 66 21.83 20.93 9.62
C THR C 66 20.82 20.48 10.67
N ALA C 67 19.54 20.33 10.32
CA ALA C 67 18.52 19.93 11.27
C ALA C 67 18.73 18.48 11.75
N MET C 68 18.38 18.24 13.03
CA MET C 68 18.58 16.94 13.67
C MET C 68 17.27 16.42 14.26
N GLY C 69 17.06 15.12 14.17
CA GLY C 69 15.83 14.54 14.67
C GLY C 69 14.62 14.92 13.82
N ASN C 70 13.46 14.42 14.24
CA ASN C 70 12.28 14.43 13.40
C ASN C 70 11.19 15.40 13.85
N ASP C 71 11.40 16.17 14.92
CA ASP C 71 10.35 17.04 15.41
C ASP C 71 10.15 18.24 14.48
N MET C 72 8.90 18.50 14.13
CA MET C 72 8.62 19.61 13.21
C MET C 72 9.08 20.95 13.75
N THR C 73 9.13 21.13 15.07
CA THR C 73 9.49 22.44 15.64
C THR C 73 10.99 22.62 15.79
N ALA C 74 11.79 21.66 15.36
CA ALA C 74 13.22 21.71 15.63
C ALA C 74 13.89 22.84 14.84
N TYR C 75 13.76 22.81 13.50
CA TYR C 75 14.34 23.81 12.61
C TYR C 75 13.24 24.73 12.08
N CYS C 76 13.11 25.90 12.70
CA CYS C 76 12.10 26.90 12.34
C CYS C 76 12.75 27.95 11.43
N GLY C 77 12.92 27.59 10.17
CA GLY C 77 13.47 28.51 9.20
C GLY C 77 12.67 28.53 7.92
N ASP C 78 13.31 28.17 6.81
CA ASP C 78 12.60 27.97 5.56
C ASP C 78 11.61 26.82 5.71
N THR C 79 10.57 26.83 4.89
CA THR C 79 9.61 25.73 4.84
C THR C 79 9.43 25.29 3.39
N ALA C 80 8.63 24.22 3.18
CA ALA C 80 8.31 23.79 1.83
C ALA C 80 7.61 24.87 1.01
N LEU C 81 7.08 25.92 1.67
CA LEU C 81 6.45 27.05 0.99
C LEU C 81 7.43 28.11 0.53
N THR C 82 8.62 28.16 1.14
CA THR C 82 9.57 29.24 0.90
C THR C 82 9.95 29.28 -0.57
N GLY C 83 9.76 30.45 -1.19
CA GLY C 83 10.03 30.64 -2.60
C GLY C 83 8.96 30.13 -3.55
N ASN C 84 8.01 29.32 -3.05
CA ASN C 84 6.94 28.78 -3.88
C ASN C 84 5.70 29.67 -3.72
N LEU C 85 5.68 30.75 -4.47
CA LEU C 85 4.60 31.72 -4.33
C LEU C 85 3.29 31.21 -4.94
N ALA C 86 3.38 30.36 -5.97
CA ALA C 86 2.16 29.77 -6.52
C ALA C 86 1.48 28.86 -5.51
N ALA C 87 2.26 28.06 -4.79
CA ALA C 87 1.65 27.24 -3.76
C ALA C 87 1.05 28.12 -2.67
N GLN C 88 1.72 29.22 -2.34
CA GLN C 88 1.19 30.12 -1.32
C GLN C 88 -0.17 30.65 -1.73
N ARG C 89 -0.29 31.08 -2.99
CA ARG C 89 -1.56 31.58 -3.50
C ARG C 89 -2.62 30.48 -3.50
N ALA C 90 -2.20 29.24 -3.83
CA ALA C 90 -3.14 28.12 -3.77
C ALA C 90 -3.76 28.02 -2.37
N LEU C 91 -2.96 28.22 -1.32
CA LEU C 91 -3.48 28.18 0.03
C LEU C 91 -4.31 29.42 0.36
N GLU C 92 -3.90 30.59 -0.15
CA GLU C 92 -4.64 31.82 0.13
C GLU C 92 -6.02 31.82 -0.53
N ALA C 93 -6.22 31.05 -1.60
CA ALA C 93 -7.55 30.96 -2.19
C ALA C 93 -8.57 30.34 -1.24
N ALA C 94 -8.14 29.59 -0.22
CA ALA C 94 -9.05 28.89 0.68
C ALA C 94 -9.53 29.79 1.82
N ASP C 95 -10.72 29.49 2.33
CA ASP C 95 -11.16 30.16 3.55
C ASP C 95 -10.46 29.57 4.77
N LEU C 96 -10.27 28.25 4.78
CA LEU C 96 -9.62 27.58 5.90
C LEU C 96 -8.60 26.60 5.35
N VAL C 97 -7.39 26.62 5.89
CA VAL C 97 -6.36 25.63 5.56
C VAL C 97 -6.25 24.68 6.73
N VAL C 98 -6.33 23.39 6.46
CA VAL C 98 -6.01 22.38 7.47
C VAL C 98 -4.55 22.01 7.26
N ASP C 99 -3.69 22.42 8.21
CA ASP C 99 -2.25 22.23 8.07
C ASP C 99 -1.85 20.93 8.79
N THR C 100 -1.49 19.92 8.00
CA THR C 100 -0.94 18.68 8.51
C THR C 100 0.56 18.54 8.26
N MET C 101 1.26 19.63 7.94
CA MET C 101 2.70 19.58 7.76
C MET C 101 3.47 20.59 8.60
N MET C 102 2.83 21.66 9.09
CA MET C 102 3.31 22.61 10.09
C MET C 102 4.09 23.78 9.50
N LEU C 103 3.40 24.91 9.30
CA LEU C 103 3.97 26.15 8.81
C LEU C 103 4.20 27.19 9.91
N LEU C 104 3.74 26.93 11.14
CA LEU C 104 3.89 27.91 12.21
C LEU C 104 5.35 28.30 12.39
N HIS C 105 5.57 29.57 12.75
CA HIS C 105 6.87 30.21 12.95
C HIS C 105 7.54 30.57 11.63
N SER C 106 6.77 30.73 10.56
CA SER C 106 7.33 31.06 9.25
C SER C 106 6.62 32.30 8.70
N PRO C 107 7.35 33.14 7.95
CA PRO C 107 6.72 34.38 7.45
C PRO C 107 5.54 34.13 6.53
N GLU C 108 5.62 33.08 5.71
CA GLU C 108 4.56 32.80 4.75
C GLU C 108 3.23 32.53 5.45
N GLN C 109 3.26 31.96 6.65
CA GLN C 109 2.02 31.75 7.40
C GLN C 109 1.35 33.08 7.73
N GLU C 110 2.12 34.06 8.21
CA GLU C 110 1.50 35.33 8.54
C GLU C 110 0.97 36.03 7.31
N GLN C 111 1.61 35.84 6.15
CA GLN C 111 1.09 36.46 4.93
C GLN C 111 -0.20 35.79 4.50
N ILE C 112 -0.30 34.47 4.63
CA ILE C 112 -1.54 33.79 4.28
C ILE C 112 -2.67 34.28 5.19
N LEU C 113 -2.37 34.41 6.49
CA LEU C 113 -3.36 34.94 7.43
C LEU C 113 -3.71 36.39 7.10
N LYS C 114 -2.76 37.15 6.53
CA LYS C 114 -3.02 38.52 6.12
C LYS C 114 -4.20 38.60 5.17
N THR C 115 -4.36 37.59 4.32
CA THR C 115 -5.40 37.63 3.30
C THR C 115 -6.80 37.29 3.82
N GLY C 116 -6.95 36.97 5.11
CA GLY C 116 -8.22 36.55 5.69
C GLY C 116 -8.38 35.04 5.82
N THR C 117 -7.52 34.26 5.20
CA THR C 117 -7.55 32.83 5.39
C THR C 117 -7.24 32.52 6.84
N ARG C 118 -7.98 31.57 7.42
CA ARG C 118 -7.64 31.04 8.73
C ARG C 118 -6.99 29.67 8.58
N ILE C 119 -6.21 29.27 9.58
CA ILE C 119 -5.42 28.05 9.50
C ILE C 119 -5.59 27.26 10.78
N LEU C 120 -5.87 25.96 10.64
CA LEU C 120 -5.92 25.01 11.75
C LEU C 120 -4.81 23.98 11.59
N LEU C 121 -3.84 24.01 12.50
CA LEU C 121 -2.80 22.99 12.53
C LEU C 121 -3.38 21.73 13.17
N ALA C 122 -3.05 20.57 12.58
CA ALA C 122 -3.55 19.29 13.12
C ALA C 122 -2.54 18.20 12.75
N VAL C 123 -1.63 17.88 13.69
CA VAL C 123 -0.47 17.04 13.39
C VAL C 123 -0.23 15.99 14.48
N GLU C 124 -0.87 16.15 15.65
CA GLU C 124 -0.68 15.20 16.75
C GLU C 124 -1.39 13.86 16.45
N PRO C 125 -0.99 12.77 17.11
CA PRO C 125 -1.62 11.48 16.83
C PRO C 125 -3.12 11.54 17.10
N PRO C 126 -3.90 10.75 16.35
CA PRO C 126 -5.37 10.74 16.55
C PRO C 126 -5.83 10.57 17.98
N GLU C 127 -5.20 9.70 18.77
CA GLU C 127 -5.63 9.48 20.15
C GLU C 127 -5.40 10.73 21.01
N VAL C 128 -4.34 11.48 20.71
CA VAL C 128 -4.12 12.75 21.39
C VAL C 128 -5.15 13.78 20.96
N LEU C 129 -5.46 13.82 19.65
CA LEU C 129 -6.53 14.67 19.15
C LEU C 129 -7.84 14.37 19.86
N ALA C 130 -8.13 13.09 20.11
CA ALA C 130 -9.37 12.73 20.77
C ALA C 130 -9.37 13.10 22.26
N ARG C 131 -8.23 12.95 22.94
CA ARG C 131 -8.18 13.28 24.37
C ARG C 131 -8.45 14.76 24.61
N MET C 132 -8.06 15.62 23.67
CA MET C 132 -8.21 17.07 23.81
C MET C 132 -9.06 17.62 22.67
N LEU C 133 -10.11 16.89 22.31
CA LEU C 133 -11.09 17.39 21.37
C LEU C 133 -11.56 18.78 21.80
N PRO C 134 -11.43 19.80 20.95
CA PRO C 134 -11.73 21.18 21.37
C PRO C 134 -13.19 21.38 21.79
N THR C 135 -13.39 22.33 22.69
CA THR C 135 -14.72 22.67 23.17
C THR C 135 -14.89 24.19 23.21
N GLU C 136 -16.14 24.62 23.16
CA GLU C 136 -16.40 26.05 23.23
C GLU C 136 -16.07 26.60 24.61
N ASP C 137 -16.28 25.80 25.66
CA ASP C 137 -15.93 26.24 26.99
C ASP C 137 -14.42 26.47 27.12
N ASP C 138 -13.60 25.65 26.45
CA ASP C 138 -12.16 25.93 26.39
C ASP C 138 -11.92 27.31 25.79
N LYS C 139 -12.60 27.63 24.69
CA LYS C 139 -12.46 28.98 24.12
C LYS C 139 -12.91 30.05 25.12
N ARG C 140 -14.00 29.82 25.83
CA ARG C 140 -14.47 30.84 26.77
C ARG C 140 -13.44 31.09 27.86
N ARG C 141 -12.84 30.03 28.40
CA ARG C 141 -11.89 30.21 29.49
C ARG C 141 -10.60 30.87 29.00
N VAL C 142 -10.14 30.50 27.80
CA VAL C 142 -8.90 31.06 27.29
C VAL C 142 -9.07 32.55 27.01
N LEU C 143 -10.24 32.94 26.47
CA LEU C 143 -10.49 34.35 26.17
C LEU C 143 -10.60 35.18 27.43
N ALA C 144 -11.12 34.62 28.52
CA ALA C 144 -11.15 35.37 29.77
C ALA C 144 -9.74 35.65 30.25
N ALA C 145 -8.85 34.66 30.11
CA ALA C 145 -7.44 34.89 30.41
C ALA C 145 -6.84 35.95 29.49
N GLU C 146 -7.16 35.88 28.19
CA GLU C 146 -6.62 36.84 27.25
C GLU C 146 -7.00 38.28 27.62
N THR C 147 -8.20 38.48 28.19
CA THR C 147 -8.60 39.81 28.64
C THR C 147 -7.58 40.41 29.59
N LEU C 148 -7.21 39.67 30.63
CA LEU C 148 -6.23 40.16 31.60
C LEU C 148 -4.86 40.38 30.96
N LEU C 149 -4.39 39.39 30.19
CA LEU C 149 -3.10 39.53 29.52
C LEU C 149 -3.07 40.79 28.67
N LYS C 150 -4.12 41.06 27.92
CA LYS C 150 -4.17 42.29 27.12
C LYS C 150 -4.08 43.55 27.97
N GLN C 151 -4.45 43.49 29.25
CA GLN C 151 -4.48 44.69 30.09
C GLN C 151 -3.18 44.92 30.86
N ALA C 152 -2.22 43.99 30.76
CA ALA C 152 -1.03 43.97 31.60
C ALA C 152 0.13 44.74 30.98
N ARG C 153 0.91 45.38 31.85
CA ARG C 153 2.16 46.02 31.46
C ARG C 153 3.39 45.16 31.75
N SER C 154 3.25 44.04 32.45
CA SER C 154 4.43 43.23 32.76
C SER C 154 3.97 41.86 33.20
N LEU C 155 4.86 40.88 33.03
CA LEU C 155 4.69 39.52 33.51
C LEU C 155 5.89 39.15 34.38
N HIS C 156 5.63 38.50 35.51
N HIS C 156 5.64 38.47 35.51
CA HIS C 156 6.68 38.05 36.43
CA HIS C 156 6.68 38.05 36.43
C HIS C 156 6.47 36.60 36.82
C HIS C 156 6.46 36.60 36.83
N VAL C 157 7.56 35.86 37.00
CA VAL C 157 7.51 34.46 37.38
C VAL C 157 8.43 34.26 38.58
N ARG C 158 7.92 33.58 39.61
CA ARG C 158 8.77 33.13 40.71
C ARG C 158 8.53 31.66 40.96
N SER C 159 9.52 30.97 41.50
CA SER C 159 9.31 29.60 41.93
C SER C 159 10.25 29.32 43.08
N LYS C 160 9.90 28.30 43.87
CA LYS C 160 10.76 27.96 44.99
C LYS C 160 12.11 27.43 44.53
N ALA C 161 12.20 26.91 43.31
CA ALA C 161 13.49 26.46 42.82
C ALA C 161 14.41 27.61 42.41
N GLY C 162 13.92 28.84 42.38
CA GLY C 162 14.78 29.99 42.14
C GLY C 162 14.42 30.80 40.91
N SER C 163 13.32 30.49 40.20
CA SER C 163 12.89 31.36 39.11
C SER C 163 12.58 32.75 39.69
N ASP C 164 13.06 33.80 39.01
CA ASP C 164 12.82 35.18 39.40
C ASP C 164 12.98 36.02 38.14
N PHE C 165 11.90 36.12 37.36
CA PHE C 165 11.97 36.52 35.96
C PHE C 165 10.93 37.61 35.72
N HIS C 166 11.35 38.67 35.02
N HIS C 166 11.34 38.67 35.00
CA HIS C 166 10.52 39.83 34.76
CA HIS C 166 10.52 39.84 34.77
C HIS C 166 10.49 40.12 33.28
C HIS C 166 10.49 40.16 33.29
N ALA C 167 9.31 40.41 32.75
CA ALA C 167 9.17 40.75 31.34
C ALA C 167 8.20 41.91 31.12
N PRO C 168 8.68 43.09 30.77
CA PRO C 168 7.78 44.17 30.35
C PRO C 168 6.97 43.75 29.13
N LEU C 169 5.73 44.22 29.08
CA LEU C 169 4.78 43.86 28.03
C LEU C 169 4.25 45.12 27.35
N GLY C 170 3.44 44.91 26.31
CA GLY C 170 2.85 46.03 25.58
C GLY C 170 3.22 46.03 24.11
N GLN C 171 4.50 45.84 23.80
CA GLN C 171 4.97 45.97 22.43
C GLN C 171 4.30 44.97 21.51
N TYR C 172 3.98 43.79 22.02
CA TYR C 172 3.50 42.68 21.21
C TYR C 172 2.12 42.23 21.66
N PRO C 173 1.31 41.71 20.74
CA PRO C 173 -0.05 41.32 21.08
C PRO C 173 -0.09 39.97 21.79
N ALA C 174 -1.26 39.67 22.34
CA ALA C 174 -1.51 38.40 22.96
C ALA C 174 -2.03 37.42 21.91
N VAL C 175 -1.58 36.17 22.00
CA VAL C 175 -1.97 35.11 21.09
C VAL C 175 -2.63 34.01 21.90
N THR C 176 -3.80 33.55 21.45
CA THR C 176 -4.58 32.51 22.10
C THR C 176 -4.59 31.25 21.25
N GLU C 177 -4.76 30.11 21.91
CA GLU C 177 -4.91 28.83 21.23
C GLU C 177 -5.95 28.04 22.01
N TYR C 178 -7.14 27.89 21.45
CA TYR C 178 -8.19 27.11 22.08
C TYR C 178 -8.62 25.92 21.22
N GLY C 179 -7.95 25.67 20.10
CA GLY C 179 -8.11 24.41 19.40
C GLY C 179 -8.91 24.45 18.11
N TYR C 180 -9.47 25.58 17.71
CA TYR C 180 -10.15 25.59 16.42
C TYR C 180 -10.03 26.97 15.78
N ALA C 181 -10.18 26.99 14.47
CA ALA C 181 -9.91 28.18 13.66
C ALA C 181 -11.24 28.74 13.14
N ASP C 182 -11.96 29.44 14.01
CA ASP C 182 -13.28 29.97 13.65
C ASP C 182 -13.24 31.39 13.09
N GLU C 183 -12.30 32.21 13.52
CA GLU C 183 -12.30 33.60 13.06
C GLU C 183 -11.39 33.76 11.85
N PRO C 184 -11.76 34.62 10.91
CA PRO C 184 -10.94 34.80 9.70
C PRO C 184 -9.57 35.38 10.04
N GLY C 185 -8.57 35.01 9.24
CA GLY C 185 -7.24 35.57 9.43
C GLY C 185 -6.53 35.13 10.69
N ARG C 186 -7.04 34.10 11.36
CA ARG C 186 -6.48 33.67 12.64
C ARG C 186 -6.03 32.21 12.53
N TRP C 187 -4.92 31.90 13.20
CA TRP C 187 -4.34 30.56 13.29
C TRP C 187 -4.65 29.96 14.65
N ASP C 188 -4.78 28.63 14.69
CA ASP C 188 -4.95 27.89 15.93
C ASP C 188 -4.46 26.46 15.70
N HIS C 189 -4.48 25.67 16.77
CA HIS C 189 -3.84 24.36 16.77
C HIS C 189 -4.74 23.41 17.55
N TRP C 190 -5.19 22.34 16.89
CA TRP C 190 -5.87 21.25 17.59
C TRP C 190 -4.85 20.17 17.89
N PRO C 191 -4.52 19.88 19.16
CA PRO C 191 -5.05 20.33 20.46
C PRO C 191 -4.30 21.53 21.04
N SER C 192 -4.99 22.33 21.86
CA SER C 192 -4.26 23.35 22.61
C SER C 192 -5.03 23.76 23.87
N GLY C 193 -5.17 25.05 24.12
CA GLY C 193 -5.80 25.50 25.35
C GLY C 193 -4.84 26.28 26.21
N PHE C 194 -4.23 27.32 25.66
CA PHE C 194 -3.24 28.13 26.39
C PHE C 194 -3.09 29.46 25.66
N LEU C 195 -2.28 30.36 26.23
CA LEU C 195 -2.15 31.69 25.65
C LEU C 195 -0.75 32.23 25.96
N PHE C 196 -0.30 33.17 25.12
CA PHE C 196 1.03 33.75 25.35
C PHE C 196 1.13 35.10 24.67
N THR C 197 2.21 35.81 24.99
CA THR C 197 2.64 37.00 24.27
C THR C 197 4.17 36.95 24.21
N TRP C 198 4.79 38.05 23.78
CA TRP C 198 6.25 38.21 23.74
C TRP C 198 6.64 39.38 24.62
N PRO C 199 7.82 39.35 25.26
CA PRO C 199 8.30 40.51 26.00
C PRO C 199 8.74 41.62 25.06
N ASN C 200 8.71 42.86 25.58
CA ASN C 200 9.28 43.98 24.84
C ASN C 200 10.73 43.67 24.45
N GLU C 201 11.16 44.21 23.32
CA GLU C 201 12.46 43.87 22.78
C GLU C 201 13.57 44.21 23.78
N ASP C 202 14.54 43.30 23.89
CA ASP C 202 15.74 43.54 24.67
C ASP C 202 15.42 43.89 26.13
N SER C 203 14.37 43.29 26.69
CA SER C 203 13.97 43.77 28.01
C SER C 203 13.77 42.70 29.09
N ALA C 204 13.48 41.45 28.73
CA ALA C 204 13.28 40.43 29.76
C ALA C 204 14.56 40.27 30.61
N GLU C 205 14.38 40.03 31.91
CA GLU C 205 15.47 40.06 32.89
C GLU C 205 15.21 39.04 34.01
N GLY C 206 16.29 38.49 34.55
CA GLY C 206 16.24 37.69 35.76
C GLY C 206 16.73 36.26 35.53
N THR C 207 16.06 35.31 36.21
CA THR C 207 16.49 33.92 36.22
C THR C 207 15.27 33.03 36.00
N LEU C 208 15.45 32.01 35.17
CA LEU C 208 14.48 30.95 35.04
C LEU C 208 15.21 29.65 35.34
N VAL C 209 14.67 28.89 36.29
CA VAL C 209 15.27 27.65 36.74
C VAL C 209 14.40 26.51 36.21
N LEU C 210 15.01 25.60 35.47
CA LEU C 210 14.33 24.35 35.15
C LEU C 210 14.53 23.44 36.34
N ASP C 211 13.46 23.14 37.04
CA ASP C 211 13.57 22.29 38.20
C ASP C 211 13.57 20.83 37.76
N VAL C 212 13.93 19.95 38.68
CA VAL C 212 13.70 18.52 38.47
C VAL C 212 12.28 18.30 37.99
N GLY C 213 12.13 17.51 36.93
CA GLY C 213 10.82 17.26 36.35
C GLY C 213 10.36 18.28 35.32
N ASP C 214 11.06 19.39 35.15
CA ASP C 214 10.67 20.31 34.09
C ASP C 214 11.19 19.79 32.74
N ILE C 215 10.69 20.38 31.65
CA ILE C 215 10.80 19.78 30.33
C ILE C 215 11.41 20.77 29.34
N ILE C 216 12.28 20.26 28.46
CA ILE C 216 12.73 20.99 27.28
C ILE C 216 12.19 20.30 26.04
N LEU C 217 11.46 21.05 25.21
CA LEU C 217 11.05 20.61 23.89
C LEU C 217 11.90 21.30 22.83
N PRO C 218 12.39 20.56 21.80
CA PRO C 218 11.99 19.20 21.46
C PRO C 218 12.81 18.03 22.08
N PHE C 219 13.68 18.26 23.07
CA PHE C 219 14.42 17.15 23.68
C PHE C 219 13.47 16.09 24.23
N LYS C 220 12.35 16.53 24.80
CA LYS C 220 11.34 15.64 25.34
C LYS C 220 11.88 14.78 26.50
N ASN C 221 12.55 15.44 27.43
N ASN C 221 12.59 15.42 27.44
CA ASN C 221 13.03 14.80 28.65
CA ASN C 221 13.03 14.71 28.64
C ASN C 221 12.47 15.52 29.87
C ASN C 221 12.65 15.48 29.90
N TYR C 222 12.24 14.75 30.92
CA TYR C 222 12.02 15.29 32.25
C TYR C 222 13.37 15.52 32.90
N CYS C 223 13.65 16.76 33.23
CA CYS C 223 14.92 17.15 33.83
C CYS C 223 15.19 16.31 35.08
N ARG C 224 16.36 15.67 35.18
CA ARG C 224 16.69 14.97 36.42
C ARG C 224 17.65 15.77 37.31
N GLU C 225 18.27 16.83 36.80
CA GLU C 225 18.94 17.81 37.64
C GLU C 225 18.57 19.19 37.12
N ARG C 226 18.91 20.21 37.90
CA ARG C 226 18.42 21.54 37.61
C ARG C 226 19.25 22.19 36.51
N ILE C 227 18.62 23.13 35.80
CA ILE C 227 19.33 24.02 34.89
C ILE C 227 18.90 25.44 35.25
N THR C 228 19.89 26.31 35.43
CA THR C 228 19.63 27.71 35.74
C THR C 228 19.90 28.54 34.49
N LEU C 229 18.90 29.28 34.03
CA LEU C 229 19.05 30.22 32.93
C LEU C 229 19.12 31.65 33.45
N GLU C 230 20.22 32.34 33.18
CA GLU C 230 20.37 33.74 33.52
C GLU C 230 20.05 34.56 32.28
N ILE C 231 19.18 35.56 32.45
CA ILE C 231 18.65 36.39 31.37
C ILE C 231 19.03 37.84 31.62
N GLU C 232 19.50 38.52 30.58
CA GLU C 232 19.76 39.96 30.64
C GLU C 232 19.34 40.57 29.33
N LYS C 233 18.58 41.66 29.41
CA LYS C 233 18.10 42.41 28.25
C LYS C 233 17.56 41.48 27.16
N GLY C 234 16.73 40.53 27.57
CA GLY C 234 16.01 39.70 26.63
C GLY C 234 16.73 38.47 26.12
N PHE C 235 17.96 38.21 26.56
CA PHE C 235 18.80 37.12 26.06
C PHE C 235 19.33 36.27 27.20
N ILE C 236 19.29 34.96 27.01
CA ILE C 236 20.04 34.05 27.87
C ILE C 236 21.53 34.36 27.76
N THR C 237 22.15 34.76 28.88
CA THR C 237 23.59 34.97 28.93
C THR C 237 24.33 33.86 29.66
N GLY C 238 23.63 32.95 30.33
CA GLY C 238 24.28 31.90 31.09
C GLY C 238 23.42 30.68 31.30
N ILE C 239 24.02 29.49 31.17
CA ILE C 239 23.32 28.22 31.31
C ILE C 239 24.17 27.35 32.22
N HIS C 240 23.66 27.02 33.41
CA HIS C 240 24.48 26.36 34.42
C HIS C 240 23.74 25.17 35.00
N GLY C 241 24.48 24.12 35.31
CA GLY C 241 23.91 22.94 35.96
C GLY C 241 24.78 21.72 35.72
N GLY C 242 24.13 20.57 35.63
CA GLY C 242 24.87 19.34 35.42
C GLY C 242 24.94 18.91 33.96
N PHE C 243 24.47 17.69 33.70
CA PHE C 243 24.58 17.13 32.37
C PHE C 243 23.53 17.72 31.43
N GLU C 244 22.29 17.83 31.90
CA GLU C 244 21.24 18.46 31.09
C GLU C 244 21.68 19.84 30.62
N ALA C 245 22.31 20.61 31.50
CA ALA C 245 22.83 21.92 31.12
C ALA C 245 23.95 21.81 30.07
N GLU C 246 24.88 20.86 30.23
CA GLU C 246 25.92 20.72 29.22
C GLU C 246 25.33 20.28 27.88
N TYR C 247 24.34 19.38 27.91
CA TYR C 247 23.63 19.00 26.68
C TYR C 247 22.96 20.22 26.05
N LEU C 248 22.26 21.01 26.85
CA LEU C 248 21.57 22.17 26.29
C LEU C 248 22.56 23.19 25.70
N ARG C 249 23.66 23.48 26.41
CA ARG C 249 24.64 24.42 25.86
C ARG C 249 25.17 23.93 24.51
N ASP C 250 25.51 22.64 24.42
CA ASP C 250 26.04 22.06 23.20
C ASP C 250 25.03 22.16 22.05
N TYR C 251 23.77 21.83 22.31
CA TYR C 251 22.74 21.94 21.29
C TYR C 251 22.61 23.36 20.77
N MET C 252 22.56 24.35 21.67
CA MET C 252 22.27 25.73 21.24
C MET C 252 23.45 26.34 20.49
N LYS C 253 24.69 26.10 20.95
CA LYS C 253 25.86 26.62 20.26
C LYS C 253 26.06 25.97 18.88
N TYR C 254 25.50 24.77 18.67
CA TYR C 254 25.65 24.07 17.40
C TYR C 254 25.20 24.92 16.22
N PHE C 255 24.14 25.68 16.42
CA PHE C 255 23.56 26.51 15.37
C PHE C 255 24.41 27.73 15.02
N ASN C 256 25.40 28.06 15.85
CA ASN C 256 26.36 29.12 15.56
C ASN C 256 25.65 30.43 15.18
N ASP C 257 24.75 30.87 16.07
CA ASP C 257 23.89 32.03 15.82
C ASP C 257 23.49 32.64 17.16
N PRO C 258 23.98 33.83 17.51
CA PRO C 258 23.70 34.38 18.85
C PRO C 258 22.22 34.58 19.13
N GLU C 259 21.39 34.60 18.10
CA GLU C 259 19.96 34.85 18.25
C GLU C 259 19.21 33.69 18.89
N VAL C 260 19.80 32.49 18.96
CA VAL C 260 19.09 31.38 19.58
C VAL C 260 18.88 31.63 21.07
N TYR C 261 19.62 32.56 21.67
CA TYR C 261 19.51 32.81 23.10
C TYR C 261 18.45 33.86 23.45
N GLY C 262 17.78 34.46 22.47
CA GLY C 262 16.77 35.44 22.78
C GLY C 262 15.51 34.78 23.32
N ILE C 263 14.88 35.43 24.29
CA ILE C 263 13.63 34.91 24.83
C ILE C 263 12.51 35.23 23.85
N SER C 264 11.68 34.22 23.54
CA SER C 264 10.58 34.51 22.64
C SER C 264 9.26 34.50 23.43
N HIS C 265 8.30 33.63 23.11
CA HIS C 265 6.98 33.81 23.72
C HIS C 265 6.93 33.26 25.15
N ILE C 266 6.07 33.88 25.97
CA ILE C 266 5.90 33.58 27.39
C ILE C 266 4.41 33.57 27.70
N GLY C 267 3.97 32.65 28.55
CA GLY C 267 2.55 32.54 28.84
C GLY C 267 2.27 31.39 29.78
N TRP C 268 0.99 31.00 29.89
CA TRP C 268 0.69 29.92 30.82
C TRP C 268 -0.38 28.99 30.24
N GLY C 269 -0.46 27.80 30.84
CA GLY C 269 -1.31 26.73 30.33
C GLY C 269 -2.69 26.70 30.97
N LEU C 270 -3.70 26.40 30.14
CA LEU C 270 -5.10 26.40 30.57
C LEU C 270 -5.82 25.13 30.17
N GLN C 271 -5.08 24.05 29.85
CA GLN C 271 -5.74 22.86 29.32
C GLN C 271 -5.67 21.74 30.36
N PRO C 272 -6.73 21.50 31.14
CA PRO C 272 -6.66 20.44 32.17
C PRO C 272 -6.73 19.05 31.59
N ARG C 273 -7.16 18.90 30.34
CA ARG C 273 -7.10 17.60 29.67
C ARG C 273 -5.71 17.30 29.12
N ALA C 274 -4.85 18.30 29.02
CA ALA C 274 -3.44 18.04 28.81
C ALA C 274 -2.79 17.68 30.14
N GLN C 275 -1.70 16.92 30.08
CA GLN C 275 -1.12 16.34 31.28
C GLN C 275 0.40 16.39 31.21
N TRP C 276 1.01 16.86 32.31
CA TRP C 276 2.46 16.91 32.42
C TRP C 276 3.08 15.52 32.34
N THR C 277 2.36 14.48 32.78
CA THR C 277 2.88 13.12 32.71
C THR C 277 2.80 12.48 31.33
N ALA C 278 2.05 13.07 30.39
CA ALA C 278 1.78 12.39 29.12
C ALA C 278 3.05 12.12 28.33
N MET C 279 3.97 13.09 28.31
CA MET C 279 5.21 12.94 27.54
C MET C 279 5.91 11.63 27.85
N GLY C 280 5.88 11.20 29.11
CA GLY C 280 6.54 9.98 29.53
C GLY C 280 5.92 8.71 29.00
N LEU C 281 4.76 8.79 28.37
CA LEU C 281 4.12 7.61 27.80
C LEU C 281 4.26 7.54 26.29
N HIS C 282 5.04 8.45 25.70
CA HIS C 282 5.19 8.56 24.26
C HIS C 282 6.64 8.38 23.84
N ASP C 283 6.82 7.97 22.59
CA ASP C 283 8.14 7.98 21.97
C ASP C 283 8.35 9.31 21.28
N ARG C 284 9.61 9.61 20.94
CA ARG C 284 9.97 10.94 20.44
C ARG C 284 9.32 11.24 19.10
N ASN C 285 9.18 10.23 18.24
CA ASN C 285 8.64 10.46 16.91
C ASN C 285 7.11 10.51 16.86
N ASP C 286 6.42 10.34 17.99
CA ASP C 286 4.96 10.34 17.99
C ASP C 286 4.39 11.68 17.56
N GLY C 287 5.01 12.78 17.98
CA GLY C 287 4.50 14.11 17.68
C GLY C 287 5.35 15.15 18.38
N MET C 288 4.80 16.35 18.52
CA MET C 288 5.56 17.42 19.17
C MET C 288 5.26 17.56 20.65
N CYS C 289 4.37 16.75 21.22
CA CYS C 289 4.01 16.78 22.63
C CYS C 289 3.33 18.10 23.03
N MET C 290 2.10 18.28 22.53
CA MET C 290 1.32 19.47 22.91
C MET C 290 0.84 19.41 24.37
N ASP C 291 0.80 18.22 24.99
CA ASP C 291 0.48 18.11 26.40
C ASP C 291 1.44 18.95 27.24
N ALA C 292 2.73 18.81 26.97
CA ALA C 292 3.75 19.56 27.70
C ALA C 292 3.55 21.06 27.53
N ARG C 293 3.12 21.51 26.35
CA ARG C 293 2.92 22.95 26.14
C ARG C 293 1.67 23.48 26.83
N ALA C 294 0.61 22.69 26.91
CA ALA C 294 -0.69 23.24 27.25
C ALA C 294 -1.12 23.00 28.69
N PHE C 295 -0.44 22.15 29.45
CA PHE C 295 -1.08 21.63 30.67
C PHE C 295 -1.35 22.73 31.70
N TYR C 296 -2.46 22.54 32.40
CA TYR C 296 -3.08 23.56 33.23
C TYR C 296 -2.10 24.08 34.27
N GLY C 297 -1.88 25.39 34.26
CA GLY C 297 -1.04 26.01 35.24
C GLY C 297 0.45 26.04 34.96
N ASN C 298 0.93 25.52 33.83
CA ASN C 298 2.37 25.64 33.58
C ASN C 298 2.75 27.10 33.29
N PHE C 299 4.03 27.42 33.44
CA PHE C 299 4.61 28.58 32.79
C PHE C 299 5.40 28.09 31.60
N LEU C 300 5.08 28.62 30.43
CA LEU C 300 5.76 28.24 29.18
C LEU C 300 6.54 29.44 28.67
N PHE C 301 7.85 29.31 28.57
CA PHE C 301 8.62 30.29 27.81
C PHE C 301 9.36 29.56 26.69
N SER C 302 9.96 30.35 25.83
CA SER C 302 10.48 29.84 24.58
C SER C 302 11.70 30.65 24.20
N THR C 303 12.51 30.09 23.32
CA THR C 303 13.74 30.74 22.88
C THR C 303 13.80 30.82 21.35
N GLY C 304 14.57 31.80 20.86
CA GLY C 304 14.90 31.84 19.47
C GLY C 304 14.12 32.86 18.67
N PRO C 305 13.32 32.40 17.72
CA PRO C 305 12.72 33.30 16.74
C PRO C 305 11.50 34.05 17.27
N ASN C 306 11.39 35.30 16.84
CA ASN C 306 10.24 36.13 17.15
C ASN C 306 9.77 36.85 15.89
N THR C 307 10.16 36.32 14.73
CA THR C 307 9.89 36.99 13.47
C THR C 307 8.40 37.05 13.17
N GLU C 308 7.64 36.05 13.64
CA GLU C 308 6.22 35.93 13.32
C GLU C 308 5.35 37.05 13.91
N VAL C 309 5.87 37.85 14.83
CA VAL C 309 5.16 39.03 15.31
C VAL C 309 6.02 40.25 15.00
N GLY C 310 6.83 40.15 13.94
CA GLY C 310 7.66 41.25 13.50
C GLY C 310 8.82 41.57 14.42
N GLY C 311 9.49 40.55 14.96
CA GLY C 311 10.66 40.75 15.77
C GLY C 311 11.94 40.70 14.93
N LYS C 312 13.07 40.89 15.62
CA LYS C 312 14.38 40.96 14.98
C LYS C 312 14.86 39.60 14.45
N ARG C 313 14.40 38.49 15.01
CA ARG C 313 15.16 37.25 14.98
C ARG C 313 14.49 36.17 14.13
N LYS C 314 15.20 35.72 13.10
CA LYS C 314 14.74 34.68 12.19
C LYS C 314 15.39 33.32 12.45
N THR C 315 16.17 33.19 13.54
CA THR C 315 17.02 32.03 13.77
C THR C 315 16.22 30.72 13.82
N PRO C 316 16.82 29.61 13.39
CA PRO C 316 16.08 28.35 13.34
C PRO C 316 15.96 27.62 14.67
N CYS C 317 16.93 27.77 15.57
CA CYS C 317 16.93 27.00 16.80
C CYS C 317 15.82 27.47 17.72
N HIS C 318 14.94 26.56 18.09
CA HIS C 318 13.75 26.96 18.80
C HIS C 318 13.39 25.96 19.90
N LEU C 319 13.24 26.44 21.14
CA LEU C 319 12.95 25.60 22.29
C LEU C 319 11.68 26.07 23.01
N ASP C 320 10.85 25.09 23.43
CA ASP C 320 9.68 25.32 24.27
C ASP C 320 9.90 24.67 25.61
N ILE C 321 9.86 25.46 26.69
CA ILE C 321 10.21 24.96 28.03
C ILE C 321 9.07 25.23 29.02
N PRO C 322 8.27 24.21 29.38
CA PRO C 322 7.28 24.41 30.46
C PRO C 322 7.83 24.16 31.86
N LEU C 323 7.46 25.04 32.77
CA LEU C 323 7.87 24.98 34.17
C LEU C 323 6.65 24.72 35.04
N ARG C 324 6.80 23.80 36.01
CA ARG C 324 5.78 23.50 37.00
C ARG C 324 5.95 24.35 38.24
N ASN C 325 4.90 24.38 39.06
CA ASN C 325 4.98 24.91 40.41
C ASN C 325 5.26 26.41 40.46
N CYS C 326 4.90 27.15 39.43
CA CYS C 326 5.32 28.55 39.37
C CYS C 326 4.24 29.47 39.92
N ASP C 327 4.67 30.63 40.40
CA ASP C 327 3.80 31.79 40.59
C ASP C 327 3.98 32.70 39.38
N ILE C 328 2.86 33.06 38.75
CA ILE C 328 2.85 33.89 37.53
C ILE C 328 2.00 35.11 37.81
N TYR C 329 2.59 36.30 37.66
CA TYR C 329 1.93 37.57 37.91
C TYR C 329 1.81 38.40 36.65
N LEU C 330 0.66 39.08 36.51
CA LEU C 330 0.48 40.15 35.54
C LEU C 330 0.48 41.44 36.35
N ASP C 331 1.54 42.25 36.21
CA ASP C 331 1.77 43.41 37.06
C ASP C 331 1.78 42.89 38.50
N ASP C 332 0.90 43.35 39.39
CA ASP C 332 0.93 42.92 40.78
C ASP C 332 -0.02 41.76 41.09
N LYS C 333 -0.83 41.33 40.13
CA LYS C 333 -1.88 40.33 40.37
C LYS C 333 -1.44 38.95 39.86
N ALA C 334 -1.68 37.93 40.68
CA ALA C 334 -1.28 36.57 40.30
C ALA C 334 -2.37 35.94 39.44
N VAL C 335 -1.95 35.30 38.36
CA VAL C 335 -2.88 34.49 37.58
C VAL C 335 -2.70 33.01 37.89
N VAL C 336 -1.52 32.60 38.36
CA VAL C 336 -1.19 31.23 38.74
C VAL C 336 -0.35 31.27 40.01
N LEU C 337 -0.67 30.40 40.97
CA LEU C 337 0.07 30.30 42.22
C LEU C 337 0.40 28.83 42.45
N ALA C 338 1.69 28.54 42.64
CA ALA C 338 2.16 27.18 42.84
C ALA C 338 1.62 26.25 41.75
N GLY C 339 1.59 26.74 40.51
CA GLY C 339 1.15 25.89 39.42
C GLY C 339 -0.34 25.73 39.26
N ASP C 340 -1.14 26.41 40.10
CA ASP C 340 -2.59 26.36 40.00
C ASP C 340 -3.11 27.68 39.45
N VAL C 341 -4.03 27.61 38.48
CA VAL C 341 -4.65 28.82 37.94
C VAL C 341 -5.56 29.43 38.99
N VAL C 342 -5.33 30.70 39.33
CA VAL C 342 -6.15 31.38 40.32
C VAL C 342 -6.92 32.57 39.77
N ALA C 343 -6.59 33.09 38.59
CA ALA C 343 -7.29 34.27 38.10
C ALA C 343 -7.07 34.42 36.61
N PRO C 344 -8.07 34.90 35.85
CA PRO C 344 -9.41 35.22 36.35
C PRO C 344 -10.21 33.95 36.67
N GLU C 345 -11.23 34.10 37.51
CA GLU C 345 -12.06 32.98 37.92
C GLU C 345 -12.67 32.25 36.73
N GLU C 346 -13.18 33.02 35.75
CA GLU C 346 -13.83 32.48 34.56
C GLU C 346 -12.88 31.70 33.64
N SER C 347 -11.57 31.73 33.91
CA SER C 347 -10.64 30.93 33.13
C SER C 347 -10.39 29.57 33.76
N ARG C 348 -10.88 29.32 34.96
CA ARG C 348 -10.53 28.11 35.67
C ARG C 348 -11.39 26.93 35.20
N ALA C 349 -10.83 25.74 35.35
CA ALA C 349 -11.53 24.51 35.00
C ALA C 349 -12.36 24.00 36.18
N ARG C 350 -13.43 23.28 35.87
CA ARG C 350 -14.29 22.71 36.90
C ARG C 350 -13.66 21.50 37.57
N PRO D 2 7.55 -3.03 -20.79
CA PRO D 2 6.90 -1.93 -20.04
C PRO D 2 7.91 -0.86 -19.56
N VAL D 3 7.40 0.24 -18.99
CA VAL D 3 8.22 1.39 -18.62
C VAL D 3 8.52 1.35 -17.14
N SER D 4 9.81 1.42 -16.79
CA SER D 4 10.20 1.52 -15.38
C SER D 4 9.91 2.90 -14.81
N ASN D 5 9.81 2.96 -13.48
CA ASN D 5 9.69 4.23 -12.76
C ASN D 5 10.74 5.24 -13.22
N ALA D 6 11.99 4.80 -13.35
CA ALA D 6 13.07 5.71 -13.69
C ALA D 6 12.87 6.29 -15.08
N GLN D 7 12.48 5.43 -16.04
CA GLN D 7 12.27 5.91 -17.40
C GLN D 7 11.07 6.85 -17.45
N LEU D 8 10.02 6.54 -16.70
CA LEU D 8 8.85 7.40 -16.70
C LEU D 8 9.20 8.79 -16.20
N THR D 9 10.02 8.89 -15.14
CA THR D 9 10.48 10.20 -14.68
C THR D 9 11.32 10.89 -15.76
N GLN D 10 12.15 10.12 -16.48
CA GLN D 10 12.96 10.72 -17.53
C GLN D 10 12.10 11.22 -18.69
N MET D 11 10.96 10.56 -18.98
CA MET D 11 10.08 11.05 -20.03
C MET D 11 9.46 12.39 -19.63
N PHE D 12 8.99 12.49 -18.39
CA PHE D 12 8.40 13.74 -17.96
C PHE D 12 9.43 14.86 -17.94
N GLU D 13 10.70 14.55 -17.68
CA GLU D 13 11.74 15.55 -17.79
C GLU D 13 11.81 16.07 -19.22
N HIS D 14 11.85 15.16 -20.18
CA HIS D 14 11.89 15.55 -21.59
C HIS D 14 10.69 16.40 -21.97
N VAL D 15 9.48 16.00 -21.54
CA VAL D 15 8.27 16.68 -22.02
C VAL D 15 8.07 18.01 -21.30
N LEU D 16 8.35 18.07 -19.99
CA LEU D 16 8.25 19.32 -19.26
C LEU D 16 9.26 20.36 -19.76
N LYS D 17 10.46 19.92 -20.17
CA LYS D 17 11.42 20.83 -20.77
C LYS D 17 10.92 21.38 -22.11
N LEU D 18 10.46 20.47 -22.97
CA LEU D 18 9.76 20.91 -24.18
C LEU D 18 8.65 21.90 -23.85
N SER D 19 8.03 21.80 -22.67
CA SER D 19 6.99 22.71 -22.23
C SER D 19 7.53 23.90 -21.46
N ARG D 20 8.82 24.20 -21.59
CA ARG D 20 9.42 25.43 -21.08
C ARG D 20 9.41 25.51 -19.56
N VAL D 21 9.44 24.37 -18.88
CA VAL D 21 9.53 24.34 -17.42
C VAL D 21 10.99 24.42 -17.00
N ASP D 22 11.30 25.37 -16.14
CA ASP D 22 12.65 25.53 -15.58
C ASP D 22 12.50 26.19 -14.21
N GLU D 23 13.59 26.78 -13.68
CA GLU D 23 13.57 27.27 -12.31
C GLU D 23 12.66 28.48 -12.12
N THR D 24 12.33 29.19 -13.20
CA THR D 24 11.44 30.33 -13.16
C THR D 24 9.95 29.96 -13.13
N GLN D 25 9.61 28.70 -13.34
CA GLN D 25 8.22 28.28 -13.54
C GLN D 25 7.69 27.55 -12.33
N SER D 26 6.37 27.65 -12.15
CA SER D 26 5.65 26.85 -11.16
C SER D 26 4.75 25.86 -11.89
N VAL D 27 4.63 24.65 -11.33
CA VAL D 27 3.89 23.54 -11.93
C VAL D 27 2.93 22.99 -10.89
N ALA D 28 1.66 22.88 -11.25
CA ALA D 28 0.66 22.22 -10.41
C ALA D 28 0.29 20.88 -11.04
N VAL D 29 0.49 19.80 -10.30
CA VAL D 29 0.09 18.48 -10.77
C VAL D 29 -1.32 18.23 -10.24
N LEU D 30 -2.29 18.14 -11.14
CA LEU D 30 -3.70 18.00 -10.78
C LEU D 30 -4.09 16.53 -10.84
N LYS D 31 -4.78 16.07 -9.81
CA LYS D 31 -5.10 14.64 -9.71
C LYS D 31 -6.35 14.43 -8.89
N SER D 32 -6.94 13.25 -9.04
CA SER D 32 -7.97 12.76 -8.14
C SER D 32 -7.62 11.32 -7.78
N HIS D 33 -8.47 10.67 -6.98
CA HIS D 33 -8.10 9.36 -6.43
C HIS D 33 -7.79 8.35 -7.53
N TYR D 34 -8.43 8.48 -8.70
CA TYR D 34 -8.27 7.54 -9.80
C TYR D 34 -7.13 7.90 -10.75
N SER D 35 -6.37 8.95 -10.45
CA SER D 35 -5.21 9.32 -11.25
C SER D 35 -4.14 8.23 -11.13
N ASP D 36 -3.42 7.98 -12.22
CA ASP D 36 -2.35 6.97 -12.19
C ASP D 36 -1.23 7.44 -11.27
N PRO D 37 -0.99 6.77 -10.15
CA PRO D 37 -0.05 7.32 -9.16
C PRO D 37 1.41 7.30 -9.61
N ARG D 38 1.79 6.34 -10.47
CA ARG D 38 3.15 6.39 -11.03
C ARG D 38 3.34 7.63 -11.89
N THR D 39 2.33 7.99 -12.69
CA THR D 39 2.44 9.18 -13.54
C THR D 39 2.47 10.45 -12.69
N VAL D 40 1.59 10.53 -11.69
CA VAL D 40 1.61 11.64 -10.73
C VAL D 40 2.98 11.78 -10.11
N ASN D 41 3.55 10.68 -9.61
N ASN D 41 3.54 10.68 -9.61
CA ASN D 41 4.85 10.76 -8.94
CA ASN D 41 4.84 10.77 -8.94
C ASN D 41 5.92 11.19 -9.93
C ASN D 41 5.93 11.17 -9.92
N ALA D 42 5.95 10.57 -11.12
CA ALA D 42 6.95 10.92 -12.12
C ALA D 42 6.91 12.40 -12.49
N ALA D 43 5.70 12.96 -12.62
CA ALA D 43 5.57 14.38 -12.97
C ALA D 43 6.07 15.28 -11.86
N MET D 44 5.69 14.98 -10.61
CA MET D 44 6.18 15.73 -9.46
C MET D 44 7.70 15.70 -9.41
N GLU D 45 8.29 14.51 -9.58
CA GLU D 45 9.74 14.37 -9.44
C GLU D 45 10.48 15.06 -10.59
N ALA D 46 10.02 14.83 -11.82
CA ALA D 46 10.62 15.52 -12.96
C ALA D 46 10.55 17.03 -12.78
N ALA D 47 9.43 17.54 -12.28
CA ALA D 47 9.35 18.99 -12.11
C ALA D 47 10.36 19.48 -11.08
N GLN D 48 10.56 18.71 -9.99
CA GLN D 48 11.56 19.07 -9.00
C GLN D 48 12.98 19.02 -9.58
N ARG D 49 13.29 17.97 -10.34
CA ARG D 49 14.63 17.86 -10.89
C ARG D 49 14.94 18.98 -11.88
N LEU D 50 13.92 19.56 -12.50
CA LEU D 50 14.10 20.79 -13.28
C LEU D 50 14.09 22.03 -12.42
N LYS D 51 13.96 21.87 -11.10
CA LYS D 51 13.95 22.96 -10.13
C LYS D 51 12.81 23.95 -10.34
N ALA D 52 11.73 23.47 -10.97
CA ALA D 52 10.47 24.18 -10.92
C ALA D 52 9.91 24.17 -9.49
N LYS D 53 9.03 25.11 -9.21
CA LYS D 53 8.29 25.13 -7.97
C LYS D 53 7.04 24.28 -8.15
N VAL D 54 6.99 23.14 -7.48
CA VAL D 54 6.00 22.09 -7.73
C VAL D 54 5.07 21.97 -6.55
N TYR D 55 3.79 21.75 -6.85
CA TYR D 55 2.85 21.27 -5.85
C TYR D 55 1.81 20.42 -6.56
N ALA D 56 1.16 19.54 -5.79
CA ALA D 56 0.02 18.79 -6.29
C ALA D 56 -1.27 19.39 -5.77
N VAL D 57 -2.31 19.35 -6.60
CA VAL D 57 -3.66 19.74 -6.20
C VAL D 57 -4.55 18.52 -6.40
N GLU D 58 -5.19 18.07 -5.33
CA GLU D 58 -6.04 16.89 -5.39
C GLU D 58 -7.49 17.25 -5.13
N LEU D 59 -8.35 16.86 -6.05
CA LEU D 59 -9.79 17.11 -5.91
C LEU D 59 -10.53 15.82 -5.62
N PRO D 60 -11.57 15.86 -4.78
CA PRO D 60 -12.50 14.73 -4.69
C PRO D 60 -13.13 14.43 -6.05
N ALA D 61 -13.19 13.15 -6.40
CA ALA D 61 -13.76 12.74 -7.68
C ALA D 61 -15.21 13.21 -7.80
N PHE D 62 -15.61 13.56 -9.01
CA PHE D 62 -16.98 13.96 -9.29
C PHE D 62 -17.67 12.90 -10.12
N ASN D 63 -18.82 12.44 -9.65
CA ASN D 63 -19.59 11.40 -10.35
C ASN D 63 -20.87 11.98 -10.90
N HIS D 64 -21.08 11.81 -12.20
CA HIS D 64 -22.38 12.10 -12.80
C HIS D 64 -23.25 10.86 -12.71
N PRO D 65 -24.40 10.93 -12.06
CA PRO D 65 -25.23 9.72 -11.86
C PRO D 65 -25.51 8.95 -13.15
N THR D 66 -25.87 9.63 -14.23
CA THR D 66 -26.23 8.96 -15.46
C THR D 66 -25.03 8.51 -16.30
N ALA D 67 -23.79 8.85 -15.89
CA ALA D 67 -22.59 8.42 -16.63
C ALA D 67 -22.44 6.90 -16.59
N MET D 68 -22.09 6.34 -17.75
CA MET D 68 -21.85 4.91 -17.89
C MET D 68 -20.42 4.64 -18.33
N GLY D 69 -19.85 3.58 -17.78
CA GLY D 69 -18.48 3.19 -18.13
C GLY D 69 -17.47 4.11 -17.46
N ASN D 70 -16.19 3.84 -17.75
CA ASN D 70 -15.09 4.47 -17.02
C ASN D 70 -14.30 5.47 -17.83
N ASP D 71 -14.61 5.68 -19.11
CA ASP D 71 -13.80 6.55 -19.95
C ASP D 71 -13.99 8.01 -19.53
N MET D 72 -12.89 8.75 -19.41
CA MET D 72 -12.98 10.12 -18.92
C MET D 72 -13.76 11.03 -19.87
N THR D 73 -13.82 10.71 -21.17
CA THR D 73 -14.53 11.53 -22.14
C THR D 73 -16.02 11.20 -22.26
N ALA D 74 -16.53 10.30 -21.42
CA ALA D 74 -17.90 9.83 -21.61
C ALA D 74 -18.93 10.90 -21.24
N TYR D 75 -18.84 11.46 -20.03
CA TYR D 75 -19.77 12.48 -19.57
C TYR D 75 -19.02 13.82 -19.41
N CYS D 76 -18.98 14.59 -20.49
CA CYS D 76 -18.28 15.87 -20.55
C CYS D 76 -19.16 16.98 -19.97
N GLY D 77 -18.52 18.05 -19.51
CA GLY D 77 -19.28 19.15 -18.96
C GLY D 77 -18.98 19.46 -17.51
N ASP D 78 -19.61 18.73 -16.59
CA ASP D 78 -19.31 18.85 -15.17
C ASP D 78 -17.98 18.18 -14.85
N THR D 79 -17.17 18.84 -14.02
CA THR D 79 -15.92 18.25 -13.55
C THR D 79 -15.84 18.42 -12.04
N ALA D 80 -14.81 17.79 -11.46
CA ALA D 80 -14.55 18.00 -10.03
C ALA D 80 -14.27 19.46 -9.72
N LEU D 81 -14.01 20.28 -10.73
CA LEU D 81 -13.75 21.70 -10.55
C LEU D 81 -15.00 22.55 -10.50
N THR D 82 -16.11 22.07 -11.06
CA THR D 82 -17.30 22.90 -11.19
C THR D 82 -17.77 23.35 -9.81
N GLY D 83 -17.94 24.65 -9.64
CA GLY D 83 -18.35 25.22 -8.38
C GLY D 83 -17.27 25.34 -7.33
N ASN D 84 -16.05 24.89 -7.63
CA ASN D 84 -14.94 24.98 -6.70
C ASN D 84 -13.99 26.09 -7.18
N LEU D 85 -14.37 27.32 -6.88
CA LEU D 85 -13.61 28.48 -7.31
C LEU D 85 -12.22 28.50 -6.68
N ALA D 86 -12.09 28.06 -5.42
CA ALA D 86 -10.79 28.16 -4.78
C ALA D 86 -9.80 27.19 -5.42
N ALA D 87 -10.24 25.97 -5.73
CA ALA D 87 -9.37 25.04 -6.41
C ALA D 87 -8.97 25.59 -7.78
N GLN D 88 -9.92 26.21 -8.48
CA GLN D 88 -9.59 26.78 -9.78
C GLN D 88 -8.52 27.85 -9.65
N ARG D 89 -8.63 28.71 -8.64
CA ARG D 89 -7.59 29.71 -8.41
C ARG D 89 -6.26 29.02 -8.09
N ALA D 90 -6.28 27.95 -7.29
CA ALA D 90 -5.04 27.27 -6.97
C ALA D 90 -4.33 26.80 -8.23
N LEU D 91 -5.11 26.41 -9.25
CA LEU D 91 -4.52 26.00 -10.53
C LEU D 91 -4.08 27.20 -11.37
N GLU D 92 -4.79 28.33 -11.28
CA GLU D 92 -4.39 29.52 -12.03
C GLU D 92 -3.12 30.15 -11.49
N ALA D 93 -2.73 29.84 -10.26
CA ALA D 93 -1.48 30.39 -9.73
C ALA D 93 -0.24 29.80 -10.40
N ALA D 94 -0.38 28.64 -11.05
CA ALA D 94 0.74 27.93 -11.67
C ALA D 94 0.95 28.43 -13.09
N ASP D 95 2.21 28.34 -13.56
CA ASP D 95 2.48 28.59 -14.97
C ASP D 95 2.01 27.42 -15.84
N LEU D 96 2.20 26.18 -15.38
CA LEU D 96 1.78 25.00 -16.14
C LEU D 96 1.07 24.04 -15.20
N VAL D 97 -0.07 23.52 -15.63
CA VAL D 97 -0.77 22.46 -14.91
C VAL D 97 -0.54 21.17 -15.66
N VAL D 98 -0.05 20.15 -14.95
CA VAL D 98 -0.03 18.79 -15.47
C VAL D 98 -1.34 18.15 -15.05
N ASP D 99 -2.23 17.94 -16.01
CA ASP D 99 -3.58 17.44 -15.72
C ASP D 99 -3.59 15.91 -15.86
N THR D 100 -3.70 15.21 -14.72
CA THR D 100 -3.83 13.76 -14.70
C THR D 100 -5.25 13.28 -14.38
N MET D 101 -6.24 14.17 -14.39
CA MET D 101 -7.62 13.75 -14.17
C MET D 101 -8.57 14.15 -15.29
N MET D 102 -8.19 15.10 -16.13
CA MET D 102 -8.84 15.48 -17.40
C MET D 102 -9.94 16.52 -17.22
N LEU D 103 -9.65 17.76 -17.61
CA LEU D 103 -10.63 18.84 -17.58
C LEU D 103 -11.09 19.28 -18.97
N LEU D 104 -10.54 18.70 -20.03
CA LEU D 104 -10.91 19.12 -21.38
C LEU D 104 -12.42 19.00 -21.59
N HIS D 105 -12.95 19.94 -22.39
CA HIS D 105 -14.38 20.10 -22.69
C HIS D 105 -15.16 20.66 -21.50
N SER D 106 -14.50 21.37 -20.59
CA SER D 106 -15.18 22.01 -19.46
C SER D 106 -14.91 23.50 -19.49
N PRO D 107 -15.88 24.33 -19.07
CA PRO D 107 -15.69 25.79 -19.14
C PRO D 107 -14.57 26.28 -18.27
N GLU D 108 -14.32 25.61 -17.15
CA GLU D 108 -13.27 26.03 -16.23
C GLU D 108 -11.90 25.97 -16.89
N GLN D 109 -11.69 24.96 -17.74
CA GLN D 109 -10.40 24.84 -18.42
C GLN D 109 -10.08 26.10 -19.21
N GLU D 110 -11.03 26.58 -20.03
CA GLU D 110 -10.76 27.77 -20.84
C GLU D 110 -10.54 29.00 -19.98
N GLN D 111 -11.23 29.10 -18.85
CA GLN D 111 -10.96 30.21 -17.93
C GLN D 111 -9.54 30.14 -17.40
N ILE D 112 -9.09 28.95 -17.01
CA ILE D 112 -7.72 28.83 -16.51
C ILE D 112 -6.73 29.26 -17.61
N LEU D 113 -6.97 28.83 -18.84
CA LEU D 113 -6.09 29.19 -19.95
C LEU D 113 -6.10 30.70 -20.19
N LYS D 114 -7.24 31.36 -19.93
CA LYS D 114 -7.33 32.80 -20.15
C LYS D 114 -6.36 33.58 -19.29
N THR D 115 -6.04 33.07 -18.10
CA THR D 115 -5.12 33.72 -17.18
C THR D 115 -3.66 33.60 -17.60
N GLY D 116 -3.35 32.88 -18.68
CA GLY D 116 -1.97 32.66 -19.10
C GLY D 116 -1.41 31.30 -18.70
N THR D 117 -2.08 30.59 -17.80
CA THR D 117 -1.66 29.23 -17.46
C THR D 117 -1.78 28.33 -18.68
N ARG D 118 -0.77 27.50 -18.89
CA ARG D 118 -0.84 26.45 -19.90
C ARG D 118 -1.09 25.11 -19.21
N ILE D 119 -1.72 24.19 -19.94
CA ILE D 119 -2.13 22.90 -19.37
C ILE D 119 -1.63 21.77 -20.26
N LEU D 120 -1.03 20.75 -19.64
CA LEU D 120 -0.66 19.53 -20.34
C LEU D 120 -1.45 18.37 -19.76
N LEU D 121 -2.35 17.79 -20.56
CA LEU D 121 -3.03 16.58 -20.18
C LEU D 121 -2.09 15.38 -20.34
N ALA D 122 -2.07 14.50 -19.34
CA ALA D 122 -1.23 13.30 -19.43
C ALA D 122 -1.93 12.20 -18.63
N VAL D 123 -2.68 11.35 -19.34
CA VAL D 123 -3.52 10.34 -18.71
C VAL D 123 -3.39 8.96 -19.33
N GLU D 124 -2.84 8.82 -20.54
CA GLU D 124 -2.68 7.52 -21.16
C GLU D 124 -1.65 6.67 -20.38
N PRO D 125 -1.69 5.34 -20.53
CA PRO D 125 -0.71 4.49 -19.84
C PRO D 125 0.71 4.85 -20.20
N PRO D 126 1.66 4.63 -19.29
CA PRO D 126 3.08 4.97 -19.56
C PRO D 126 3.65 4.42 -20.86
N GLU D 127 3.29 3.18 -21.23
CA GLU D 127 3.82 2.59 -22.47
C GLU D 127 3.30 3.33 -23.69
N VAL D 128 2.07 3.83 -23.62
CA VAL D 128 1.52 4.62 -24.71
C VAL D 128 2.19 5.99 -24.75
N LEU D 129 2.39 6.62 -23.59
CA LEU D 129 3.20 7.83 -23.49
C LEU D 129 4.57 7.63 -24.12
N ALA D 130 5.20 6.49 -23.86
CA ALA D 130 6.55 6.25 -24.37
C ALA D 130 6.55 6.01 -25.89
N ARG D 131 5.55 5.30 -26.42
CA ARG D 131 5.54 5.03 -27.86
C ARG D 131 5.39 6.31 -28.67
N MET D 132 4.76 7.34 -28.10
CA MET D 132 4.51 8.59 -28.80
C MET D 132 5.09 9.76 -28.02
N LEU D 133 6.28 9.55 -27.48
CA LEU D 133 7.00 10.61 -26.80
C LEU D 133 7.11 11.84 -27.73
N PRO D 134 6.64 13.00 -27.30
CA PRO D 134 6.56 14.15 -28.22
C PRO D 134 7.93 14.62 -28.72
N THR D 135 7.94 15.20 -29.92
CA THR D 135 9.16 15.70 -30.53
C THR D 135 8.90 17.05 -31.18
N GLU D 136 9.98 17.80 -31.36
CA GLU D 136 9.91 19.11 -32.00
C GLU D 136 9.51 18.98 -33.47
N ASP D 137 9.98 17.94 -34.15
CA ASP D 137 9.56 17.73 -35.53
C ASP D 137 8.03 17.53 -35.62
N ASP D 138 7.44 16.82 -34.67
CA ASP D 138 5.98 16.70 -34.62
C ASP D 138 5.32 18.08 -34.58
N LYS D 139 5.80 18.95 -33.69
CA LYS D 139 5.26 20.30 -33.64
C LYS D 139 5.45 21.02 -34.97
N ARG D 140 6.60 20.82 -35.61
CA ARG D 140 6.86 21.48 -36.88
C ARG D 140 5.84 21.06 -37.93
N ARG D 141 5.53 19.77 -37.98
CA ARG D 141 4.61 19.28 -39.01
C ARG D 141 3.17 19.73 -38.74
N VAL D 142 2.76 19.76 -37.47
CA VAL D 142 1.40 20.15 -37.13
C VAL D 142 1.16 21.63 -37.42
N LEU D 143 2.18 22.46 -37.23
CA LEU D 143 2.05 23.90 -37.52
C LEU D 143 2.01 24.17 -39.01
N ALA D 144 2.84 23.47 -39.78
CA ALA D 144 2.70 23.50 -41.23
C ALA D 144 1.24 23.22 -41.63
N ALA D 145 0.63 22.17 -41.07
CA ALA D 145 -0.78 21.91 -41.37
C ALA D 145 -1.68 23.02 -40.81
N GLU D 146 -1.39 23.55 -39.62
CA GLU D 146 -2.27 24.59 -39.07
C GLU D 146 -2.31 25.83 -39.97
N THR D 147 -1.20 26.13 -40.66
CA THR D 147 -1.17 27.28 -41.58
C THR D 147 -2.24 27.14 -42.65
N LEU D 148 -2.34 25.95 -43.23
CA LEU D 148 -3.34 25.71 -44.27
C LEU D 148 -4.75 25.80 -43.71
N LEU D 149 -5.01 25.13 -42.59
CA LEU D 149 -6.35 25.14 -42.01
C LEU D 149 -6.81 26.56 -41.64
N LYS D 150 -5.87 27.40 -41.19
CA LYS D 150 -6.21 28.79 -40.84
C LYS D 150 -6.76 29.58 -42.03
N GLN D 151 -6.22 29.36 -43.23
N GLN D 151 -6.21 29.34 -43.23
CA GLN D 151 -6.64 30.10 -44.42
CA GLN D 151 -6.58 30.06 -44.45
C GLN D 151 -7.82 29.46 -45.15
C GLN D 151 -7.82 29.47 -45.14
N ALA D 152 -8.29 28.29 -44.72
CA ALA D 152 -9.35 27.60 -45.43
C ALA D 152 -10.71 28.20 -45.11
N ARG D 153 -11.59 28.19 -46.12
CA ARG D 153 -12.97 28.63 -46.00
C ARG D 153 -13.97 27.47 -45.90
N SER D 154 -13.56 26.25 -46.24
CA SER D 154 -14.43 25.09 -46.17
C SER D 154 -13.59 23.82 -46.09
N LEU D 155 -14.16 22.80 -45.43
CA LEU D 155 -13.61 21.45 -45.37
C LEU D 155 -14.62 20.49 -45.98
N HIS D 156 -14.13 19.58 -46.84
N HIS D 156 -14.12 19.57 -46.81
CA HIS D 156 -14.98 18.56 -47.45
CA HIS D 156 -14.94 18.55 -47.45
C HIS D 156 -14.33 17.19 -47.30
C HIS D 156 -14.30 17.19 -47.23
N VAL D 157 -15.14 16.17 -47.05
CA VAL D 157 -14.68 14.80 -46.90
C VAL D 157 -15.42 13.91 -47.89
N ARG D 158 -14.69 13.00 -48.52
CA ARG D 158 -15.31 12.00 -49.39
C ARG D 158 -14.64 10.66 -49.16
N SER D 159 -15.39 9.58 -49.38
CA SER D 159 -14.82 8.24 -49.33
C SER D 159 -15.62 7.29 -50.24
N LYS D 160 -14.94 6.23 -50.70
CA LYS D 160 -15.60 5.20 -51.52
C LYS D 160 -16.77 4.58 -50.78
N ALA D 161 -16.72 4.55 -49.44
CA ALA D 161 -17.82 4.01 -48.67
C ALA D 161 -19.05 4.92 -48.71
N GLY D 162 -18.92 6.16 -49.15
CA GLY D 162 -20.07 7.02 -49.31
C GLY D 162 -20.06 8.29 -48.49
N SER D 163 -18.96 8.59 -47.77
CA SER D 163 -18.88 9.89 -47.13
C SER D 163 -18.94 10.99 -48.18
N ASP D 164 -19.73 12.03 -47.90
CA ASP D 164 -19.88 13.18 -48.77
C ASP D 164 -20.33 14.32 -47.86
N PHE D 165 -19.35 14.99 -47.25
CA PHE D 165 -19.58 15.85 -46.09
C PHE D 165 -18.94 17.20 -46.35
N HIS D 166 -19.67 18.28 -46.05
N HIS D 166 -19.68 18.28 -46.07
CA HIS D 166 -19.23 19.63 -46.35
CA HIS D 166 -19.21 19.64 -46.33
C HIS D 166 -19.39 20.51 -45.10
C HIS D 166 -19.36 20.47 -45.06
N ALA D 167 -18.34 21.24 -44.74
CA ALA D 167 -18.38 22.07 -43.55
C ALA D 167 -17.77 23.45 -43.81
N PRO D 168 -18.59 24.50 -43.92
CA PRO D 168 -18.03 25.85 -44.02
C PRO D 168 -17.21 26.20 -42.78
N LEU D 169 -16.11 26.93 -43.00
CA LEU D 169 -15.14 27.24 -41.97
C LEU D 169 -15.01 28.76 -41.81
N GLY D 170 -14.24 29.17 -40.82
CA GLY D 170 -14.01 30.58 -40.57
C GLY D 170 -14.44 31.05 -39.20
N GLN D 171 -15.62 30.63 -38.74
CA GLN D 171 -16.16 31.17 -37.49
C GLN D 171 -15.32 30.77 -36.28
N TYR D 172 -14.69 29.60 -36.31
CA TYR D 172 -13.96 29.11 -35.16
C TYR D 172 -12.48 28.98 -35.48
N PRO D 173 -11.61 29.01 -34.48
CA PRO D 173 -10.18 28.92 -34.75
C PRO D 173 -9.74 27.47 -34.96
N ALA D 174 -8.51 27.33 -35.42
CA ALA D 174 -7.90 26.02 -35.56
C ALA D 174 -7.17 25.69 -34.27
N VAL D 175 -7.36 24.45 -33.80
CA VAL D 175 -6.73 23.98 -32.57
C VAL D 175 -5.75 22.87 -32.93
N THR D 176 -4.56 22.92 -32.34
CA THR D 176 -3.48 21.98 -32.63
C THR D 176 -3.16 21.17 -31.39
N GLU D 177 -2.66 19.95 -31.63
CA GLU D 177 -2.17 19.08 -30.55
C GLU D 177 -0.90 18.40 -31.05
N TYR D 178 0.25 18.83 -30.53
CA TYR D 178 1.52 18.21 -30.91
C TYR D 178 2.26 17.62 -29.72
N GLY D 179 1.65 17.59 -28.53
CA GLY D 179 2.13 16.76 -27.43
C GLY D 179 2.75 17.49 -26.24
N TYR D 180 2.89 18.82 -26.29
CA TYR D 180 3.48 19.51 -25.16
C TYR D 180 2.98 20.94 -25.08
N ALA D 181 3.05 21.50 -23.87
CA ALA D 181 2.40 22.78 -23.55
C ALA D 181 3.47 23.84 -23.34
N ASP D 182 4.07 24.29 -24.44
CA ASP D 182 5.12 25.29 -24.36
C ASP D 182 4.59 26.71 -24.41
N GLU D 183 3.54 26.96 -25.15
CA GLU D 183 3.15 28.36 -25.14
C GLU D 183 2.10 28.63 -24.05
N PRO D 184 2.15 29.82 -23.47
CA PRO D 184 1.25 30.16 -22.36
C PRO D 184 -0.20 30.30 -22.80
N GLY D 185 -1.11 30.03 -21.88
CA GLY D 185 -2.53 30.10 -22.21
C GLY D 185 -3.02 29.05 -23.17
N ARG D 186 -2.22 28.03 -23.47
CA ARG D 186 -2.57 27.03 -24.44
C ARG D 186 -2.58 25.65 -23.79
N TRP D 187 -3.51 24.80 -24.22
CA TRP D 187 -3.64 23.43 -23.76
C TRP D 187 -3.08 22.44 -24.79
N ASP D 188 -2.52 21.33 -24.31
CA ASP D 188 -2.10 20.26 -25.21
C ASP D 188 -2.21 18.93 -24.48
N HIS D 189 -1.95 17.87 -25.24
CA HIS D 189 -2.17 16.51 -24.79
C HIS D 189 -0.98 15.65 -25.20
N TRP D 190 -0.30 15.09 -24.21
CA TRP D 190 0.71 14.06 -24.44
C TRP D 190 0.02 12.71 -24.24
N PRO D 191 -0.15 11.88 -25.28
CA PRO D 191 0.30 11.95 -26.68
C PRO D 191 -0.74 12.54 -27.61
N SER D 192 -0.30 13.05 -28.77
CA SER D 192 -1.21 13.59 -29.79
C SER D 192 -0.48 13.71 -31.14
N GLY D 193 -0.63 14.84 -31.83
CA GLY D 193 -0.10 14.96 -33.18
C GLY D 193 -1.19 15.00 -34.25
N PHE D 194 -2.12 15.95 -34.11
CA PHE D 194 -3.21 16.12 -35.05
C PHE D 194 -3.79 17.51 -34.81
N LEU D 195 -4.81 17.87 -35.58
CA LEU D 195 -5.35 19.23 -35.51
C LEU D 195 -6.78 19.22 -36.02
N PHE D 196 -7.54 20.21 -35.58
CA PHE D 196 -8.96 20.29 -35.91
C PHE D 196 -9.47 21.73 -35.74
N THR D 197 -10.67 21.96 -36.25
CA THR D 197 -11.45 23.15 -35.97
C THR D 197 -12.91 22.73 -35.77
N TRP D 198 -13.84 23.70 -35.78
CA TRP D 198 -15.27 23.45 -35.70
C TRP D 198 -15.96 24.03 -36.93
N PRO D 199 -17.04 23.41 -37.41
CA PRO D 199 -17.75 23.99 -38.56
C PRO D 199 -18.52 25.22 -38.14
N ASN D 200 -18.78 26.12 -39.09
CA ASN D 200 -19.62 27.27 -38.80
C ASN D 200 -20.95 26.79 -38.25
N GLU D 201 -21.52 27.55 -37.32
CA GLU D 201 -22.74 27.15 -36.63
C GLU D 201 -23.85 26.79 -37.61
N ASP D 202 -24.49 25.64 -37.34
CA ASP D 202 -25.68 25.20 -38.08
C ASP D 202 -25.43 25.08 -39.58
N SER D 203 -24.23 24.68 -39.98
CA SER D 203 -23.91 24.66 -41.42
C SER D 203 -23.39 23.33 -41.98
N ALA D 204 -22.85 22.43 -41.17
CA ALA D 204 -22.37 21.16 -41.69
C ALA D 204 -23.50 20.37 -42.35
N GLU D 205 -23.20 19.77 -43.50
CA GLU D 205 -24.18 19.15 -44.38
C GLU D 205 -23.59 17.91 -45.04
N GLY D 206 -24.45 16.92 -45.28
CA GLY D 206 -24.12 15.79 -46.13
C GLY D 206 -24.19 14.47 -45.36
N THR D 207 -23.27 13.58 -45.69
CA THR D 207 -23.25 12.22 -45.14
C THR D 207 -21.84 11.88 -44.68
N LEU D 208 -21.76 11.22 -43.53
CA LEU D 208 -20.55 10.57 -43.08
C LEU D 208 -20.87 9.09 -42.87
N VAL D 209 -20.11 8.22 -43.50
CA VAL D 209 -20.30 6.78 -43.41
C VAL D 209 -19.16 6.21 -42.59
N LEU D 210 -19.48 5.57 -41.47
CA LEU D 210 -18.49 4.74 -40.79
C LEU D 210 -18.41 3.42 -41.55
N ASP D 211 -17.26 3.16 -42.17
CA ASP D 211 -17.05 1.93 -42.90
C ASP D 211 -16.75 0.79 -41.92
N VAL D 212 -16.72 -0.43 -42.45
CA VAL D 212 -16.15 -1.56 -41.71
C VAL D 212 -14.75 -1.17 -41.25
N GLY D 213 -14.45 -1.41 -39.97
CA GLY D 213 -13.16 -1.06 -39.41
C GLY D 213 -13.04 0.35 -38.86
N ASP D 214 -13.97 1.25 -39.18
CA ASP D 214 -13.92 2.56 -38.52
C ASP D 214 -14.40 2.41 -37.07
N ILE D 215 -14.14 3.44 -36.26
CA ILE D 215 -14.15 3.35 -34.81
C ILE D 215 -15.07 4.41 -34.21
N ILE D 216 -15.81 4.05 -33.16
CA ILE D 216 -16.48 5.01 -32.30
C ILE D 216 -15.82 5.01 -30.93
N LEU D 217 -15.42 6.18 -30.50
CA LEU D 217 -14.98 6.38 -29.13
C LEU D 217 -16.06 7.14 -28.38
N PRO D 218 -16.41 6.75 -27.14
CA PRO D 218 -15.67 5.80 -26.31
C PRO D 218 -16.10 4.32 -26.38
N PHE D 219 -16.94 3.90 -27.32
CA PHE D 219 -17.31 2.48 -27.44
C PHE D 219 -16.08 1.60 -27.63
N LYS D 220 -15.13 2.06 -28.45
CA LYS D 220 -13.85 1.40 -28.66
C LYS D 220 -14.01 0.05 -29.37
N ASN D 221 -14.82 0.05 -30.44
N ASN D 221 -14.81 0.04 -30.44
CA ASN D 221 -14.99 -1.14 -31.26
CA ASN D 221 -15.00 -1.17 -31.25
C ASN D 221 -14.68 -0.78 -32.71
C ASN D 221 -14.81 -0.84 -32.72
N TYR D 222 -14.14 -1.74 -33.43
CA TYR D 222 -14.03 -1.61 -34.87
C TYR D 222 -15.37 -2.03 -35.47
N CYS D 223 -15.96 -1.13 -36.24
CA CYS D 223 -17.26 -1.36 -36.84
C CYS D 223 -17.21 -2.60 -37.73
N ARG D 224 -18.11 -3.55 -37.53
CA ARG D 224 -18.14 -4.72 -38.42
C ARG D 224 -19.25 -4.62 -39.46
N GLU D 225 -20.12 -3.62 -39.33
CA GLU D 225 -21.11 -3.24 -40.34
C GLU D 225 -21.09 -1.73 -40.46
N ARG D 226 -21.63 -1.22 -41.57
CA ARG D 226 -21.59 0.21 -41.82
C ARG D 226 -22.63 0.94 -40.97
N ILE D 227 -22.32 2.19 -40.66
CA ILE D 227 -23.28 3.14 -40.12
C ILE D 227 -23.27 4.37 -41.01
N THR D 228 -24.46 4.85 -41.36
CA THR D 228 -24.59 6.04 -42.18
C THR D 228 -25.13 7.15 -41.29
N LEU D 229 -24.41 8.27 -41.24
CA LEU D 229 -24.84 9.46 -40.55
C LEU D 229 -25.27 10.49 -41.58
N GLU D 230 -26.54 10.89 -41.54
CA GLU D 230 -27.04 11.95 -42.39
C GLU D 230 -27.07 13.24 -41.58
N ILE D 231 -26.55 14.32 -42.17
CA ILE D 231 -26.29 15.56 -41.43
C ILE D 231 -26.92 16.72 -42.18
N GLU D 232 -27.61 17.59 -41.45
CA GLU D 232 -28.26 18.75 -42.02
C GLU D 232 -28.12 19.91 -41.05
N LYS D 233 -27.69 21.05 -41.56
CA LYS D 233 -27.53 22.28 -40.77
C LYS D 233 -26.80 22.00 -39.46
N GLY D 234 -25.71 21.23 -39.55
CA GLY D 234 -24.84 21.00 -38.41
C GLY D 234 -25.27 19.91 -37.45
N PHE D 235 -26.35 19.17 -37.74
CA PHE D 235 -26.88 18.16 -36.83
C PHE D 235 -27.11 16.83 -37.54
N ILE D 236 -26.72 15.74 -36.87
CA ILE D 236 -27.13 14.41 -37.32
C ILE D 236 -28.65 14.31 -37.25
N THR D 237 -29.28 14.06 -38.39
CA THR D 237 -30.72 13.82 -38.47
C THR D 237 -31.05 12.36 -38.68
N GLY D 238 -30.09 11.52 -39.03
CA GLY D 238 -30.40 10.13 -39.29
C GLY D 238 -29.22 9.23 -39.03
N ILE D 239 -29.48 8.05 -38.48
CA ILE D 239 -28.45 7.08 -38.15
C ILE D 239 -28.98 5.73 -38.62
N HIS D 240 -28.33 5.13 -39.61
CA HIS D 240 -28.85 3.95 -40.28
C HIS D 240 -27.77 2.90 -40.43
N GLY D 241 -28.17 1.65 -40.29
CA GLY D 241 -27.27 0.55 -40.49
C GLY D 241 -27.73 -0.66 -39.70
N GLY D 242 -26.76 -1.44 -39.23
CA GLY D 242 -27.08 -2.68 -38.55
C GLY D 242 -27.09 -2.57 -37.04
N PHE D 243 -26.41 -3.53 -36.40
CA PHE D 243 -26.41 -3.57 -34.95
C PHE D 243 -25.66 -2.37 -34.37
N GLU D 244 -24.49 -2.06 -34.93
CA GLU D 244 -23.71 -0.91 -34.46
C GLU D 244 -24.55 0.37 -34.47
N ALA D 245 -25.31 0.58 -35.54
CA ALA D 245 -26.20 1.72 -35.64
C ALA D 245 -27.30 1.67 -34.57
N GLU D 246 -27.91 0.50 -34.36
CA GLU D 246 -28.91 0.40 -33.30
C GLU D 246 -28.30 0.71 -31.92
N TYR D 247 -27.10 0.19 -31.65
CA TYR D 247 -26.45 0.50 -30.38
C TYR D 247 -26.17 1.99 -30.26
N LEU D 248 -25.72 2.61 -31.35
CA LEU D 248 -25.41 4.04 -31.30
C LEU D 248 -26.66 4.90 -31.08
N ARG D 249 -27.76 4.58 -31.78
CA ARG D 249 -29.00 5.33 -31.58
C ARG D 249 -29.45 5.22 -30.13
N ASP D 250 -29.41 4.01 -29.58
CA ASP D 250 -29.79 3.79 -28.19
C ASP D 250 -28.92 4.60 -27.24
N TYR D 251 -27.60 4.60 -27.46
CA TYR D 251 -26.71 5.34 -26.58
C TYR D 251 -26.98 6.84 -26.63
N MET D 252 -27.16 7.39 -27.83
CA MET D 252 -27.29 8.84 -27.96
C MET D 252 -28.63 9.32 -27.42
N LYS D 253 -29.72 8.59 -27.68
CA LYS D 253 -31.02 9.03 -27.17
C LYS D 253 -31.12 8.90 -25.65
N TYR D 254 -30.28 8.07 -25.02
CA TYR D 254 -30.36 7.84 -23.58
C TYR D 254 -30.17 9.14 -22.81
N PHE D 255 -29.39 10.06 -23.35
CA PHE D 255 -29.09 11.33 -22.71
C PHE D 255 -30.26 12.31 -22.76
N ASN D 256 -31.28 12.01 -23.56
CA ASN D 256 -32.49 12.83 -23.64
C ASN D 256 -32.14 14.32 -23.76
N ASP D 257 -31.48 14.64 -24.88
CA ASP D 257 -30.92 15.97 -25.10
C ASP D 257 -30.58 16.14 -26.58
N PRO D 258 -31.32 16.96 -27.32
CA PRO D 258 -31.12 17.04 -28.77
C PRO D 258 -29.74 17.56 -29.18
N GLU D 259 -29.01 18.20 -28.27
CA GLU D 259 -27.69 18.73 -28.57
C GLU D 259 -26.63 17.66 -28.79
N VAL D 260 -26.90 16.38 -28.50
CA VAL D 260 -25.87 15.36 -28.69
C VAL D 260 -25.64 15.09 -30.18
N TYR D 261 -26.61 15.41 -31.03
CA TYR D 261 -26.51 15.16 -32.47
C TYR D 261 -25.81 16.29 -33.21
N GLY D 262 -25.44 17.36 -32.51
CA GLY D 262 -24.68 18.43 -33.13
C GLY D 262 -23.26 17.98 -33.48
N ILE D 263 -22.81 18.37 -34.66
CA ILE D 263 -21.45 18.08 -35.08
C ILE D 263 -20.50 19.06 -34.41
N SER D 264 -19.42 18.57 -33.85
CA SER D 264 -18.46 19.39 -33.12
C SER D 264 -17.12 19.39 -33.91
N HIS D 265 -15.99 19.11 -33.29
CA HIS D 265 -14.71 19.35 -33.96
C HIS D 265 -14.48 18.38 -35.11
N ILE D 266 -13.77 18.86 -36.15
CA ILE D 266 -13.45 18.12 -37.37
C ILE D 266 -12.01 18.41 -37.75
N GLY D 267 -11.31 17.41 -38.29
CA GLY D 267 -9.91 17.57 -38.60
C GLY D 267 -9.27 16.28 -39.09
N TRP D 268 -7.94 16.25 -39.12
CA TRP D 268 -7.26 15.05 -39.61
C TRP D 268 -6.02 14.74 -38.78
N GLY D 269 -5.63 13.46 -38.85
CA GLY D 269 -4.55 12.94 -38.04
C GLY D 269 -3.18 13.08 -38.69
N LEU D 270 -2.16 13.32 -37.84
CA LEU D 270 -0.82 13.64 -38.31
C LEU D 270 0.27 12.87 -37.56
N GLN D 271 -0.09 11.79 -36.87
CA GLN D 271 0.83 11.12 -35.96
C GLN D 271 1.12 9.71 -36.46
N PRO D 272 2.25 9.50 -37.14
CA PRO D 272 2.54 8.16 -37.69
C PRO D 272 2.90 7.13 -36.64
N ARG D 273 3.33 7.54 -35.43
CA ARG D 273 3.60 6.60 -34.35
C ARG D 273 2.33 6.16 -33.64
N ALA D 274 1.20 6.82 -33.89
CA ALA D 274 -0.10 6.29 -33.53
C ALA D 274 -0.56 5.29 -34.58
N GLN D 275 -1.39 4.33 -34.15
CA GLN D 275 -1.74 3.22 -35.04
C GLN D 275 -3.22 2.87 -34.91
N TRP D 276 -3.89 2.84 -36.06
CA TRP D 276 -5.27 2.36 -36.14
C TRP D 276 -5.44 0.99 -35.45
N THR D 277 -4.45 0.11 -35.56
CA THR D 277 -4.57 -1.21 -34.96
C THR D 277 -4.40 -1.21 -33.45
N ALA D 278 -3.84 -0.15 -32.87
CA ALA D 278 -3.51 -0.17 -31.45
C ALA D 278 -4.73 -0.48 -30.58
N MET D 279 -5.90 0.09 -30.91
CA MET D 279 -7.06 -0.08 -30.03
C MET D 279 -7.39 -1.56 -29.81
N GLY D 280 -7.20 -2.39 -30.82
CA GLY D 280 -7.48 -3.81 -30.69
C GLY D 280 -6.53 -4.56 -29.77
N LEU D 281 -5.47 -3.93 -29.25
CA LEU D 281 -4.57 -4.62 -28.35
C LEU D 281 -4.75 -4.17 -26.91
N HIS D 282 -5.76 -3.36 -26.63
CA HIS D 282 -6.00 -2.81 -25.31
C HIS D 282 -7.37 -3.23 -24.79
N ASP D 283 -7.54 -3.11 -23.48
CA ASP D 283 -8.84 -3.23 -22.85
C ASP D 283 -9.45 -1.83 -22.69
N ARG D 284 -10.74 -1.79 -22.40
CA ARG D 284 -11.45 -0.52 -22.47
C ARG D 284 -11.08 0.42 -21.34
N ASN D 285 -10.65 -0.13 -20.19
CA ASN D 285 -10.30 0.72 -19.07
C ASN D 285 -8.84 1.18 -19.08
N ASP D 286 -8.05 0.77 -20.08
CA ASP D 286 -6.64 1.14 -20.11
C ASP D 286 -6.46 2.64 -20.26
N GLY D 287 -7.34 3.29 -21.01
CA GLY D 287 -7.21 4.71 -21.29
C GLY D 287 -8.29 5.12 -22.28
N MET D 288 -8.11 6.28 -22.90
CA MET D 288 -9.08 6.83 -23.84
C MET D 288 -8.75 6.52 -25.31
N CYS D 289 -7.66 5.82 -25.58
CA CYS D 289 -7.26 5.43 -26.93
C CYS D 289 -6.94 6.66 -27.80
N MET D 290 -5.83 7.34 -27.44
CA MET D 290 -5.39 8.46 -28.29
C MET D 290 -4.87 8.01 -29.65
N ASP D 291 -4.37 6.76 -29.77
CA ASP D 291 -3.97 6.20 -31.06
C ASP D 291 -5.06 6.41 -32.12
N ALA D 292 -6.30 6.05 -31.77
CA ALA D 292 -7.38 6.16 -32.75
C ALA D 292 -7.70 7.62 -33.10
N ARG D 293 -7.54 8.54 -32.16
CA ARG D 293 -7.75 9.95 -32.50
C ARG D 293 -6.63 10.50 -33.38
N ALA D 294 -5.40 10.00 -33.24
CA ALA D 294 -4.27 10.71 -33.80
C ALA D 294 -3.69 10.11 -35.07
N PHE D 295 -4.05 8.88 -35.44
CA PHE D 295 -3.23 8.18 -36.41
C PHE D 295 -3.24 8.88 -37.77
N TYR D 296 -2.12 8.72 -38.47
CA TYR D 296 -1.77 9.52 -39.64
C TYR D 296 -2.78 9.32 -40.75
N GLY D 297 -3.34 10.43 -41.26
CA GLY D 297 -4.29 10.38 -42.35
C GLY D 297 -5.73 10.09 -42.00
N ASN D 298 -6.07 9.83 -40.73
CA ASN D 298 -7.49 9.64 -40.43
C ASN D 298 -8.26 10.94 -40.68
N PHE D 299 -9.57 10.83 -40.83
CA PHE D 299 -10.45 11.97 -40.65
C PHE D 299 -11.20 11.77 -39.34
N LEU D 300 -11.07 12.72 -38.43
CA LEU D 300 -11.70 12.62 -37.13
C LEU D 300 -12.77 13.68 -37.01
N PHE D 301 -14.00 13.24 -36.75
CA PHE D 301 -15.06 14.16 -36.40
C PHE D 301 -15.67 13.76 -35.07
N SER D 302 -16.53 14.63 -34.56
CA SER D 302 -16.99 14.54 -33.19
C SER D 302 -18.42 15.06 -33.09
N THR D 303 -19.10 14.67 -32.03
CA THR D 303 -20.49 15.04 -31.76
C THR D 303 -20.63 15.72 -30.39
N GLY D 304 -21.70 16.50 -30.24
CA GLY D 304 -22.05 17.02 -28.94
C GLY D 304 -21.52 18.41 -28.64
N PRO D 305 -20.72 18.52 -27.58
CA PRO D 305 -20.39 19.86 -27.04
C PRO D 305 -19.43 20.63 -27.92
N ASN D 306 -19.64 21.94 -27.97
CA ASN D 306 -18.68 22.84 -28.59
C ASN D 306 -18.47 24.06 -27.71
N THR D 307 -18.83 23.96 -26.43
CA THR D 307 -18.83 25.12 -25.55
C THR D 307 -17.43 25.70 -25.40
N GLU D 308 -16.40 24.84 -25.53
CA GLU D 308 -14.98 25.14 -25.32
C GLU D 308 -14.39 26.10 -26.34
N VAL D 309 -15.16 26.56 -27.32
CA VAL D 309 -14.77 27.65 -28.20
C VAL D 309 -15.99 28.55 -28.30
N GLY D 310 -16.75 28.63 -27.20
CA GLY D 310 -17.88 29.54 -27.12
C GLY D 310 -19.00 29.23 -28.09
N GLY D 311 -19.50 27.99 -28.05
CA GLY D 311 -20.66 27.61 -28.81
C GLY D 311 -21.88 27.40 -27.92
N LYS D 312 -22.99 27.05 -28.57
CA LYS D 312 -24.28 26.98 -27.90
C LYS D 312 -24.45 25.75 -27.01
N ARG D 313 -23.65 24.70 -27.19
CA ARG D 313 -24.04 23.37 -26.74
C ARG D 313 -23.25 22.91 -25.51
N LYS D 314 -24.01 22.66 -24.43
CA LYS D 314 -23.56 22.24 -23.12
C LYS D 314 -23.53 20.72 -22.94
N THR D 315 -24.11 19.97 -23.88
CA THR D 315 -24.51 18.58 -23.65
C THR D 315 -23.32 17.70 -23.23
N PRO D 316 -23.57 16.67 -22.40
CA PRO D 316 -22.48 15.81 -21.92
C PRO D 316 -22.10 14.67 -22.85
N CYS D 317 -23.03 14.17 -23.67
CA CYS D 317 -22.71 13.02 -24.53
C CYS D 317 -21.75 13.44 -25.62
N HIS D 318 -20.61 12.76 -25.69
CA HIS D 318 -19.54 13.19 -26.56
C HIS D 318 -18.87 11.99 -27.24
N LEU D 319 -18.81 12.01 -28.58
CA LEU D 319 -18.28 10.89 -29.37
C LEU D 319 -17.15 11.36 -30.28
N ASP D 320 -16.08 10.57 -30.31
CA ASP D 320 -14.90 10.76 -31.19
C ASP D 320 -14.97 9.65 -32.25
N ILE D 321 -14.92 10.01 -33.53
CA ILE D 321 -15.07 9.00 -34.58
C ILE D 321 -14.03 9.23 -35.66
N PRO D 322 -12.96 8.44 -35.71
CA PRO D 322 -12.03 8.51 -36.84
C PRO D 322 -12.41 7.60 -38.00
N LEU D 323 -12.21 8.11 -39.21
CA LEU D 323 -12.52 7.39 -40.44
C LEU D 323 -11.26 7.18 -41.26
N ARG D 324 -11.12 5.97 -41.80
CA ARG D 324 -10.01 5.64 -42.68
C ARG D 324 -10.33 5.92 -44.13
N ASN D 325 -9.29 5.92 -44.97
CA ASN D 325 -9.42 5.91 -46.41
C ASN D 325 -10.18 7.11 -46.97
N CYS D 326 -10.17 8.25 -46.27
CA CYS D 326 -10.90 9.40 -46.78
C CYS D 326 -10.04 10.27 -47.69
N ASP D 327 -10.72 11.02 -48.53
CA ASP D 327 -10.16 12.22 -49.12
C ASP D 327 -10.69 13.42 -48.31
N ILE D 328 -9.77 14.24 -47.81
CA ILE D 328 -10.11 15.46 -47.10
C ILE D 328 -9.62 16.65 -47.91
N TYR D 329 -10.53 17.60 -48.20
CA TYR D 329 -10.21 18.80 -48.95
C TYR D 329 -10.37 20.04 -48.07
N LEU D 330 -9.50 21.03 -48.29
CA LEU D 330 -9.67 22.38 -47.77
C LEU D 330 -9.88 23.29 -48.97
N ASP D 331 -11.08 23.84 -49.09
CA ASP D 331 -11.54 24.51 -50.30
C ASP D 331 -11.42 23.50 -51.43
N ASP D 332 -10.67 23.75 -52.48
CA ASP D 332 -10.57 22.81 -53.59
C ASP D 332 -9.31 21.97 -53.58
N LYS D 333 -8.51 22.02 -52.49
CA LYS D 333 -7.21 21.36 -52.46
C LYS D 333 -7.19 20.23 -51.43
N ALA D 334 -6.58 19.13 -51.81
CA ALA D 334 -6.54 17.95 -50.94
C ALA D 334 -5.44 18.09 -49.91
N VAL D 335 -5.75 17.72 -48.67
CA VAL D 335 -4.72 17.54 -47.66
C VAL D 335 -4.49 16.07 -47.36
N VAL D 336 -5.51 15.22 -47.52
CA VAL D 336 -5.40 13.78 -47.41
C VAL D 336 -6.11 13.16 -48.61
N LEU D 337 -5.48 12.16 -49.22
CA LEU D 337 -6.09 11.41 -50.31
C LEU D 337 -6.00 9.93 -49.96
N ALA D 338 -7.14 9.24 -49.98
CA ALA D 338 -7.23 7.81 -49.64
C ALA D 338 -6.47 7.51 -48.35
N GLY D 339 -6.62 8.38 -47.37
CA GLY D 339 -6.07 8.14 -46.05
C GLY D 339 -4.60 8.43 -45.89
N ASP D 340 -3.92 8.89 -46.93
CA ASP D 340 -2.53 9.33 -46.83
C ASP D 340 -2.47 10.84 -46.86
N VAL D 341 -1.54 11.41 -46.09
CA VAL D 341 -1.35 12.87 -46.06
C VAL D 341 -0.57 13.31 -47.30
N VAL D 342 -1.13 14.25 -48.05
CA VAL D 342 -0.47 14.73 -49.26
C VAL D 342 -0.10 16.21 -49.22
N ALA D 343 -0.64 17.01 -48.30
CA ALA D 343 -0.36 18.44 -48.28
C ALA D 343 -0.73 19.00 -46.92
N PRO D 344 0.01 20.02 -46.41
CA PRO D 344 1.22 20.59 -47.05
C PRO D 344 2.38 19.58 -46.98
N GLU D 345 3.34 19.71 -47.90
CA GLU D 345 4.43 18.75 -47.93
C GLU D 345 5.18 18.70 -46.61
N GLU D 346 5.40 19.87 -45.98
N GLU D 346 5.41 19.87 -45.98
CA GLU D 346 6.21 19.93 -44.78
CA GLU D 346 6.22 19.91 -44.77
C GLU D 346 5.53 19.32 -43.56
C GLU D 346 5.54 19.26 -43.57
N SER D 347 4.25 18.95 -43.67
CA SER D 347 3.55 18.26 -42.60
C SER D 347 3.64 16.74 -42.73
N ARG D 348 4.29 16.22 -43.77
CA ARG D 348 4.26 14.79 -44.00
C ARG D 348 5.35 14.10 -43.19
N ALA D 349 5.13 12.82 -42.92
CA ALA D 349 6.10 12.05 -42.14
C ALA D 349 7.24 11.59 -43.03
N ARG D 350 8.40 11.37 -42.40
CA ARG D 350 9.64 11.09 -43.13
C ARG D 350 9.65 9.70 -43.80
N PRO E 2 -16.32 9.62 -11.64
CA PRO E 2 -16.06 8.52 -10.71
C PRO E 2 -16.47 8.85 -9.27
N VAL E 3 -16.63 7.84 -8.43
CA VAL E 3 -17.21 8.01 -7.09
C VAL E 3 -16.10 8.19 -6.07
N SER E 4 -16.19 9.25 -5.26
CA SER E 4 -15.19 9.45 -4.22
C SER E 4 -15.47 8.54 -3.01
N ASN E 5 -14.48 8.45 -2.12
CA ASN E 5 -14.65 7.66 -0.90
C ASN E 5 -15.77 8.22 -0.04
N ALA E 6 -15.85 9.54 0.08
CA ALA E 6 -16.86 10.14 0.92
C ALA E 6 -18.25 9.87 0.36
N GLN E 7 -18.41 9.95 -0.96
CA GLN E 7 -19.72 9.65 -1.56
C GLN E 7 -20.09 8.18 -1.40
N LEU E 8 -19.12 7.29 -1.58
CA LEU E 8 -19.39 5.86 -1.40
C LEU E 8 -19.91 5.54 0.01
N THR E 9 -19.32 6.15 1.05
CA THR E 9 -19.84 5.94 2.41
C THR E 9 -21.27 6.48 2.54
N GLN E 10 -21.52 7.67 2.00
CA GLN E 10 -22.86 8.24 2.05
C GLN E 10 -23.88 7.37 1.33
N MET E 11 -23.49 6.80 0.19
CA MET E 11 -24.37 5.87 -0.52
C MET E 11 -24.67 4.66 0.35
N PHE E 12 -23.65 4.11 1.03
CA PHE E 12 -23.90 3.00 1.93
C PHE E 12 -24.77 3.42 3.11
N GLU E 13 -24.60 4.65 3.61
CA GLU E 13 -25.51 5.12 4.65
C GLU E 13 -26.96 5.06 4.16
N HIS E 14 -27.18 5.53 2.94
CA HIS E 14 -28.54 5.61 2.40
C HIS E 14 -29.12 4.21 2.22
N VAL E 15 -28.35 3.27 1.69
CA VAL E 15 -28.90 1.94 1.40
C VAL E 15 -29.04 1.14 2.69
N LEU E 16 -28.14 1.37 3.66
CA LEU E 16 -28.25 0.65 4.91
C LEU E 16 -29.42 1.16 5.74
N LYS E 17 -29.74 2.46 5.63
CA LYS E 17 -30.98 2.96 6.27
C LYS E 17 -32.20 2.33 5.61
N LEU E 18 -32.24 2.29 4.28
CA LEU E 18 -33.37 1.63 3.62
C LEU E 18 -33.47 0.18 4.08
N SER E 19 -32.33 -0.43 4.42
CA SER E 19 -32.23 -1.79 4.92
C SER E 19 -32.53 -1.90 6.42
N ARG E 20 -32.97 -0.80 7.06
CA ARG E 20 -33.37 -0.78 8.47
C ARG E 20 -32.20 -1.03 9.43
N VAL E 21 -31.03 -0.50 9.10
CA VAL E 21 -29.88 -0.58 9.99
C VAL E 21 -29.93 0.62 10.93
N ASP E 22 -29.88 0.38 12.24
CA ASP E 22 -29.88 1.46 13.23
C ASP E 22 -29.10 0.97 14.46
N GLU E 23 -29.19 1.72 15.56
CA GLU E 23 -28.37 1.37 16.72
C GLU E 23 -28.78 0.03 17.33
N THR E 24 -29.97 -0.49 17.01
CA THR E 24 -30.35 -1.81 17.49
C THR E 24 -29.82 -2.95 16.62
N GLN E 25 -29.17 -2.66 15.50
CA GLN E 25 -28.82 -3.70 14.54
C GLN E 25 -27.34 -4.01 14.56
N SER E 26 -27.01 -5.27 14.32
CA SER E 26 -25.63 -5.70 14.12
C SER E 26 -25.42 -6.01 12.65
N VAL E 27 -24.27 -5.62 12.13
CA VAL E 27 -23.94 -5.75 10.72
C VAL E 27 -22.63 -6.51 10.59
N ALA E 28 -22.62 -7.50 9.72
CA ALA E 28 -21.40 -8.21 9.35
C ALA E 28 -21.09 -7.92 7.89
N VAL E 29 -19.86 -7.47 7.63
CA VAL E 29 -19.37 -7.23 6.29
C VAL E 29 -18.49 -8.41 5.89
N LEU E 30 -18.97 -9.21 4.95
CA LEU E 30 -18.34 -10.44 4.54
C LEU E 30 -17.43 -10.16 3.36
N LYS E 31 -16.15 -10.55 3.48
CA LYS E 31 -15.14 -10.22 2.47
C LYS E 31 -14.13 -11.37 2.35
N SER E 32 -13.45 -11.41 1.20
CA SER E 32 -12.30 -12.28 0.98
C SER E 32 -11.25 -11.41 0.30
N HIS E 33 -10.13 -11.98 -0.16
CA HIS E 33 -9.00 -11.15 -0.59
C HIS E 33 -9.30 -10.35 -1.85
N TYR E 34 -10.20 -10.84 -2.68
CA TYR E 34 -10.55 -10.16 -3.93
C TYR E 34 -11.70 -9.16 -3.78
N SER E 35 -12.20 -8.91 -2.57
CA SER E 35 -13.25 -7.92 -2.34
C SER E 35 -12.70 -6.52 -2.57
N ASP E 36 -13.52 -5.64 -3.18
CA ASP E 36 -13.11 -4.24 -3.34
C ASP E 36 -12.92 -3.58 -1.98
N PRO E 37 -11.69 -3.22 -1.60
CA PRO E 37 -11.48 -2.65 -0.26
C PRO E 37 -12.18 -1.30 -0.04
N ARG E 38 -12.46 -0.54 -1.09
CA ARG E 38 -13.15 0.73 -0.89
C ARG E 38 -14.59 0.51 -0.50
N THR E 39 -15.21 -0.52 -1.08
CA THR E 39 -16.60 -0.83 -0.75
C THR E 39 -16.71 -1.43 0.65
N VAL E 40 -15.79 -2.34 1.01
CA VAL E 40 -15.70 -2.85 2.37
C VAL E 40 -15.61 -1.71 3.39
N ASN E 41 -14.65 -0.81 3.20
N ASN E 41 -14.65 -0.81 3.20
CA ASN E 41 -14.45 0.26 4.15
CA ASN E 41 -14.44 0.29 4.13
C ASN E 41 -15.68 1.17 4.22
C ASN E 41 -15.68 1.17 4.22
N ALA E 42 -16.26 1.53 3.07
CA ALA E 42 -17.46 2.35 3.06
C ALA E 42 -18.60 1.69 3.82
N ALA E 43 -18.72 0.35 3.71
CA ALA E 43 -19.79 -0.35 4.42
C ALA E 43 -19.53 -0.35 5.91
N MET E 44 -18.30 -0.66 6.33
CA MET E 44 -17.93 -0.58 7.74
C MET E 44 -18.18 0.82 8.31
N GLU E 45 -17.71 1.86 7.62
N GLU E 45 -17.69 1.86 7.65
CA GLU E 45 -17.84 3.22 8.13
CA GLU E 45 -17.87 3.21 8.17
C GLU E 45 -19.30 3.69 8.15
C GLU E 45 -19.34 3.60 8.21
N ALA E 46 -20.08 3.35 7.12
CA ALA E 46 -21.49 3.72 7.11
C ALA E 46 -22.24 3.06 8.26
N ALA E 47 -21.96 1.77 8.52
CA ALA E 47 -22.68 1.12 9.61
C ALA E 47 -22.31 1.73 10.96
N GLN E 48 -21.05 2.12 11.15
CA GLN E 48 -20.63 2.79 12.39
C GLN E 48 -21.28 4.15 12.55
N ARG E 49 -21.44 4.88 11.44
CA ARG E 49 -22.14 6.16 11.51
C ARG E 49 -23.62 5.99 11.87
N LEU E 50 -24.25 4.89 11.43
CA LEU E 50 -25.63 4.66 11.85
C LEU E 50 -25.71 4.06 13.25
N LYS E 51 -24.58 3.99 13.93
CA LYS E 51 -24.46 3.51 15.31
C LYS E 51 -24.78 2.03 15.43
N ALA E 52 -24.67 1.27 14.34
CA ALA E 52 -24.88 -0.16 14.46
C ALA E 52 -23.64 -0.82 15.07
N LYS E 53 -23.81 -2.06 15.52
CA LYS E 53 -22.67 -2.85 15.97
C LYS E 53 -22.14 -3.60 14.75
N VAL E 54 -20.92 -3.29 14.34
CA VAL E 54 -20.44 -3.80 13.06
C VAL E 54 -19.10 -4.52 13.24
N TYR E 55 -18.89 -5.55 12.41
CA TYR E 55 -17.62 -6.25 12.30
C TYR E 55 -17.51 -6.81 10.89
N ALA E 56 -16.29 -7.08 10.45
CA ALA E 56 -16.04 -7.75 9.19
C ALA E 56 -15.69 -9.22 9.45
N VAL E 57 -16.12 -10.09 8.54
CA VAL E 57 -15.73 -11.49 8.53
C VAL E 57 -14.99 -11.74 7.22
N GLU E 58 -13.75 -12.23 7.33
CA GLU E 58 -12.92 -12.47 6.16
C GLU E 58 -12.70 -13.97 5.99
N LEU E 59 -13.04 -14.50 4.81
CA LEU E 59 -12.85 -15.91 4.53
C LEU E 59 -11.74 -16.11 3.49
N PRO E 60 -10.96 -17.18 3.61
CA PRO E 60 -10.08 -17.56 2.50
C PRO E 60 -10.89 -17.86 1.25
N ALA E 61 -10.43 -17.33 0.11
CA ALA E 61 -11.10 -17.59 -1.17
C ALA E 61 -11.20 -19.08 -1.45
N PHE E 62 -12.30 -19.46 -2.10
CA PHE E 62 -12.53 -20.83 -2.51
C PHE E 62 -12.40 -20.92 -4.03
N ASN E 63 -11.70 -21.94 -4.51
CA ASN E 63 -11.41 -22.05 -5.93
C ASN E 63 -12.02 -23.31 -6.51
N HIS E 64 -12.80 -23.13 -7.57
CA HIS E 64 -13.30 -24.25 -8.35
C HIS E 64 -12.27 -24.57 -9.43
N PRO E 65 -11.55 -25.69 -9.35
CA PRO E 65 -10.48 -25.96 -10.33
C PRO E 65 -10.90 -25.87 -11.79
N THR E 66 -12.13 -26.26 -12.14
CA THR E 66 -12.53 -26.25 -13.54
C THR E 66 -13.23 -24.96 -13.97
N ALA E 67 -13.40 -23.99 -13.08
CA ALA E 67 -14.05 -22.75 -13.45
C ALA E 67 -13.12 -21.90 -14.33
N MET E 68 -13.67 -21.34 -15.40
CA MET E 68 -12.94 -20.45 -16.29
C MET E 68 -13.42 -19.02 -16.08
N GLY E 69 -12.47 -18.07 -16.18
CA GLY E 69 -12.77 -16.65 -16.04
C GLY E 69 -12.98 -16.21 -14.60
N ASN E 70 -13.13 -14.89 -14.43
CA ASN E 70 -13.21 -14.26 -13.12
C ASN E 70 -14.62 -13.84 -12.69
N ASP E 71 -15.66 -14.23 -13.43
CA ASP E 71 -17.04 -13.91 -13.02
C ASP E 71 -17.50 -14.90 -11.95
N MET E 72 -17.96 -14.39 -10.82
CA MET E 72 -18.32 -15.33 -9.77
C MET E 72 -19.66 -16.01 -9.98
N THR E 73 -20.47 -15.59 -10.97
CA THR E 73 -21.72 -16.29 -11.26
C THR E 73 -21.56 -17.46 -12.23
N ALA E 74 -20.37 -17.71 -12.76
CA ALA E 74 -20.24 -18.69 -13.83
C ALA E 74 -20.09 -20.12 -13.33
N TYR E 75 -19.62 -20.32 -12.10
CA TYR E 75 -19.52 -21.65 -11.50
C TYR E 75 -20.24 -21.62 -10.15
N CYS E 76 -21.45 -22.17 -10.12
CA CYS E 76 -22.27 -22.23 -8.90
C CYS E 76 -22.13 -23.61 -8.24
N GLY E 77 -21.19 -23.71 -7.31
CA GLY E 77 -21.01 -24.92 -6.54
C GLY E 77 -20.73 -24.60 -5.09
N ASP E 78 -19.73 -25.26 -4.51
CA ASP E 78 -19.31 -24.92 -3.16
C ASP E 78 -18.83 -23.46 -3.12
N THR E 79 -18.97 -22.86 -1.95
CA THR E 79 -18.44 -21.53 -1.67
C THR E 79 -17.40 -21.64 -0.54
N ALA E 80 -16.77 -20.52 -0.22
CA ALA E 80 -15.88 -20.45 0.93
C ALA E 80 -16.58 -20.77 2.24
N LEU E 81 -17.92 -20.72 2.28
CA LEU E 81 -18.66 -21.12 3.46
C LEU E 81 -18.75 -22.63 3.60
N THR E 82 -18.62 -23.35 2.50
CA THR E 82 -18.87 -24.80 2.52
C THR E 82 -17.92 -25.48 3.48
N GLY E 83 -18.46 -26.26 4.40
CA GLY E 83 -17.66 -26.91 5.41
C GLY E 83 -17.07 -26.00 6.47
N ASN E 84 -17.35 -24.70 6.46
CA ASN E 84 -16.87 -23.79 7.51
C ASN E 84 -18.09 -23.34 8.32
N LEU E 85 -18.56 -24.25 9.18
CA LEU E 85 -19.78 -23.98 9.92
C LEU E 85 -19.56 -22.86 10.94
N ALA E 86 -18.36 -22.73 11.49
CA ALA E 86 -18.09 -21.64 12.43
C ALA E 86 -18.20 -20.28 11.76
N ALA E 87 -17.70 -20.14 10.54
CA ALA E 87 -17.84 -18.85 9.87
C ALA E 87 -19.30 -18.58 9.50
N GLN E 88 -20.07 -19.63 9.22
CA GLN E 88 -21.51 -19.46 8.98
C GLN E 88 -22.24 -18.94 10.23
N ARG E 89 -21.93 -19.52 11.40
CA ARG E 89 -22.47 -19.00 12.66
C ARG E 89 -22.07 -17.55 12.88
N ALA E 90 -20.81 -17.22 12.55
CA ALA E 90 -20.36 -15.83 12.72
C ALA E 90 -21.24 -14.86 11.95
N LEU E 91 -21.70 -15.27 10.77
CA LEU E 91 -22.56 -14.41 9.96
C LEU E 91 -24.00 -14.43 10.47
N GLU E 92 -24.51 -15.61 10.86
CA GLU E 92 -25.84 -15.75 11.42
C GLU E 92 -26.04 -14.95 12.69
N ALA E 93 -24.97 -14.61 13.39
CA ALA E 93 -25.14 -13.82 14.60
C ALA E 93 -25.49 -12.37 14.28
N ALA E 94 -25.24 -11.92 13.06
CA ALA E 94 -25.60 -10.56 12.67
C ALA E 94 -27.05 -10.49 12.18
N ASP E 95 -27.62 -9.28 12.27
CA ASP E 95 -28.94 -9.05 11.72
C ASP E 95 -28.90 -8.89 10.21
N LEU E 96 -27.86 -8.25 9.70
CA LEU E 96 -27.70 -7.98 8.28
C LEU E 96 -26.26 -8.31 7.91
N VAL E 97 -26.10 -9.04 6.80
CA VAL E 97 -24.79 -9.32 6.20
C VAL E 97 -24.66 -8.48 4.96
N VAL E 98 -23.59 -7.70 4.86
CA VAL E 98 -23.21 -7.05 3.61
C VAL E 98 -22.24 -7.99 2.91
N ASP E 99 -22.69 -8.63 1.83
CA ASP E 99 -21.90 -9.63 1.12
C ASP E 99 -21.08 -8.95 0.02
N THR E 100 -19.77 -8.82 0.23
CA THR E 100 -18.90 -8.31 -0.83
C THR E 100 -18.08 -9.39 -1.50
N MET E 101 -18.42 -10.68 -1.30
CA MET E 101 -17.68 -11.76 -1.93
C MET E 101 -18.57 -12.78 -2.63
N MET E 102 -19.90 -12.67 -2.48
CA MET E 102 -20.89 -13.37 -3.30
C MET E 102 -21.12 -14.82 -2.86
N LEU E 103 -22.31 -15.07 -2.30
CA LEU E 103 -22.75 -16.38 -1.83
C LEU E 103 -24.00 -16.90 -2.51
N LEU E 104 -24.71 -16.07 -3.28
CA LEU E 104 -26.00 -16.47 -3.83
C LEU E 104 -25.91 -17.82 -4.53
N HIS E 105 -27.05 -18.51 -4.56
CA HIS E 105 -27.25 -19.82 -5.17
C HIS E 105 -26.71 -20.96 -4.32
N SER E 106 -26.45 -20.74 -3.03
CA SER E 106 -25.83 -21.84 -2.30
C SER E 106 -26.59 -22.14 -1.03
N PRO E 107 -26.55 -23.41 -0.57
CA PRO E 107 -27.38 -23.78 0.59
C PRO E 107 -27.02 -23.04 1.86
N GLU E 108 -25.76 -22.62 2.02
CA GLU E 108 -25.36 -21.96 3.26
C GLU E 108 -26.06 -20.62 3.41
N GLN E 109 -26.18 -19.89 2.31
CA GLN E 109 -26.92 -18.63 2.31
C GLN E 109 -28.38 -18.86 2.73
N GLU E 110 -28.99 -19.96 2.28
CA GLU E 110 -30.39 -20.19 2.63
C GLU E 110 -30.55 -20.51 4.11
N GLN E 111 -29.62 -21.28 4.68
CA GLN E 111 -29.68 -21.55 6.11
C GLN E 111 -29.43 -20.28 6.92
N ILE E 112 -28.63 -19.35 6.40
CA ILE E 112 -28.42 -18.08 7.07
C ILE E 112 -29.71 -17.27 7.06
N LEU E 113 -30.38 -17.22 5.90
CA LEU E 113 -31.64 -16.51 5.80
C LEU E 113 -32.72 -17.11 6.72
N LYS E 114 -32.68 -18.42 6.94
CA LYS E 114 -33.71 -19.03 7.76
C LYS E 114 -33.57 -18.66 9.24
N THR E 115 -32.43 -18.12 9.64
CA THR E 115 -32.29 -17.65 11.01
C THR E 115 -32.86 -16.26 11.21
N GLY E 116 -33.41 -15.63 10.17
CA GLY E 116 -33.87 -14.26 10.25
C GLY E 116 -32.85 -13.24 9.80
N THR E 117 -31.58 -13.62 9.66
CA THR E 117 -30.58 -12.73 9.09
C THR E 117 -30.96 -12.34 7.67
N ARG E 118 -30.71 -11.08 7.31
CA ARG E 118 -30.98 -10.62 5.96
C ARG E 118 -29.66 -10.27 5.29
N ILE E 119 -29.57 -10.42 3.97
CA ILE E 119 -28.29 -10.33 3.28
C ILE E 119 -28.42 -9.34 2.12
N LEU E 120 -27.45 -8.43 2.01
CA LEU E 120 -27.38 -7.48 0.90
C LEU E 120 -26.08 -7.71 0.13
N LEU E 121 -26.20 -8.19 -1.09
CA LEU E 121 -25.05 -8.34 -1.95
C LEU E 121 -24.66 -6.99 -2.52
N ALA E 122 -23.36 -6.69 -2.52
CA ALA E 122 -22.86 -5.44 -3.10
C ALA E 122 -21.45 -5.70 -3.62
N VAL E 123 -21.33 -5.91 -4.96
CA VAL E 123 -20.07 -6.31 -5.57
C VAL E 123 -19.79 -5.53 -6.85
N GLU E 124 -20.79 -4.86 -7.42
CA GLU E 124 -20.57 -4.06 -8.62
C GLU E 124 -19.67 -2.84 -8.34
N PRO E 125 -19.09 -2.26 -9.39
CA PRO E 125 -18.23 -1.08 -9.19
C PRO E 125 -18.98 0.07 -8.54
N PRO E 126 -18.27 0.91 -7.77
CA PRO E 126 -18.91 2.07 -7.13
C PRO E 126 -19.72 2.95 -8.07
N GLU E 127 -19.25 3.17 -9.30
CA GLU E 127 -19.98 4.03 -10.23
C GLU E 127 -21.28 3.37 -10.67
N VAL E 128 -21.29 2.05 -10.81
CA VAL E 128 -22.52 1.35 -11.15
C VAL E 128 -23.48 1.40 -9.97
N LEU E 129 -22.94 1.25 -8.75
CA LEU E 129 -23.77 1.35 -7.55
C LEU E 129 -24.43 2.72 -7.43
N ALA E 130 -23.74 3.79 -7.84
CA ALA E 130 -24.35 5.11 -7.76
C ALA E 130 -25.38 5.33 -8.88
N ARG E 131 -25.11 4.81 -10.08
CA ARG E 131 -26.07 5.01 -11.17
C ARG E 131 -27.41 4.35 -10.85
N MET E 132 -27.37 3.26 -10.10
CA MET E 132 -28.58 2.56 -9.71
C MET E 132 -28.74 2.55 -8.18
N LEU E 133 -28.48 3.68 -7.54
CA LEU E 133 -28.73 3.80 -6.11
C LEU E 133 -30.20 3.50 -5.82
N PRO E 134 -30.49 2.53 -4.94
CA PRO E 134 -31.88 2.09 -4.74
C PRO E 134 -32.76 3.18 -4.16
N THR E 135 -34.04 3.10 -4.51
CA THR E 135 -35.08 3.97 -3.98
C THR E 135 -36.24 3.13 -3.45
N GLU E 136 -37.04 3.74 -2.57
CA GLU E 136 -38.31 3.13 -2.18
C GLU E 136 -39.27 3.01 -3.35
N ASP E 137 -39.16 3.92 -4.32
CA ASP E 137 -40.05 3.85 -5.46
C ASP E 137 -39.73 2.65 -6.35
N ASP E 138 -38.46 2.26 -6.44
CA ASP E 138 -38.15 1.03 -7.16
C ASP E 138 -38.79 -0.16 -6.45
N LYS E 139 -38.71 -0.21 -5.13
CA LYS E 139 -39.33 -1.32 -4.40
C LYS E 139 -40.81 -1.39 -4.71
N ARG E 140 -41.50 -0.25 -4.62
CA ARG E 140 -42.94 -0.23 -4.86
C ARG E 140 -43.29 -0.73 -6.25
N ARG E 141 -42.48 -0.38 -7.25
CA ARG E 141 -42.77 -0.84 -8.60
C ARG E 141 -42.53 -2.34 -8.72
N VAL E 142 -41.45 -2.83 -8.12
CA VAL E 142 -41.19 -4.26 -8.21
C VAL E 142 -42.27 -5.05 -7.50
N LEU E 143 -42.70 -4.58 -6.31
CA LEU E 143 -43.72 -5.30 -5.55
C LEU E 143 -45.06 -5.33 -6.29
N ALA E 144 -45.36 -4.28 -7.04
CA ALA E 144 -46.58 -4.28 -7.84
C ALA E 144 -46.54 -5.39 -8.89
N ALA E 145 -45.40 -5.55 -9.55
CA ALA E 145 -45.28 -6.65 -10.51
C ALA E 145 -45.30 -7.99 -9.80
N GLU E 146 -44.71 -8.05 -8.60
CA GLU E 146 -44.76 -9.30 -7.85
C GLU E 146 -46.19 -9.76 -7.61
N THR E 147 -47.08 -8.83 -7.21
CA THR E 147 -48.47 -9.18 -6.97
C THR E 147 -49.09 -9.86 -8.18
N LEU E 148 -48.80 -9.34 -9.38
CA LEU E 148 -49.34 -10.00 -10.57
C LEU E 148 -48.70 -11.36 -10.78
N LEU E 149 -47.37 -11.46 -10.62
CA LEU E 149 -46.68 -12.71 -10.94
C LEU E 149 -47.11 -13.85 -10.02
N LYS E 150 -47.35 -13.56 -8.73
CA LYS E 150 -47.71 -14.62 -7.80
C LYS E 150 -49.07 -15.24 -8.12
N GLN E 151 -49.96 -14.49 -8.79
CA GLN E 151 -51.25 -15.02 -9.21
C GLN E 151 -51.18 -15.81 -10.52
N ALA E 152 -50.11 -15.63 -11.30
CA ALA E 152 -50.06 -16.22 -12.63
C ALA E 152 -49.80 -17.72 -12.55
N ARG E 153 -50.35 -18.44 -13.52
CA ARG E 153 -50.08 -19.86 -13.62
C ARG E 153 -49.50 -20.24 -14.98
N SER E 154 -49.24 -19.28 -15.85
CA SER E 154 -48.39 -19.54 -17.00
C SER E 154 -47.67 -18.24 -17.36
N LEU E 155 -46.50 -18.41 -17.98
CA LEU E 155 -45.73 -17.31 -18.54
C LEU E 155 -45.47 -17.65 -20.01
N HIS E 156 -45.52 -16.63 -20.86
N HIS E 156 -45.54 -16.63 -20.86
CA HIS E 156 -45.33 -16.82 -22.29
CA HIS E 156 -45.36 -16.81 -22.30
C HIS E 156 -44.54 -15.67 -22.88
C HIS E 156 -44.53 -15.67 -22.87
N VAL E 157 -43.63 -15.99 -23.81
CA VAL E 157 -42.78 -15.00 -24.45
C VAL E 157 -42.83 -15.19 -25.96
N ARG E 158 -43.11 -14.11 -26.69
CA ARG E 158 -43.04 -14.07 -28.14
C ARG E 158 -42.17 -12.90 -28.60
N SER E 159 -41.53 -13.07 -29.75
CA SER E 159 -40.70 -12.03 -30.33
C SER E 159 -40.75 -12.15 -31.84
N LYS E 160 -40.64 -11.01 -32.52
CA LYS E 160 -40.60 -11.01 -33.98
C LYS E 160 -39.38 -11.75 -34.50
N ALA E 161 -38.30 -11.78 -33.72
CA ALA E 161 -37.12 -12.54 -34.08
C ALA E 161 -37.36 -14.05 -34.06
N GLY E 162 -38.42 -14.50 -33.39
CA GLY E 162 -38.77 -15.90 -33.45
C GLY E 162 -39.03 -16.63 -32.14
N SER E 163 -38.94 -15.96 -30.99
CA SER E 163 -39.22 -16.67 -29.73
C SER E 163 -40.70 -17.04 -29.60
N ASP E 164 -40.94 -18.20 -29.00
CA ASP E 164 -42.29 -18.75 -28.79
C ASP E 164 -42.20 -19.76 -27.65
N PHE E 165 -42.27 -19.27 -26.41
CA PHE E 165 -41.84 -20.02 -25.23
C PHE E 165 -42.97 -20.04 -24.21
N HIS E 166 -43.31 -21.23 -23.72
N HIS E 166 -43.28 -21.22 -23.69
CA HIS E 166 -44.37 -21.37 -22.73
CA HIS E 166 -44.38 -21.42 -22.76
C HIS E 166 -43.83 -22.01 -21.46
C HIS E 166 -43.86 -22.04 -21.46
N ALA E 167 -44.23 -21.45 -20.32
CA ALA E 167 -43.83 -22.00 -19.03
C ALA E 167 -44.98 -22.00 -18.03
N PRO E 168 -45.52 -23.18 -17.69
CA PRO E 168 -46.51 -23.24 -16.60
C PRO E 168 -45.88 -22.83 -15.28
N LEU E 169 -46.65 -22.10 -14.48
CA LEU E 169 -46.22 -21.55 -13.19
C LEU E 169 -47.05 -22.16 -12.07
N GLY E 170 -46.74 -21.78 -10.83
CA GLY E 170 -47.50 -22.24 -9.69
C GLY E 170 -46.70 -23.03 -8.68
N GLN E 171 -45.79 -23.88 -9.18
CA GLN E 171 -45.02 -24.74 -8.30
C GLN E 171 -44.08 -23.93 -7.41
N TYR E 172 -43.46 -22.88 -7.96
CA TYR E 172 -42.36 -22.16 -7.34
C TYR E 172 -42.75 -20.71 -7.03
N PRO E 173 -42.18 -20.14 -5.98
CA PRO E 173 -42.55 -18.78 -5.58
C PRO E 173 -41.95 -17.72 -6.50
N ALA E 174 -42.31 -16.47 -6.22
CA ALA E 174 -41.71 -15.32 -6.88
C ALA E 174 -40.59 -14.76 -6.02
N VAL E 175 -39.53 -14.33 -6.69
CA VAL E 175 -38.39 -13.67 -6.07
C VAL E 175 -38.29 -12.25 -6.63
N THR E 176 -38.13 -11.28 -5.75
CA THR E 176 -37.93 -9.89 -6.15
C THR E 176 -36.54 -9.43 -5.76
N GLU E 177 -36.07 -8.41 -6.49
CA GLU E 177 -34.82 -7.70 -6.16
C GLU E 177 -35.06 -6.23 -6.44
N TYR E 178 -35.08 -5.40 -5.38
CA TYR E 178 -35.25 -3.96 -5.55
C TYR E 178 -34.11 -3.17 -4.91
N GLY E 179 -33.06 -3.84 -4.45
CA GLY E 179 -31.82 -3.15 -4.13
C GLY E 179 -31.50 -2.98 -2.66
N TYR E 180 -32.39 -3.35 -1.74
CA TYR E 180 -32.01 -3.25 -0.34
C TYR E 180 -32.67 -4.35 0.46
N ALA E 181 -32.10 -4.61 1.62
CA ALA E 181 -32.41 -5.77 2.45
C ALA E 181 -33.10 -5.27 3.71
N ASP E 182 -34.38 -4.93 3.59
CA ASP E 182 -35.14 -4.41 4.72
C ASP E 182 -35.85 -5.51 5.52
N GLU E 183 -36.48 -6.46 4.86
CA GLU E 183 -37.25 -7.48 5.58
C GLU E 183 -36.32 -8.56 6.14
N PRO E 184 -36.63 -9.12 7.30
CA PRO E 184 -35.76 -10.17 7.86
C PRO E 184 -35.84 -11.45 7.05
N GLY E 185 -34.74 -12.22 7.07
CA GLY E 185 -34.69 -13.51 6.38
C GLY E 185 -34.72 -13.42 4.86
N ARG E 186 -34.40 -12.26 4.29
CA ARG E 186 -34.56 -12.04 2.86
C ARG E 186 -33.26 -11.50 2.27
N TRP E 187 -32.97 -11.91 1.04
CA TRP E 187 -31.78 -11.51 0.32
C TRP E 187 -32.15 -10.51 -0.76
N ASP E 188 -31.22 -9.61 -1.06
CA ASP E 188 -31.37 -8.68 -2.17
C ASP E 188 -29.98 -8.26 -2.63
N HIS E 189 -29.94 -7.51 -3.72
CA HIS E 189 -28.69 -7.19 -4.44
C HIS E 189 -28.73 -5.72 -4.84
N TRP E 190 -27.78 -4.95 -4.34
CA TRP E 190 -27.60 -3.59 -4.80
C TRP E 190 -26.52 -3.61 -5.84
N PRO E 191 -26.81 -3.33 -7.14
CA PRO E 191 -28.07 -2.83 -7.71
C PRO E 191 -28.91 -3.89 -8.40
N SER E 192 -30.21 -3.61 -8.53
CA SER E 192 -31.10 -4.48 -9.30
C SER E 192 -32.40 -3.74 -9.66
N GLY E 193 -33.54 -4.36 -9.40
CA GLY E 193 -34.83 -3.83 -9.84
C GLY E 193 -35.48 -4.70 -10.91
N PHE E 194 -35.77 -5.95 -10.56
CA PHE E 194 -36.42 -6.91 -11.46
C PHE E 194 -36.93 -8.08 -10.62
N LEU E 195 -37.65 -9.00 -11.26
CA LEU E 195 -38.27 -10.09 -10.52
C LEU E 195 -38.37 -11.30 -11.43
N PHE E 196 -38.51 -12.48 -10.82
CA PHE E 196 -38.55 -13.72 -11.58
C PHE E 196 -39.20 -14.81 -10.76
N THR E 197 -39.51 -15.91 -11.43
CA THR E 197 -39.91 -17.16 -10.78
C THR E 197 -39.21 -18.30 -11.52
N TRP E 198 -39.66 -19.53 -11.30
CA TRP E 198 -39.17 -20.68 -12.04
C TRP E 198 -40.36 -21.41 -12.65
N PRO E 199 -40.17 -22.09 -13.79
CA PRO E 199 -41.27 -22.87 -14.38
C PRO E 199 -41.54 -24.14 -13.58
N ASN E 200 -42.76 -24.65 -13.72
CA ASN E 200 -43.09 -25.96 -13.17
C ASN E 200 -42.14 -27.00 -13.73
N GLU E 201 -41.71 -27.93 -12.86
CA GLU E 201 -40.70 -28.91 -13.22
C GLU E 201 -41.08 -29.67 -14.48
N ASP E 202 -40.11 -29.83 -15.37
CA ASP E 202 -40.24 -30.67 -16.56
C ASP E 202 -41.34 -30.21 -17.50
N SER E 203 -41.62 -28.91 -17.56
CA SER E 203 -42.80 -28.41 -18.27
C SER E 203 -42.54 -27.30 -19.29
N ALA E 204 -41.44 -26.56 -19.22
CA ALA E 204 -41.23 -25.44 -20.14
C ALA E 204 -40.91 -25.94 -21.55
N GLU E 205 -41.52 -25.31 -22.56
CA GLU E 205 -41.47 -25.82 -23.92
C GLU E 205 -41.48 -24.65 -24.90
N GLY E 206 -40.96 -24.92 -26.11
CA GLY E 206 -41.01 -23.97 -27.20
C GLY E 206 -39.62 -23.57 -27.67
N THR E 207 -39.53 -22.35 -28.17
CA THR E 207 -38.29 -21.85 -28.75
C THR E 207 -37.98 -20.47 -28.19
N LEU E 208 -36.72 -20.27 -27.82
CA LEU E 208 -36.22 -18.97 -27.38
C LEU E 208 -35.10 -18.57 -28.34
N VAL E 209 -35.24 -17.41 -28.98
CA VAL E 209 -34.30 -16.94 -29.99
C VAL E 209 -33.50 -15.78 -29.41
N LEU E 210 -32.20 -15.98 -29.30
CA LEU E 210 -31.27 -14.89 -29.01
C LEU E 210 -31.04 -14.13 -30.30
N ASP E 211 -31.59 -12.93 -30.39
CA ASP E 211 -31.47 -12.12 -31.57
C ASP E 211 -30.12 -11.39 -31.57
N VAL E 212 -29.76 -10.90 -32.76
CA VAL E 212 -28.63 -9.97 -32.92
C VAL E 212 -28.79 -8.88 -31.87
N GLY E 213 -27.82 -8.72 -31.00
CA GLY E 213 -27.88 -7.72 -29.95
C GLY E 213 -28.27 -8.26 -28.59
N ASP E 214 -28.84 -9.46 -28.50
CA ASP E 214 -29.12 -10.07 -27.21
C ASP E 214 -27.82 -10.59 -26.60
N ILE E 215 -27.86 -10.93 -25.31
CA ILE E 215 -26.66 -11.10 -24.50
C ILE E 215 -26.68 -12.45 -23.78
N ILE E 216 -25.51 -13.08 -23.66
CA ILE E 216 -25.29 -14.22 -22.77
C ILE E 216 -24.34 -13.79 -21.66
N LEU E 217 -24.79 -13.91 -20.41
CA LEU E 217 -23.86 -13.79 -19.30
C LEU E 217 -23.48 -15.17 -18.81
N PRO E 218 -22.21 -15.44 -18.47
CA PRO E 218 -21.14 -14.48 -18.26
C PRO E 218 -20.24 -14.16 -19.48
N PHE E 219 -20.61 -14.64 -20.68
CA PHE E 219 -19.81 -14.34 -21.88
C PHE E 219 -19.64 -12.84 -22.05
N LYS E 220 -20.73 -12.10 -21.84
CA LYS E 220 -20.74 -10.62 -21.93
C LYS E 220 -20.46 -10.15 -23.35
N ASN E 221 -21.13 -10.77 -24.32
CA ASN E 221 -21.06 -10.33 -25.71
C ASN E 221 -22.46 -9.98 -26.19
N TYR E 222 -22.53 -9.01 -27.10
CA TYR E 222 -23.74 -8.82 -27.90
C TYR E 222 -23.70 -9.79 -29.07
N CYS E 223 -24.72 -10.65 -29.19
CA CYS E 223 -24.73 -11.56 -30.34
C CYS E 223 -24.73 -10.81 -31.65
N ARG E 224 -23.86 -11.23 -32.56
CA ARG E 224 -23.85 -10.70 -33.91
C ARG E 224 -24.52 -11.63 -34.90
N GLU E 225 -24.77 -12.88 -34.51
CA GLU E 225 -25.61 -13.82 -35.26
C GLU E 225 -26.60 -14.44 -34.30
N ARG E 226 -27.71 -14.94 -34.83
CA ARG E 226 -28.78 -15.48 -34.00
C ARG E 226 -28.44 -16.86 -33.44
N ILE E 227 -28.90 -17.12 -32.23
CA ILE E 227 -28.91 -18.46 -31.64
C ILE E 227 -30.36 -18.84 -31.41
N THR E 228 -30.73 -20.04 -31.84
CA THR E 228 -32.06 -20.59 -31.60
C THR E 228 -31.95 -21.70 -30.57
N LEU E 229 -32.68 -21.55 -29.46
CA LEU E 229 -32.75 -22.59 -28.43
C LEU E 229 -34.07 -23.33 -28.55
N GLU E 230 -34.01 -24.65 -28.71
CA GLU E 230 -35.18 -25.50 -28.66
C GLU E 230 -35.32 -26.05 -27.25
N ILE E 231 -36.50 -25.93 -26.66
CA ILE E 231 -36.77 -26.34 -25.28
C ILE E 231 -37.91 -27.34 -25.27
N GLU E 232 -37.68 -28.50 -24.67
CA GLU E 232 -38.69 -29.54 -24.53
C GLU E 232 -38.65 -30.06 -23.10
N LYS E 233 -39.79 -30.00 -22.41
CA LYS E 233 -39.93 -30.55 -21.05
C LYS E 233 -38.95 -29.91 -20.08
N GLY E 234 -38.73 -28.60 -20.21
CA GLY E 234 -37.90 -27.85 -19.29
C GLY E 234 -36.41 -27.82 -19.59
N PHE E 235 -35.97 -28.44 -20.69
CA PHE E 235 -34.56 -28.54 -21.01
C PHE E 235 -34.31 -28.07 -22.43
N ILE E 236 -33.21 -27.34 -22.63
CA ILE E 236 -32.73 -27.06 -23.97
C ILE E 236 -32.34 -28.38 -24.64
N THR E 237 -32.91 -28.67 -25.80
CA THR E 237 -32.53 -29.85 -26.56
C THR E 237 -31.93 -29.52 -27.93
N GLY E 238 -31.76 -28.24 -28.24
CA GLY E 238 -31.24 -27.83 -29.53
C GLY E 238 -30.64 -26.43 -29.49
N ILE E 239 -29.45 -26.27 -30.06
CA ILE E 239 -28.71 -25.01 -30.09
C ILE E 239 -28.16 -24.82 -31.49
N HIS E 240 -28.73 -23.88 -32.23
CA HIS E 240 -28.43 -23.72 -33.65
C HIS E 240 -28.16 -22.26 -33.96
N GLY E 241 -27.21 -22.04 -34.85
CA GLY E 241 -26.90 -20.71 -35.32
C GLY E 241 -25.47 -20.66 -35.85
N GLY E 242 -24.83 -19.53 -35.60
CA GLY E 242 -23.50 -19.27 -36.13
C GLY E 242 -22.40 -19.55 -35.11
N PHE E 243 -21.40 -18.67 -35.12
CA PHE E 243 -20.26 -18.87 -34.24
C PHE E 243 -20.68 -18.86 -32.78
N GLU E 244 -21.55 -17.92 -32.40
CA GLU E 244 -22.00 -17.85 -31.02
C GLU E 244 -22.68 -19.15 -30.59
N ALA E 245 -23.40 -19.81 -31.51
CA ALA E 245 -24.05 -21.07 -31.17
C ALA E 245 -23.02 -22.16 -30.93
N GLU E 246 -22.00 -22.23 -31.80
CA GLU E 246 -20.95 -23.21 -31.59
C GLU E 246 -20.21 -22.96 -30.28
N TYR E 247 -19.88 -21.68 -30.02
CA TYR E 247 -19.20 -21.35 -28.78
C TYR E 247 -20.04 -21.77 -27.58
N LEU E 248 -21.34 -21.45 -27.60
CA LEU E 248 -22.23 -21.81 -26.51
C LEU E 248 -22.33 -23.32 -26.36
N ARG E 249 -22.47 -24.04 -27.48
CA ARG E 249 -22.50 -25.50 -27.44
C ARG E 249 -21.23 -26.05 -26.81
N ASP E 250 -20.07 -25.57 -27.26
CA ASP E 250 -18.80 -26.03 -26.73
C ASP E 250 -18.68 -25.75 -25.22
N TYR E 251 -19.10 -24.55 -24.81
CA TYR E 251 -18.93 -24.18 -23.40
C TYR E 251 -19.80 -25.04 -22.49
N MET E 252 -21.07 -25.28 -22.89
CA MET E 252 -21.97 -26.07 -22.06
C MET E 252 -21.55 -27.53 -22.01
N LYS E 253 -21.03 -28.07 -23.12
CA LYS E 253 -20.60 -29.45 -23.18
C LYS E 253 -19.39 -29.71 -22.28
N TYR E 254 -18.60 -28.67 -22.01
CA TYR E 254 -17.41 -28.80 -21.19
C TYR E 254 -17.72 -29.27 -19.77
N PHE E 255 -18.90 -28.94 -19.24
CA PHE E 255 -19.20 -29.33 -17.87
C PHE E 255 -19.61 -30.79 -17.75
N ASN E 256 -19.86 -31.46 -18.86
CA ASN E 256 -20.16 -32.89 -18.88
C ASN E 256 -21.22 -33.25 -17.83
N ASP E 257 -22.39 -32.67 -18.01
CA ASP E 257 -23.49 -32.75 -17.06
C ASP E 257 -24.77 -32.35 -17.78
N PRO E 258 -25.73 -33.27 -17.94
CA PRO E 258 -26.95 -32.93 -18.68
C PRO E 258 -27.82 -31.90 -17.97
N GLU E 259 -27.59 -31.66 -16.67
CA GLU E 259 -28.39 -30.68 -15.95
C GLU E 259 -28.12 -29.26 -16.39
N VAL E 260 -27.06 -29.00 -17.16
CA VAL E 260 -26.77 -27.62 -17.53
C VAL E 260 -27.78 -27.06 -18.53
N TYR E 261 -28.51 -27.93 -19.22
CA TYR E 261 -29.49 -27.51 -20.22
C TYR E 261 -30.86 -27.21 -19.63
N GLY E 262 -31.02 -27.36 -18.31
CA GLY E 262 -32.31 -27.12 -17.70
C GLY E 262 -32.58 -25.63 -17.56
N ILE E 263 -33.80 -25.24 -17.95
CA ILE E 263 -34.23 -23.85 -17.76
C ILE E 263 -34.51 -23.61 -16.29
N SER E 264 -33.92 -22.54 -15.73
CA SER E 264 -34.16 -22.19 -14.34
C SER E 264 -35.05 -20.96 -14.25
N HIS E 265 -34.54 -19.82 -13.76
CA HIS E 265 -35.45 -18.72 -13.46
C HIS E 265 -35.80 -17.89 -14.72
N ILE E 266 -36.99 -17.31 -14.68
CA ILE E 266 -37.60 -16.59 -15.80
C ILE E 266 -38.32 -15.37 -15.23
N GLY E 267 -38.22 -14.24 -15.91
CA GLY E 267 -38.79 -13.01 -15.39
C GLY E 267 -38.53 -11.84 -16.31
N TRP E 268 -38.76 -10.62 -15.81
CA TRP E 268 -38.57 -9.44 -16.64
C TRP E 268 -37.97 -8.29 -15.84
N GLY E 269 -37.38 -7.34 -16.55
CA GLY E 269 -36.63 -6.27 -15.89
C GLY E 269 -37.49 -5.04 -15.64
N LEU E 270 -37.19 -4.35 -14.53
CA LEU E 270 -37.92 -3.14 -14.19
C LEU E 270 -37.00 -1.98 -13.79
N GLN E 271 -35.73 -2.02 -14.17
CA GLN E 271 -34.78 -0.98 -13.80
C GLN E 271 -34.50 -0.03 -14.99
N PRO E 272 -35.14 1.13 -15.09
CA PRO E 272 -34.84 2.04 -16.21
C PRO E 272 -33.52 2.76 -16.08
N ARG E 273 -32.90 2.74 -14.90
CA ARG E 273 -31.56 3.31 -14.78
C ARG E 273 -30.47 2.33 -15.16
N ALA E 274 -30.80 1.04 -15.31
CA ALA E 274 -29.97 0.04 -15.98
C ALA E 274 -30.14 0.14 -17.50
N GLN E 275 -29.06 -0.13 -18.22
CA GLN E 275 -29.00 0.14 -19.65
C GLN E 275 -28.45 -1.06 -20.43
N TRP E 276 -29.12 -1.41 -21.52
CA TRP E 276 -28.65 -2.49 -22.38
C TRP E 276 -27.32 -2.15 -23.03
N THR E 277 -27.05 -0.86 -23.29
CA THR E 277 -25.77 -0.47 -23.86
C THR E 277 -24.61 -0.51 -22.86
N ALA E 278 -24.87 -0.61 -21.55
CA ALA E 278 -23.81 -0.39 -20.58
C ALA E 278 -22.71 -1.45 -20.68
N MET E 279 -23.07 -2.69 -21.02
CA MET E 279 -22.09 -3.78 -21.06
C MET E 279 -20.93 -3.47 -22.01
N GLY E 280 -21.21 -2.81 -23.13
CA GLY E 280 -20.17 -2.50 -24.11
C GLY E 280 -19.20 -1.43 -23.67
N LEU E 281 -19.38 -0.86 -22.48
CA LEU E 281 -18.52 0.18 -21.96
C LEU E 281 -17.69 -0.32 -20.81
N HIS E 282 -17.72 -1.63 -20.55
CA HIS E 282 -17.01 -2.23 -19.46
C HIS E 282 -16.15 -3.36 -19.96
N ASP E 283 -15.02 -3.59 -19.27
CA ASP E 283 -14.25 -4.80 -19.46
C ASP E 283 -14.91 -5.94 -18.68
N ARG E 284 -14.56 -7.18 -19.03
CA ARG E 284 -15.23 -8.35 -18.47
C ARG E 284 -15.00 -8.49 -16.96
N ASN E 285 -13.83 -8.10 -16.46
CA ASN E 285 -13.54 -8.25 -15.04
C ASN E 285 -14.07 -7.12 -14.16
N ASP E 286 -14.73 -6.11 -14.73
CA ASP E 286 -15.30 -5.03 -13.93
C ASP E 286 -16.36 -5.54 -12.95
N GLY E 287 -17.18 -6.49 -13.38
CA GLY E 287 -18.25 -7.00 -12.53
C GLY E 287 -19.04 -8.05 -13.29
N MET E 288 -20.23 -8.34 -12.80
CA MET E 288 -21.08 -9.34 -13.42
C MET E 288 -22.10 -8.75 -14.38
N CYS E 289 -22.08 -7.43 -14.60
CA CYS E 289 -23.00 -6.72 -15.51
C CYS E 289 -24.47 -6.93 -15.09
N MET E 290 -24.79 -6.31 -13.95
CA MET E 290 -26.17 -6.22 -13.51
C MET E 290 -27.02 -5.38 -14.46
N ASP E 291 -26.42 -4.47 -15.24
CA ASP E 291 -27.20 -3.70 -16.19
C ASP E 291 -27.96 -4.62 -17.14
N ALA E 292 -27.29 -5.66 -17.63
CA ALA E 292 -27.90 -6.55 -18.59
C ALA E 292 -29.03 -7.36 -17.97
N ARG E 293 -28.89 -7.72 -16.70
CA ARG E 293 -29.96 -8.49 -16.04
C ARG E 293 -31.19 -7.64 -15.78
N ALA E 294 -31.00 -6.37 -15.42
CA ALA E 294 -32.09 -5.58 -14.85
C ALA E 294 -32.76 -4.61 -15.80
N PHE E 295 -32.30 -4.47 -17.04
CA PHE E 295 -32.79 -3.31 -17.80
C PHE E 295 -34.27 -3.46 -18.14
N TYR E 296 -34.93 -2.32 -18.12
CA TYR E 296 -36.37 -2.21 -18.14
C TYR E 296 -36.95 -2.87 -19.38
N GLY E 297 -37.89 -3.81 -19.16
CA GLY E 297 -38.56 -4.48 -20.25
C GLY E 297 -37.85 -5.68 -20.82
N ASN E 298 -36.69 -6.05 -20.33
CA ASN E 298 -36.08 -7.26 -20.86
C ASN E 298 -36.89 -8.49 -20.44
N PHE E 299 -36.70 -9.58 -21.17
CA PHE E 299 -37.02 -10.91 -20.66
C PHE E 299 -35.70 -11.60 -20.32
N LEU E 300 -35.58 -12.07 -19.08
CA LEU E 300 -34.38 -12.72 -18.60
C LEU E 300 -34.71 -14.17 -18.28
N PHE E 301 -34.03 -15.09 -18.93
CA PHE E 301 -34.08 -16.48 -18.51
C PHE E 301 -32.67 -16.94 -18.17
N SER E 302 -32.62 -18.16 -17.64
CA SER E 302 -31.42 -18.70 -17.04
C SER E 302 -31.43 -20.22 -17.19
N THR E 303 -30.23 -20.80 -17.14
CA THR E 303 -30.03 -22.23 -17.23
C THR E 303 -29.29 -22.72 -16.00
N GLY E 304 -29.32 -24.03 -15.79
CA GLY E 304 -28.46 -24.66 -14.81
C GLY E 304 -29.13 -24.99 -13.48
N PRO E 305 -28.52 -24.58 -12.38
CA PRO E 305 -29.02 -24.96 -11.06
C PRO E 305 -30.37 -24.33 -10.74
N ASN E 306 -31.16 -25.07 -9.95
CA ASN E 306 -32.45 -24.58 -9.45
C ASN E 306 -32.73 -25.09 -8.04
N THR E 307 -31.71 -25.55 -7.31
CA THR E 307 -31.91 -26.03 -5.95
C THR E 307 -32.06 -24.92 -4.92
N GLU E 308 -31.82 -23.66 -5.30
CA GLU E 308 -32.07 -22.56 -4.38
C GLU E 308 -33.55 -22.42 -4.04
N VAL E 309 -34.43 -23.00 -4.85
CA VAL E 309 -35.86 -23.08 -4.55
C VAL E 309 -36.35 -24.52 -4.44
N GLY E 310 -35.43 -25.48 -4.33
CA GLY E 310 -35.82 -26.86 -4.14
C GLY E 310 -35.98 -27.68 -5.40
N GLY E 311 -35.27 -27.34 -6.48
CA GLY E 311 -35.31 -28.12 -7.70
C GLY E 311 -34.29 -29.26 -7.68
N LYS E 312 -34.22 -29.97 -8.80
CA LYS E 312 -33.42 -31.20 -8.86
C LYS E 312 -31.96 -30.97 -9.16
N ARG E 313 -31.57 -29.78 -9.60
CA ARG E 313 -30.30 -29.58 -10.29
C ARG E 313 -29.33 -28.76 -9.45
N LYS E 314 -28.21 -29.38 -9.09
CA LYS E 314 -27.09 -28.78 -8.37
C LYS E 314 -26.00 -28.24 -9.29
N THR E 315 -26.12 -28.45 -10.59
CA THR E 315 -25.01 -28.31 -11.53
C THR E 315 -24.42 -26.90 -11.47
N PRO E 316 -23.08 -26.75 -11.64
CA PRO E 316 -22.43 -25.43 -11.47
C PRO E 316 -22.53 -24.51 -12.67
N CYS E 317 -22.70 -25.07 -13.86
CA CYS E 317 -22.78 -24.27 -15.07
C CYS E 317 -24.01 -23.38 -15.03
N HIS E 318 -23.79 -22.08 -15.24
CA HIS E 318 -24.88 -21.15 -15.04
C HIS E 318 -24.81 -20.00 -16.03
N LEU E 319 -25.93 -19.73 -16.70
CA LEU E 319 -26.01 -18.67 -17.69
C LEU E 319 -27.23 -17.80 -17.42
N ASP E 320 -27.07 -16.49 -17.61
CA ASP E 320 -28.17 -15.54 -17.55
C ASP E 320 -28.29 -14.88 -18.92
N ILE E 321 -29.46 -15.00 -19.53
CA ILE E 321 -29.62 -14.54 -20.90
C ILE E 321 -30.78 -13.54 -20.99
N PRO E 322 -30.50 -12.25 -21.17
CA PRO E 322 -31.57 -11.27 -21.40
C PRO E 322 -31.87 -11.06 -22.87
N LEU E 323 -33.17 -10.95 -23.18
CA LEU E 323 -33.68 -10.74 -24.53
C LEU E 323 -34.37 -9.40 -24.63
N ARG E 324 -34.18 -8.72 -25.76
CA ARG E 324 -34.87 -7.47 -26.01
C ARG E 324 -36.10 -7.66 -26.87
N ASN E 325 -36.92 -6.59 -26.93
CA ASN E 325 -38.05 -6.47 -27.85
C ASN E 325 -39.06 -7.60 -27.72
N CYS E 326 -39.29 -8.10 -26.51
CA CYS E 326 -40.11 -9.30 -26.34
C CYS E 326 -41.51 -8.87 -25.95
N ASP E 327 -42.48 -9.75 -26.20
CA ASP E 327 -43.79 -9.68 -25.54
C ASP E 327 -43.78 -10.74 -24.44
N ILE E 328 -44.20 -10.35 -23.25
CA ILE E 328 -44.24 -11.24 -22.10
C ILE E 328 -45.66 -11.24 -21.53
N TYR E 329 -46.29 -12.40 -21.52
CA TYR E 329 -47.65 -12.56 -21.04
C TYR E 329 -47.66 -13.39 -19.75
N LEU E 330 -48.51 -12.99 -18.83
CA LEU E 330 -48.87 -13.80 -17.66
C LEU E 330 -50.31 -14.26 -17.91
N ASP E 331 -50.48 -15.56 -18.10
CA ASP E 331 -51.75 -16.12 -18.57
C ASP E 331 -52.07 -15.41 -19.89
N ASP E 332 -53.20 -14.72 -20.02
CA ASP E 332 -53.53 -14.05 -21.27
C ASP E 332 -53.22 -12.56 -21.27
N LYS E 333 -52.64 -12.03 -20.20
CA LYS E 333 -52.42 -10.60 -20.05
C LYS E 333 -50.94 -10.26 -20.21
N ALA E 334 -50.65 -9.23 -21.00
CA ALA E 334 -49.28 -8.85 -21.31
C ALA E 334 -48.75 -7.92 -20.23
N VAL E 335 -47.57 -8.23 -19.71
CA VAL E 335 -46.89 -7.28 -18.84
C VAL E 335 -45.79 -6.53 -19.59
N VAL E 336 -45.27 -7.09 -20.68
CA VAL E 336 -44.31 -6.39 -21.53
C VAL E 336 -44.75 -6.58 -22.98
N LEU E 337 -44.72 -5.50 -23.76
CA LEU E 337 -45.04 -5.54 -25.18
C LEU E 337 -43.89 -4.90 -25.94
N ALA E 338 -43.24 -5.71 -26.79
CA ALA E 338 -42.13 -5.28 -27.63
C ALA E 338 -41.05 -4.56 -26.81
N GLY E 339 -40.72 -5.14 -25.65
CA GLY E 339 -39.69 -4.58 -24.81
C GLY E 339 -40.10 -3.39 -23.96
N ASP E 340 -41.39 -3.04 -23.93
CA ASP E 340 -41.89 -1.98 -23.08
C ASP E 340 -42.80 -2.55 -22.01
N VAL E 341 -42.62 -2.09 -20.77
CA VAL E 341 -43.46 -2.51 -19.65
C VAL E 341 -44.84 -1.85 -19.79
N VAL E 342 -45.89 -2.67 -19.80
CA VAL E 342 -47.24 -2.15 -19.98
C VAL E 342 -48.13 -2.44 -18.77
N ALA E 343 -47.85 -3.52 -18.04
CA ALA E 343 -48.69 -3.95 -16.93
C ALA E 343 -47.83 -4.56 -15.84
N PRO E 344 -48.16 -4.32 -14.56
CA PRO E 344 -49.23 -3.41 -14.16
C PRO E 344 -48.77 -1.97 -14.27
N GLU E 345 -49.73 -1.05 -14.38
CA GLU E 345 -49.41 0.37 -14.56
C GLU E 345 -48.53 0.90 -13.43
N GLU E 346 -48.81 0.50 -12.20
CA GLU E 346 -48.04 1.03 -11.08
C GLU E 346 -46.60 0.51 -11.06
N SER E 347 -46.23 -0.42 -11.95
CA SER E 347 -44.84 -0.84 -12.09
C SER E 347 -44.07 -0.05 -13.15
N ARG E 348 -44.75 0.77 -13.94
CA ARG E 348 -44.10 1.44 -15.05
C ARG E 348 -43.32 2.66 -14.54
N ALA E 349 -42.33 3.08 -15.34
CA ALA E 349 -41.53 4.24 -14.98
C ALA E 349 -41.44 5.21 -16.14
N PRO F 2 12.28 17.35 6.40
CA PRO F 2 12.46 15.95 5.99
C PRO F 2 12.84 15.83 4.51
N VAL F 3 13.28 14.65 4.05
CA VAL F 3 13.85 14.51 2.72
C VAL F 3 12.78 13.97 1.76
N SER F 4 12.58 14.67 0.64
CA SER F 4 11.62 14.17 -0.34
C SER F 4 12.23 13.01 -1.13
N ASN F 5 11.39 12.30 -1.90
CA ASN F 5 11.88 11.20 -2.73
C ASN F 5 12.84 11.73 -3.81
N ALA F 6 12.50 12.86 -4.43
CA ALA F 6 13.36 13.42 -5.45
C ALA F 6 14.74 13.73 -4.90
N GLN F 7 14.81 14.36 -3.72
CA GLN F 7 16.13 14.66 -3.14
C GLN F 7 16.87 13.37 -2.74
N LEU F 8 16.15 12.40 -2.19
CA LEU F 8 16.79 11.13 -1.83
C LEU F 8 17.47 10.47 -3.04
N THR F 9 16.79 10.48 -4.20
CA THR F 9 17.40 9.93 -5.43
C THR F 9 18.64 10.72 -5.82
N GLN F 10 18.55 12.05 -5.78
CA GLN F 10 19.69 12.89 -6.13
C GLN F 10 20.85 12.65 -5.18
N MET F 11 20.56 12.48 -3.89
CA MET F 11 21.63 12.16 -2.93
C MET F 11 22.33 10.88 -3.32
N PHE F 12 21.58 9.87 -3.77
CA PHE F 12 22.21 8.61 -4.16
C PHE F 12 22.99 8.79 -5.47
N GLU F 13 22.48 9.60 -6.40
CA GLU F 13 23.26 9.96 -7.58
C GLU F 13 24.63 10.51 -7.19
N HIS F 14 24.65 11.38 -6.18
CA HIS F 14 25.91 12.01 -5.78
C HIS F 14 26.85 10.98 -5.15
N VAL F 15 26.36 10.21 -4.20
CA VAL F 15 27.20 9.23 -3.52
C VAL F 15 27.63 8.11 -4.46
N LEU F 16 26.74 7.68 -5.37
CA LEU F 16 27.12 6.62 -6.31
C LEU F 16 28.17 7.11 -7.31
N LYS F 17 28.12 8.39 -7.70
CA LYS F 17 29.19 8.88 -8.55
C LYS F 17 30.50 8.95 -7.79
N LEU F 18 30.48 9.46 -6.55
CA LEU F 18 31.67 9.39 -5.71
C LEU F 18 32.20 7.96 -5.65
N SER F 19 31.29 6.98 -5.61
CA SER F 19 31.66 5.57 -5.63
C SER F 19 32.04 5.05 -7.01
N ARG F 20 32.15 5.91 -8.03
CA ARG F 20 32.60 5.50 -9.38
C ARG F 20 31.58 4.57 -10.06
N VAL F 21 30.30 4.79 -9.84
CA VAL F 21 29.26 4.09 -10.61
C VAL F 21 29.05 4.83 -11.93
N ASP F 22 29.08 4.08 -13.04
CA ASP F 22 28.91 4.68 -14.37
C ASP F 22 28.42 3.62 -15.35
N GLU F 23 28.42 3.98 -16.64
CA GLU F 23 27.98 3.12 -17.74
C GLU F 23 28.52 1.71 -17.64
N THR F 24 29.76 1.57 -17.21
CA THR F 24 30.48 0.32 -17.22
C THR F 24 30.25 -0.51 -15.95
N GLN F 25 29.53 0.01 -14.97
CA GLN F 25 29.42 -0.62 -13.66
C GLN F 25 28.06 -1.27 -13.45
N SER F 26 28.08 -2.38 -12.74
CA SER F 26 26.86 -3.06 -12.34
C SER F 26 26.68 -2.89 -10.84
N VAL F 27 25.43 -2.71 -10.44
CA VAL F 27 25.09 -2.39 -9.07
C VAL F 27 24.04 -3.37 -8.59
N ALA F 28 24.29 -4.02 -7.45
CA ALA F 28 23.29 -4.85 -6.79
C ALA F 28 22.81 -4.13 -5.54
N VAL F 29 21.49 -4.00 -5.40
CA VAL F 29 20.90 -3.39 -4.23
C VAL F 29 20.35 -4.52 -3.36
N LEU F 30 21.01 -4.75 -2.22
CA LEU F 30 20.71 -5.87 -1.34
C LEU F 30 19.70 -5.43 -0.29
N LYS F 31 18.60 -6.18 -0.18
CA LYS F 31 17.50 -5.78 0.69
C LYS F 31 16.82 -7.00 1.32
N SER F 32 16.08 -6.74 2.40
CA SER F 32 15.22 -7.71 3.06
C SER F 32 13.90 -6.99 3.37
N HIS F 33 12.98 -7.69 4.06
CA HIS F 33 11.65 -7.13 4.26
C HIS F 33 11.69 -5.87 5.13
N TYR F 34 12.65 -5.75 6.02
CA TYR F 34 12.74 -4.60 6.90
C TYR F 34 13.57 -3.44 6.33
N SER F 35 14.09 -3.57 5.10
CA SER F 35 14.78 -2.46 4.44
C SER F 35 13.82 -1.31 4.16
N ASP F 36 14.32 -0.09 4.34
CA ASP F 36 13.52 1.10 4.03
C ASP F 36 13.20 1.12 2.54
N PRO F 37 11.93 1.00 2.13
CA PRO F 37 11.62 0.96 0.69
C PRO F 37 11.99 2.24 -0.06
N ARG F 38 11.96 3.41 0.58
CA ARG F 38 12.31 4.64 -0.14
C ARG F 38 13.79 4.68 -0.46
N THR F 39 14.63 4.16 0.42
CA THR F 39 16.07 4.15 0.17
C THR F 39 16.42 3.11 -0.89
N VAL F 40 15.75 1.96 -0.86
CA VAL F 40 15.94 0.97 -1.92
C VAL F 40 15.59 1.56 -3.27
N ASN F 41 14.41 2.17 -3.38
CA ASN F 41 13.98 2.74 -4.66
C ASN F 41 14.91 3.86 -5.10
N ALA F 42 15.29 4.76 -4.19
CA ALA F 42 16.23 5.82 -4.56
C ALA F 42 17.54 5.24 -5.09
N ALA F 43 18.02 4.16 -4.48
CA ALA F 43 19.27 3.58 -4.97
C ALA F 43 19.09 2.95 -6.34
N MET F 44 17.97 2.23 -6.54
CA MET F 44 17.67 1.64 -7.84
C MET F 44 17.62 2.71 -8.94
N GLU F 45 16.84 3.79 -8.72
N GLU F 45 16.84 3.78 -8.72
CA GLU F 45 16.68 4.79 -9.77
CA GLU F 45 16.67 4.80 -9.73
C GLU F 45 17.96 5.61 -9.98
C GLU F 45 17.96 5.58 -9.97
N ALA F 46 18.67 5.97 -8.90
CA ALA F 46 19.92 6.69 -9.08
C ALA F 46 20.90 5.86 -9.90
N ALA F 47 20.92 4.55 -9.68
CA ALA F 47 21.84 3.73 -10.46
C ALA F 47 21.44 3.71 -11.94
N GLN F 48 20.13 3.63 -12.22
CA GLN F 48 19.69 3.63 -13.62
C GLN F 48 19.96 4.98 -14.28
N ARG F 49 19.83 6.08 -13.52
CA ARG F 49 20.12 7.40 -14.08
C ARG F 49 21.59 7.54 -14.45
N LEU F 50 22.48 6.92 -13.68
CA LEU F 50 23.89 6.93 -14.04
C LEU F 50 24.21 5.90 -15.12
N LYS F 51 23.17 5.26 -15.67
CA LYS F 51 23.32 4.28 -16.77
C LYS F 51 24.09 3.05 -16.36
N ALA F 52 24.08 2.72 -15.07
CA ALA F 52 24.63 1.46 -14.62
C ALA F 52 23.64 0.33 -14.87
N LYS F 53 24.15 -0.90 -14.91
CA LYS F 53 23.32 -2.09 -14.93
C LYS F 53 22.99 -2.45 -13.49
N VAL F 54 21.71 -2.41 -13.13
CA VAL F 54 21.33 -2.49 -11.73
C VAL F 54 20.27 -3.58 -11.53
N TYR F 55 20.36 -4.27 -10.39
CA TYR F 55 19.32 -5.19 -9.95
C TYR F 55 19.25 -5.19 -8.44
N ALA F 56 18.10 -5.60 -7.91
CA ALA F 56 17.96 -5.84 -6.48
C ALA F 56 18.08 -7.33 -6.20
N VAL F 57 18.75 -7.66 -5.09
CA VAL F 57 18.76 -9.00 -4.53
C VAL F 57 18.02 -8.95 -3.19
N GLU F 58 16.97 -9.77 -3.06
CA GLU F 58 16.15 -9.75 -1.86
C GLU F 58 16.31 -11.07 -1.11
N LEU F 59 16.72 -10.99 0.17
CA LEU F 59 16.97 -12.18 0.99
C LEU F 59 15.94 -12.27 2.11
N PRO F 60 15.45 -13.48 2.42
CA PRO F 60 14.62 -13.63 3.63
C PRO F 60 15.42 -13.24 4.88
N ALA F 61 14.76 -12.51 5.79
CA ALA F 61 15.37 -12.12 7.05
C ALA F 61 15.94 -13.31 7.82
N PHE F 62 17.08 -13.10 8.46
CA PHE F 62 17.66 -14.09 9.35
C PHE F 62 17.42 -13.62 10.78
N ASN F 63 17.12 -14.56 11.66
CA ASN F 63 16.78 -14.18 13.02
C ASN F 63 17.62 -14.96 14.01
N HIS F 64 18.22 -14.24 14.96
CA HIS F 64 18.96 -14.83 16.05
C HIS F 64 18.00 -14.97 17.23
N PRO F 65 17.62 -16.20 17.61
CA PRO F 65 16.64 -16.37 18.70
C PRO F 65 16.93 -15.53 19.94
N THR F 66 18.17 -15.49 20.40
CA THR F 66 18.51 -14.83 21.67
C THR F 66 18.80 -13.35 21.53
N ALA F 67 18.85 -12.80 20.32
CA ALA F 67 19.07 -11.38 20.16
C ALA F 67 17.89 -10.57 20.70
N MET F 68 18.20 -9.49 21.39
CA MET F 68 17.20 -8.57 21.91
C MET F 68 17.25 -7.23 21.17
N GLY F 69 16.11 -6.54 21.11
CA GLY F 69 16.03 -5.25 20.47
C GLY F 69 16.10 -5.31 18.96
N ASN F 70 15.95 -4.17 18.29
CA ASN F 70 15.88 -4.11 16.83
C ASN F 70 17.14 -3.56 16.19
N ASP F 71 18.18 -3.26 16.95
CA ASP F 71 19.40 -2.74 16.37
C ASP F 71 20.22 -3.87 15.75
N MET F 72 20.56 -3.72 14.48
CA MET F 72 21.21 -4.83 13.78
C MET F 72 22.65 -5.05 14.21
N THR F 73 23.33 -4.06 14.80
CA THR F 73 24.68 -4.27 15.34
C THR F 73 24.69 -5.00 16.67
N ALA F 74 23.53 -5.36 17.21
CA ALA F 74 23.51 -5.90 18.56
C ALA F 74 24.02 -7.34 18.60
N TYR F 75 23.66 -8.17 17.61
CA TYR F 75 24.02 -9.59 17.55
C TYR F 75 24.84 -9.85 16.29
N CYS F 76 26.14 -10.01 16.44
CA CYS F 76 27.04 -10.24 15.31
C CYS F 76 27.30 -11.74 15.22
N GLY F 77 26.49 -12.43 14.42
CA GLY F 77 26.68 -13.85 14.18
C GLY F 77 26.45 -14.20 12.72
N ASP F 78 25.66 -15.25 12.48
CA ASP F 78 25.27 -15.58 11.13
C ASP F 78 24.42 -14.45 10.53
N THR F 79 24.38 -14.38 9.20
CA THR F 79 23.55 -13.42 8.49
C THR F 79 22.61 -14.17 7.55
N ALA F 80 21.76 -13.42 6.84
CA ALA F 80 20.94 -14.00 5.80
C ALA F 80 21.75 -14.63 4.68
N LEU F 81 23.03 -14.24 4.53
CA LEU F 81 23.87 -14.85 3.51
C LEU F 81 24.46 -16.18 3.96
N THR F 82 24.56 -16.38 5.28
CA THR F 82 25.14 -17.62 5.79
C THR F 82 24.39 -18.82 5.24
N GLY F 83 25.13 -19.78 4.71
CA GLY F 83 24.55 -20.95 4.09
C GLY F 83 23.99 -20.78 2.69
N ASN F 84 23.79 -19.55 2.23
CA ASN F 84 23.17 -19.29 0.92
C ASN F 84 24.27 -18.84 -0.05
N LEU F 85 25.01 -19.81 -0.56
CA LEU F 85 26.12 -19.51 -1.47
C LEU F 85 25.64 -18.91 -2.79
N ALA F 86 24.44 -19.26 -3.26
CA ALA F 86 24.00 -18.73 -4.54
C ALA F 86 23.72 -17.23 -4.44
N ALA F 87 23.10 -16.80 -3.34
CA ALA F 87 22.82 -15.38 -3.17
C ALA F 87 24.12 -14.58 -3.02
N GLN F 88 25.11 -15.16 -2.34
CA GLN F 88 26.43 -14.54 -2.27
C GLN F 88 27.06 -14.38 -3.65
N ARG F 89 26.98 -15.43 -4.48
CA ARG F 89 27.43 -15.32 -5.87
C ARG F 89 26.67 -14.23 -6.62
N ALA F 90 25.36 -14.09 -6.36
CA ALA F 90 24.61 -13.05 -7.04
C ALA F 90 25.11 -11.66 -6.68
N LEU F 91 25.59 -11.45 -5.44
CA LEU F 91 26.14 -10.16 -5.09
C LEU F 91 27.55 -9.98 -5.63
N GLU F 92 28.36 -11.05 -5.60
CA GLU F 92 29.72 -11.00 -6.10
C GLU F 92 29.75 -10.69 -7.60
N ALA F 93 28.65 -10.94 -8.31
CA ALA F 93 28.63 -10.68 -9.74
C ALA F 93 28.60 -9.20 -10.07
N ALA F 94 28.19 -8.35 -9.12
CA ALA F 94 28.13 -6.91 -9.31
C ALA F 94 29.45 -6.24 -8.92
N ASP F 95 29.70 -5.06 -9.51
CA ASP F 95 30.86 -4.25 -9.14
C ASP F 95 30.67 -3.61 -7.77
N LEU F 96 29.44 -3.17 -7.49
CA LEU F 96 29.16 -2.47 -6.26
C LEU F 96 27.86 -2.99 -5.69
N VAL F 97 27.83 -3.21 -4.39
CA VAL F 97 26.62 -3.58 -3.67
C VAL F 97 26.19 -2.41 -2.83
N VAL F 98 24.94 -2.01 -2.93
CA VAL F 98 24.34 -1.09 -1.98
C VAL F 98 23.64 -1.94 -0.91
N ASP F 99 24.19 -1.98 0.29
CA ASP F 99 23.69 -2.88 1.33
C ASP F 99 22.71 -2.10 2.21
N THR F 100 21.41 -2.39 2.05
CA THR F 100 20.40 -1.76 2.88
C THR F 100 19.84 -2.70 3.94
N MET F 101 20.53 -3.80 4.23
CA MET F 101 20.02 -4.74 5.22
C MET F 101 21.05 -5.11 6.29
N MET F 102 22.32 -4.72 6.11
CA MET F 102 23.37 -4.76 7.12
C MET F 102 24.08 -6.12 7.18
N LEU F 103 25.28 -6.21 6.58
CA LEU F 103 26.09 -7.43 6.59
C LEU F 103 27.43 -7.29 7.28
N LEU F 104 27.84 -6.08 7.67
CA LEU F 104 29.18 -5.87 8.20
C LEU F 104 29.47 -6.85 9.33
N HIS F 105 30.76 -7.15 9.51
CA HIS F 105 31.29 -8.03 10.56
C HIS F 105 31.10 -9.51 10.24
N SER F 106 30.88 -9.86 8.98
CA SER F 106 30.56 -11.26 8.71
C SER F 106 31.50 -11.82 7.66
N PRO F 107 31.84 -13.11 7.77
CA PRO F 107 32.83 -13.68 6.84
C PRO F 107 32.40 -13.63 5.41
N GLU F 108 31.08 -13.63 5.15
CA GLU F 108 30.60 -13.61 3.78
C GLU F 108 30.87 -12.25 3.14
N GLN F 109 30.70 -11.18 3.90
CA GLN F 109 31.12 -9.87 3.42
C GLN F 109 32.58 -9.87 2.99
N GLU F 110 33.45 -10.52 3.78
CA GLU F 110 34.86 -10.53 3.45
C GLU F 110 35.13 -11.28 2.15
N GLN F 111 34.46 -12.42 1.94
CA GLN F 111 34.64 -13.15 0.70
C GLN F 111 34.16 -12.32 -0.50
N ILE F 112 33.06 -11.56 -0.33
CA ILE F 112 32.59 -10.73 -1.44
C ILE F 112 33.63 -9.65 -1.77
N LEU F 113 34.18 -9.00 -0.74
CA LEU F 113 35.19 -7.97 -0.96
C LEU F 113 36.42 -8.52 -1.66
N LYS F 114 36.79 -9.77 -1.37
CA LYS F 114 37.99 -10.32 -1.99
C LYS F 114 37.81 -10.56 -3.49
N THR F 115 36.58 -10.64 -3.98
CA THR F 115 36.37 -10.73 -5.43
C THR F 115 36.56 -9.40 -6.14
N GLY F 116 36.87 -8.31 -5.42
CA GLY F 116 36.95 -7.00 -6.03
C GLY F 116 35.67 -6.20 -5.98
N THR F 117 34.56 -6.84 -5.65
CA THR F 117 33.31 -6.13 -5.37
C THR F 117 33.50 -5.14 -4.21
N ARG F 118 32.85 -3.99 -4.30
CA ARG F 118 32.91 -2.98 -3.26
C ARG F 118 31.51 -2.75 -2.72
N ILE F 119 31.41 -2.39 -1.44
CA ILE F 119 30.13 -2.44 -0.74
C ILE F 119 29.89 -1.13 -0.01
N LEU F 120 28.70 -0.57 -0.18
CA LEU F 120 28.28 0.66 0.49
C LEU F 120 27.07 0.37 1.37
N LEU F 121 27.27 0.34 2.68
CA LEU F 121 26.15 0.21 3.59
C LEU F 121 25.41 1.54 3.68
N ALA F 122 24.08 1.49 3.55
CA ALA F 122 23.26 2.70 3.67
C ALA F 122 21.94 2.29 4.34
N VAL F 123 21.81 2.54 5.64
CA VAL F 123 20.67 2.07 6.42
C VAL F 123 20.10 3.14 7.35
N GLU F 124 20.84 4.22 7.56
CA GLU F 124 20.35 5.30 8.42
C GLU F 124 19.18 6.04 7.75
N PRO F 125 18.39 6.78 8.51
CA PRO F 125 17.24 7.47 7.94
C PRO F 125 17.66 8.52 6.92
N PRO F 126 16.82 8.77 5.91
CA PRO F 126 17.19 9.74 4.85
C PRO F 126 17.67 11.10 5.37
N GLU F 127 17.07 11.61 6.45
CA GLU F 127 17.49 12.93 6.95
C GLU F 127 18.87 12.89 7.55
N VAL F 128 19.22 11.78 8.20
CA VAL F 128 20.58 11.59 8.68
C VAL F 128 21.54 11.48 7.50
N LEU F 129 21.16 10.68 6.50
CA LEU F 129 21.94 10.59 5.27
C LEU F 129 22.23 11.96 4.69
N ALA F 130 21.24 12.87 4.71
CA ALA F 130 21.41 14.18 4.12
C ALA F 130 22.30 15.07 4.97
N ARG F 131 22.17 15.01 6.29
CA ARG F 131 22.99 15.85 7.17
C ARG F 131 24.47 15.50 7.03
N MET F 132 24.78 14.22 6.80
CA MET F 132 26.17 13.79 6.62
C MET F 132 26.44 13.28 5.21
N LEU F 133 25.83 13.93 4.22
CA LEU F 133 26.10 13.58 2.82
C LEU F 133 27.60 13.64 2.55
N PRO F 134 28.19 12.60 1.97
CA PRO F 134 29.66 12.52 1.89
C PRO F 134 30.30 13.51 0.92
N THR F 135 31.54 13.87 1.23
CA THR F 135 32.33 14.79 0.42
C THR F 135 33.72 14.21 0.20
N GLU F 136 34.35 14.62 -0.90
CA GLU F 136 35.74 14.29 -1.13
C GLU F 136 36.66 14.87 -0.05
N ASP F 137 36.29 16.03 0.51
CA ASP F 137 37.13 16.57 1.57
C ASP F 137 37.08 15.72 2.81
N ASP F 138 35.92 15.12 3.09
CA ASP F 138 35.84 14.17 4.20
C ASP F 138 36.83 13.04 3.99
N LYS F 139 36.86 12.46 2.78
CA LYS F 139 37.82 11.40 2.48
C LYS F 139 39.24 11.87 2.69
N ARG F 140 39.59 13.06 2.18
N ARG F 140 39.58 13.05 2.15
CA ARG F 140 40.97 13.51 2.29
CA ARG F 140 40.94 13.56 2.27
C ARG F 140 41.39 13.72 3.74
C ARG F 140 41.36 13.68 3.74
N ARG F 141 40.49 14.27 4.57
CA ARG F 141 40.80 14.42 5.98
C ARG F 141 40.96 13.05 6.66
N VAL F 142 40.07 12.11 6.37
CA VAL F 142 40.17 10.78 6.97
C VAL F 142 41.48 10.11 6.55
N LEU F 143 41.85 10.24 5.26
CA LEU F 143 43.07 9.60 4.80
C LEU F 143 44.34 10.22 5.39
N ALA F 144 44.32 11.52 5.72
CA ALA F 144 45.48 12.10 6.40
C ALA F 144 45.65 11.46 7.77
N ALA F 145 44.55 11.28 8.50
CA ALA F 145 44.63 10.57 9.77
C ALA F 145 45.12 9.14 9.57
N GLU F 146 44.69 8.49 8.49
CA GLU F 146 45.11 7.11 8.28
C GLU F 146 46.61 7.01 8.12
N THR F 147 47.22 7.95 7.40
CA THR F 147 48.68 7.97 7.25
C THR F 147 49.37 7.96 8.60
N LEU F 148 48.84 8.72 9.55
CA LEU F 148 49.43 8.73 10.88
C LEU F 148 49.19 7.39 11.60
N LEU F 149 47.95 6.89 11.55
CA LEU F 149 47.64 5.68 12.32
C LEU F 149 48.44 4.47 11.85
N LYS F 150 48.66 4.33 10.54
CA LYS F 150 49.37 3.15 10.05
C LYS F 150 50.82 3.10 10.54
N GLN F 151 51.41 4.25 10.83
CA GLN F 151 52.79 4.32 11.33
C GLN F 151 52.91 4.14 12.83
N ALA F 152 51.80 4.18 13.56
CA ALA F 152 51.83 4.20 15.02
C ALA F 152 52.09 2.81 15.59
N ARG F 153 52.83 2.79 16.71
CA ARG F 153 53.12 1.56 17.41
C ARG F 153 52.30 1.41 18.69
N SER F 154 51.68 2.49 19.16
CA SER F 154 50.83 2.42 20.32
C SER F 154 49.81 3.54 20.26
N LEU F 155 48.67 3.31 20.90
CA LEU F 155 47.63 4.30 21.11
C LEU F 155 47.39 4.41 22.61
N HIS F 156 47.22 5.64 23.09
N HIS F 156 47.21 5.64 23.09
CA HIS F 156 46.97 5.91 24.49
CA HIS F 156 46.98 5.93 24.49
C HIS F 156 45.82 6.88 24.65
C HIS F 156 45.82 6.89 24.65
N VAL F 157 44.99 6.67 25.67
CA VAL F 157 43.85 7.53 25.97
C VAL F 157 43.92 7.96 27.43
N ARG F 158 43.78 9.27 27.67
CA ARG F 158 43.64 9.82 29.01
C ARG F 158 42.44 10.76 29.05
N SER F 159 41.80 10.82 30.21
CA SER F 159 40.70 11.75 30.41
C SER F 159 40.69 12.19 31.86
N LYS F 160 40.23 13.41 32.10
CA LYS F 160 40.18 13.90 33.47
C LYS F 160 39.16 13.16 34.31
N ALA F 161 38.22 12.45 33.68
CA ALA F 161 37.32 11.55 34.39
C ALA F 161 38.00 10.28 34.89
N GLY F 162 39.21 9.97 34.42
CA GLY F 162 39.93 8.80 34.91
C GLY F 162 40.39 7.81 33.85
N SER F 163 40.07 7.99 32.57
CA SER F 163 40.61 7.10 31.55
C SER F 163 42.14 7.13 31.54
N ASP F 164 42.74 5.94 31.38
CA ASP F 164 44.20 5.77 31.38
C ASP F 164 44.42 4.40 30.73
N PHE F 165 44.51 4.39 29.40
CA PHE F 165 44.33 3.19 28.60
C PHE F 165 45.43 3.12 27.56
N HIS F 166 46.10 1.97 27.46
N HIS F 166 46.03 1.94 27.41
CA HIS F 166 47.22 1.79 26.54
CA HIS F 166 47.20 1.78 26.56
C HIS F 166 46.95 0.59 25.65
C HIS F 166 47.04 0.57 25.66
N ALA F 167 47.28 0.74 24.37
CA ALA F 167 47.07 -0.33 23.40
C ALA F 167 48.22 -0.41 22.40
N PRO F 168 49.09 -1.42 22.49
CA PRO F 168 50.10 -1.61 21.46
C PRO F 168 49.45 -1.92 20.12
N LEU F 169 50.06 -1.42 19.05
CA LEU F 169 49.56 -1.53 17.69
C LEU F 169 50.63 -2.17 16.82
N GLY F 170 50.27 -2.43 15.57
CA GLY F 170 51.22 -3.02 14.65
C GLY F 170 50.70 -4.30 14.05
N GLN F 171 50.06 -5.13 14.87
CA GLN F 171 49.60 -6.43 14.40
C GLN F 171 48.49 -6.30 13.37
N TYR F 172 47.61 -5.30 13.51
CA TYR F 172 46.40 -5.21 12.70
C TYR F 172 46.40 -3.95 11.84
N PRO F 173 45.70 -3.96 10.70
CA PRO F 173 45.68 -2.78 9.83
C PRO F 173 44.72 -1.72 10.35
N ALA F 174 44.75 -0.57 9.69
CA ALA F 174 43.83 0.52 9.97
C ALA F 174 42.68 0.45 8.99
N VAL F 175 41.48 0.79 9.46
CA VAL F 175 40.28 0.82 8.63
C VAL F 175 39.69 2.22 8.65
N THR F 176 39.32 2.73 7.47
CA THR F 176 38.73 4.05 7.34
C THR F 176 37.29 3.95 6.84
N GLU F 177 36.50 4.95 7.19
CA GLU F 177 35.14 5.09 6.71
C GLU F 177 34.94 6.56 6.41
N TYR F 178 34.90 6.91 5.12
CA TYR F 178 34.64 8.29 4.71
C TYR F 178 33.33 8.43 3.94
N GLY F 179 32.52 7.38 3.88
CA GLY F 179 31.15 7.50 3.43
C GLY F 179 30.87 7.13 1.98
N TYR F 180 31.86 6.65 1.22
CA TYR F 180 31.55 6.14 -0.10
C TYR F 180 32.52 5.04 -0.50
N ALA F 181 32.07 4.21 -1.43
CA ALA F 181 32.77 3.00 -1.82
C ALA F 181 33.35 3.19 -3.21
N ASP F 182 34.46 3.93 -3.29
CA ASP F 182 35.07 4.18 -4.58
C ASP F 182 36.13 3.14 -4.97
N GLU F 183 36.88 2.59 -4.01
CA GLU F 183 37.97 1.69 -4.36
C GLU F 183 37.47 0.24 -4.42
N PRO F 184 38.01 -0.58 -5.33
CA PRO F 184 37.52 -1.98 -5.42
C PRO F 184 37.90 -2.80 -4.19
N GLY F 185 37.07 -3.80 -3.90
CA GLY F 185 37.34 -4.65 -2.75
C GLY F 185 37.27 -3.96 -1.41
N ARG F 186 36.61 -2.81 -1.32
CA ARG F 186 36.60 -2.06 -0.08
C ARG F 186 35.17 -1.73 0.33
N TRP F 187 34.91 -1.78 1.63
CA TRP F 187 33.62 -1.48 2.23
C TRP F 187 33.65 -0.09 2.85
N ASP F 188 32.48 0.53 2.92
CA ASP F 188 32.35 1.82 3.60
C ASP F 188 30.88 1.98 3.95
N HIS F 189 30.56 3.08 4.62
CA HIS F 189 29.23 3.27 5.20
C HIS F 189 28.84 4.74 5.10
N TRP F 190 27.78 5.01 4.37
CA TRP F 190 27.19 6.33 4.35
C TRP F 190 26.08 6.35 5.39
N PRO F 191 26.20 7.16 6.45
CA PRO F 191 27.24 8.14 6.74
C PRO F 191 28.34 7.64 7.69
N SER F 192 29.49 8.31 7.66
CA SER F 192 30.59 7.98 8.55
C SER F 192 31.58 9.14 8.59
N GLY F 193 32.87 8.83 8.56
CA GLY F 193 33.87 9.87 8.71
C GLY F 193 34.69 9.67 9.96
N PHE F 194 35.37 8.54 10.05
CA PHE F 194 36.20 8.21 11.20
C PHE F 194 37.09 7.04 10.82
N LEU F 195 37.94 6.61 11.76
CA LEU F 195 38.89 5.55 11.46
C LEU F 195 39.27 4.84 12.76
N PHE F 196 39.78 3.61 12.61
CA PHE F 196 40.12 2.79 13.76
C PHE F 196 41.10 1.69 13.34
N THR F 197 41.64 1.02 14.35
CA THR F 197 42.35 -0.24 14.17
C THR F 197 42.01 -1.14 15.35
N TRP F 198 42.82 -2.18 15.57
CA TRP F 198 42.65 -3.11 16.67
C TRP F 198 43.94 -3.24 17.46
N PRO F 199 43.86 -3.39 18.78
CA PRO F 199 45.08 -3.57 19.59
C PRO F 199 45.75 -4.91 19.32
N ASN F 200 47.05 -4.95 19.57
CA ASN F 200 47.76 -6.22 19.51
C ASN F 200 47.09 -7.23 20.42
N GLU F 201 47.05 -8.49 19.99
CA GLU F 201 46.42 -9.56 20.75
C GLU F 201 46.87 -9.54 22.20
N ASP F 202 45.90 -9.65 23.10
CA ASP F 202 46.15 -9.89 24.53
C ASP F 202 47.02 -8.81 25.18
N SER F 203 46.96 -7.57 24.70
CA SER F 203 47.91 -6.56 25.15
C SER F 203 47.30 -5.26 25.68
N ALA F 204 46.07 -4.93 25.34
CA ALA F 204 45.49 -3.68 25.81
C ALA F 204 45.31 -3.72 27.32
N GLU F 205 45.61 -2.60 27.99
CA GLU F 205 45.59 -2.59 29.45
C GLU F 205 45.23 -1.20 29.94
N GLY F 206 44.67 -1.16 31.16
CA GLY F 206 44.48 0.09 31.88
C GLY F 206 43.01 0.31 32.24
N THR F 207 42.60 1.57 32.17
CA THR F 207 41.27 1.98 32.61
C THR F 207 40.61 2.82 31.53
N LEU F 208 39.35 2.52 31.21
CA LEU F 208 38.50 3.38 30.39
C LEU F 208 37.28 3.76 31.21
N VAL F 209 37.04 5.05 31.37
CA VAL F 209 35.96 5.56 32.21
C VAL F 209 34.89 6.18 31.32
N LEU F 210 33.69 5.60 31.34
CA LEU F 210 32.52 6.22 30.74
C LEU F 210 32.05 7.30 31.68
N ASP F 211 32.33 8.55 31.33
CA ASP F 211 31.90 9.67 32.14
C ASP F 211 30.40 9.86 32.02
N VAL F 212 29.85 10.65 32.95
CA VAL F 212 28.48 11.17 32.79
C VAL F 212 28.38 11.78 31.39
N GLY F 213 27.41 11.35 30.59
CA GLY F 213 27.23 11.87 29.26
C GLY F 213 27.85 11.04 28.15
N ASP F 214 28.70 10.07 28.49
CA ASP F 214 29.23 9.13 27.50
C ASP F 214 28.17 8.07 27.18
N ILE F 215 28.38 7.35 26.07
CA ILE F 215 27.32 6.56 25.43
C ILE F 215 27.74 5.12 25.26
N ILE F 216 26.78 4.22 25.46
CA ILE F 216 26.90 2.83 25.06
C ILE F 216 25.90 2.55 23.95
N LEU F 217 26.40 2.01 22.85
CA LEU F 217 25.61 1.48 21.75
C LEU F 217 25.71 -0.04 21.81
N PRO F 218 24.60 -0.77 21.66
CA PRO F 218 23.32 -0.24 21.20
C PRO F 218 22.34 0.21 22.27
N PHE F 219 22.77 0.41 23.53
CA PHE F 219 21.80 0.86 24.55
C PHE F 219 21.23 2.22 24.19
N LYS F 220 22.05 3.08 23.58
CA LYS F 220 21.66 4.42 23.17
C LYS F 220 21.19 5.27 24.36
N ASN F 221 21.95 5.25 25.45
CA ASN F 221 21.69 6.11 26.60
C ASN F 221 22.91 6.98 26.85
N TYR F 222 22.67 8.22 27.29
CA TYR F 222 23.73 9.00 27.91
C TYR F 222 23.89 8.54 29.35
N CYS F 223 25.10 8.14 29.74
CA CYS F 223 25.32 7.73 31.13
C CYS F 223 25.03 8.88 32.08
N ARG F 224 24.20 8.62 33.09
CA ARG F 224 23.98 9.60 34.14
C ARG F 224 24.85 9.33 35.37
N GLU F 225 25.46 8.14 35.46
CA GLU F 225 26.49 7.84 36.45
C GLU F 225 27.68 7.21 35.74
N ARG F 226 28.87 7.38 36.31
CA ARG F 226 30.08 6.89 35.67
C ARG F 226 30.15 5.36 35.68
N ILE F 227 30.81 4.81 34.67
CA ILE F 227 31.18 3.41 34.60
C ILE F 227 32.69 3.33 34.44
N THR F 228 33.34 2.54 35.28
CA THR F 228 34.77 2.29 35.17
C THR F 228 35.00 0.90 34.61
N LEU F 229 35.80 0.81 33.55
CA LEU F 229 36.22 -0.47 32.98
C LEU F 229 37.69 -0.70 33.28
N GLU F 230 38.00 -1.78 33.99
CA GLU F 230 39.38 -2.24 34.16
C GLU F 230 39.70 -3.24 33.05
N ILE F 231 40.82 -3.04 32.37
CA ILE F 231 41.19 -3.90 31.26
C ILE F 231 42.59 -4.46 31.48
N GLU F 232 42.72 -5.78 31.39
CA GLU F 232 44.02 -6.43 31.52
C GLU F 232 44.18 -7.39 30.36
N LYS F 233 45.31 -7.31 29.67
CA LYS F 233 45.66 -8.27 28.63
C LYS F 233 44.60 -8.31 27.54
N GLY F 234 44.04 -7.13 27.22
CA GLY F 234 43.09 -7.02 26.14
C GLY F 234 41.64 -7.35 26.48
N PHE F 235 41.33 -7.61 27.75
CA PHE F 235 40.00 -8.00 28.17
C PHE F 235 39.53 -7.14 29.34
N ILE F 236 38.24 -6.80 29.31
CA ILE F 236 37.59 -6.19 30.47
C ILE F 236 37.56 -7.21 31.61
N THR F 237 38.10 -6.83 32.76
CA THR F 237 38.09 -7.68 33.94
C THR F 237 37.28 -7.11 35.10
N GLY F 238 36.82 -5.86 34.99
CA GLY F 238 36.06 -5.21 36.03
C GLY F 238 35.17 -4.12 35.48
N ILE F 239 33.90 -4.10 35.90
CA ILE F 239 32.90 -3.12 35.48
C ILE F 239 32.26 -2.58 36.75
N HIS F 240 32.49 -1.30 37.05
CA HIS F 240 32.12 -0.75 38.34
C HIS F 240 31.40 0.59 38.16
N GLY F 241 30.44 0.83 39.04
CA GLY F 241 29.80 2.12 39.10
C GLY F 241 28.36 1.97 39.58
N GLY F 242 27.46 2.68 38.91
CA GLY F 242 26.09 2.80 39.36
C GLY F 242 25.14 1.87 38.63
N PHE F 243 23.92 2.37 38.38
CA PHE F 243 22.91 1.55 37.72
C PHE F 243 23.36 1.12 36.33
N GLU F 244 23.93 2.06 35.56
CA GLU F 244 24.39 1.71 34.21
C GLU F 244 25.40 0.57 34.25
N ALA F 245 26.27 0.56 35.27
CA ALA F 245 27.25 -0.51 35.39
C ALA F 245 26.55 -1.85 35.58
N GLU F 246 25.53 -1.88 36.45
CA GLU F 246 24.79 -3.12 36.72
C GLU F 246 24.03 -3.59 35.49
N TYR F 247 23.36 -2.66 34.80
CA TYR F 247 22.69 -3.00 33.57
C TYR F 247 23.67 -3.59 32.57
N LEU F 248 24.81 -2.92 32.39
CA LEU F 248 25.82 -3.38 31.45
C LEU F 248 26.37 -4.75 31.86
N ARG F 249 26.66 -4.93 33.17
CA ARG F 249 27.14 -6.23 33.65
C ARG F 249 26.13 -7.32 33.35
N ASP F 250 24.87 -7.06 33.67
CA ASP F 250 23.80 -8.01 33.40
C ASP F 250 23.70 -8.30 31.90
N TYR F 251 23.79 -7.26 31.06
CA TYR F 251 23.66 -7.50 29.62
C TYR F 251 24.79 -8.36 29.08
N MET F 252 26.03 -8.10 29.51
CA MET F 252 27.15 -8.89 29.00
C MET F 252 27.11 -10.33 29.51
N LYS F 253 26.84 -10.51 30.80
CA LYS F 253 26.57 -11.81 31.43
C LYS F 253 25.69 -12.72 30.56
N TYR F 254 24.60 -12.16 30.05
CA TYR F 254 23.52 -12.95 29.44
C TYR F 254 24.01 -13.77 28.26
N PHE F 255 25.03 -13.31 27.55
CA PHE F 255 25.53 -14.05 26.40
C PHE F 255 26.37 -15.26 26.78
N ASN F 256 26.76 -15.38 28.05
CA ASN F 256 27.41 -16.57 28.58
C ASN F 256 28.59 -16.99 27.68
N ASP F 257 29.57 -16.12 27.64
CA ASP F 257 30.69 -16.19 26.72
C ASP F 257 31.79 -15.25 27.19
N PRO F 258 32.94 -15.77 27.61
CA PRO F 258 34.04 -14.90 28.05
C PRO F 258 34.56 -13.96 26.97
N GLU F 259 34.31 -14.27 25.70
CA GLU F 259 34.81 -13.44 24.60
C GLU F 259 34.11 -12.09 24.51
N VAL F 260 32.98 -11.89 25.20
CA VAL F 260 32.27 -10.61 25.06
C VAL F 260 33.08 -9.46 25.66
N TYR F 261 34.00 -9.76 26.58
CA TYR F 261 34.81 -8.80 27.30
C TYR F 261 36.10 -8.42 26.57
N GLY F 262 36.38 -9.03 25.42
CA GLY F 262 37.55 -8.64 24.65
C GLY F 262 37.37 -7.26 24.04
N ILE F 263 38.44 -6.47 24.09
CA ILE F 263 38.44 -5.16 23.45
C ILE F 263 38.71 -5.35 21.96
N SER F 264 37.82 -4.82 21.14
CA SER F 264 38.01 -4.91 19.69
C SER F 264 38.53 -3.58 19.14
N HIS F 265 37.78 -2.90 18.28
CA HIS F 265 38.40 -1.80 17.54
C HIS F 265 38.46 -0.51 18.36
N ILE F 266 39.49 0.29 18.06
CA ILE F 266 39.78 1.52 18.78
C ILE F 266 40.16 2.59 17.76
N GLY F 267 39.69 3.82 17.96
CA GLY F 267 39.98 4.88 17.03
C GLY F 267 39.36 6.18 17.49
N TRP F 268 39.32 7.17 16.58
CA TRP F 268 38.77 8.47 16.94
C TRP F 268 37.91 9.01 15.81
N GLY F 269 37.02 9.95 16.14
CA GLY F 269 36.05 10.46 15.18
C GLY F 269 36.55 11.69 14.43
N LEU F 270 36.09 11.84 13.17
CA LEU F 270 36.49 12.99 12.38
C LEU F 270 35.33 13.65 11.61
N GLN F 271 34.08 13.42 12.03
CA GLN F 271 32.90 13.92 11.36
C GLN F 271 32.33 15.12 12.11
N PRO F 272 32.60 16.35 11.69
CA PRO F 272 32.02 17.52 12.40
C PRO F 272 30.55 17.72 12.12
N ARG F 273 29.99 17.07 11.12
CA ARG F 273 28.55 17.14 10.87
C ARG F 273 27.77 16.12 11.70
N ALA F 274 28.46 15.16 12.32
CA ALA F 274 27.84 14.30 13.33
C ALA F 274 27.86 15.01 14.68
N GLN F 275 26.87 14.72 15.51
CA GLN F 275 26.68 15.46 16.75
C GLN F 275 26.46 14.52 17.93
N TRP F 276 27.25 14.73 18.98
CA TRP F 276 27.04 14.04 20.25
C TRP F 276 25.58 14.17 20.73
N THR F 277 24.96 15.32 20.52
CA THR F 277 23.57 15.56 20.93
C THR F 277 22.51 14.87 20.07
N ALA F 278 22.85 14.37 18.88
CA ALA F 278 21.80 13.87 17.98
C ALA F 278 21.04 12.67 18.55
N MET F 279 21.73 11.79 19.30
CA MET F 279 21.09 10.57 19.78
C MET F 279 19.87 10.85 20.61
N GLY F 280 19.91 11.91 21.44
CA GLY F 280 18.78 12.30 22.27
C GLY F 280 17.56 12.80 21.50
N LEU F 281 17.66 12.96 20.18
CA LEU F 281 16.54 13.43 19.38
C LEU F 281 15.94 12.32 18.52
N HIS F 282 16.34 11.07 18.76
CA HIS F 282 15.87 9.94 17.99
C HIS F 282 15.31 8.87 18.92
N ASP F 283 14.36 8.09 18.41
CA ASP F 283 13.97 6.86 19.08
C ASP F 283 14.97 5.76 18.72
N ARG F 284 14.92 4.67 19.47
CA ARG F 284 15.92 3.62 19.35
C ARG F 284 15.80 2.89 18.01
N ASN F 285 14.58 2.73 17.49
CA ASN F 285 14.41 1.98 16.26
C ASN F 285 14.64 2.82 15.02
N ASP F 286 14.99 4.10 15.17
CA ASP F 286 15.31 4.93 14.00
C ASP F 286 16.53 4.40 13.27
N GLY F 287 17.54 3.94 14.00
CA GLY F 287 18.72 3.40 13.37
C GLY F 287 19.77 3.09 14.41
N MET F 288 21.00 2.91 13.95
CA MET F 288 22.07 2.51 14.84
C MET F 288 22.84 3.68 15.45
N CYS F 289 22.45 4.91 15.12
CA CYS F 289 23.08 6.13 15.67
C CYS F 289 24.55 6.24 15.27
N MET F 290 24.76 6.41 13.96
CA MET F 290 26.09 6.71 13.47
C MET F 290 26.61 8.05 14.00
N ASP F 291 25.72 8.95 14.46
CA ASP F 291 26.19 10.22 15.03
C ASP F 291 27.12 9.96 16.21
N ALA F 292 26.76 9.00 17.06
CA ALA F 292 27.56 8.73 18.24
C ALA F 292 28.88 8.08 17.88
N ARG F 293 28.93 7.30 16.81
CA ARG F 293 30.19 6.67 16.43
C ARG F 293 31.14 7.67 15.78
N ALA F 294 30.63 8.64 15.05
CA ALA F 294 31.48 9.38 14.15
C ALA F 294 31.85 10.77 14.62
N PHE F 295 31.27 11.27 15.72
CA PHE F 295 31.37 12.70 15.97
C PHE F 295 32.81 13.11 16.28
N TYR F 296 33.16 14.29 15.78
CA TYR F 296 34.50 14.86 15.79
C TYR F 296 35.18 14.81 17.15
N GLY F 297 36.33 14.13 17.23
CA GLY F 297 37.13 14.17 18.43
C GLY F 297 36.73 13.18 19.51
N ASN F 298 35.75 12.31 19.26
CA ASN F 298 35.50 11.23 20.19
C ASN F 298 36.67 10.23 20.19
N PHE F 299 36.76 9.46 21.27
CA PHE F 299 37.46 8.18 21.26
C PHE F 299 36.40 7.10 21.24
N LEU F 300 36.49 6.20 20.27
CA LEU F 300 35.54 5.11 20.10
C LEU F 300 36.25 3.80 20.34
N PHE F 301 35.77 3.02 21.30
CA PHE F 301 36.25 1.66 21.43
C PHE F 301 35.06 0.71 21.40
N SER F 302 35.37 -0.59 21.34
CA SER F 302 34.33 -1.57 21.13
C SER F 302 34.74 -2.87 21.79
N THR F 303 33.74 -3.74 22.00
CA THR F 303 33.92 -5.03 22.64
C THR F 303 33.44 -6.15 21.73
N GLY F 304 33.90 -7.37 22.01
CA GLY F 304 33.36 -8.54 21.38
C GLY F 304 34.17 -9.07 20.21
N PRO F 305 33.51 -9.29 19.07
CA PRO F 305 34.16 -9.99 17.96
C PRO F 305 35.29 -9.17 17.33
N ASN F 306 36.33 -9.89 16.90
CA ASN F 306 37.43 -9.30 16.14
C ASN F 306 37.86 -10.22 15.01
N THR F 307 36.98 -11.10 14.54
CA THR F 307 37.33 -12.03 13.48
C THR F 307 37.39 -11.38 12.11
N GLU F 308 36.80 -10.20 11.93
CA GLU F 308 36.79 -9.53 10.63
C GLU F 308 38.18 -9.05 10.21
N VAL F 309 39.16 -9.07 11.11
CA VAL F 309 40.57 -8.90 10.78
C VAL F 309 41.38 -10.11 11.22
N GLY F 310 40.69 -11.24 11.46
CA GLY F 310 41.39 -12.47 11.79
C GLY F 310 41.76 -12.64 13.25
N GLY F 311 41.04 -11.99 14.15
CA GLY F 311 41.21 -12.24 15.56
C GLY F 311 40.56 -13.55 15.98
N LYS F 312 40.60 -13.82 17.28
CA LYS F 312 40.16 -15.11 17.80
C LYS F 312 38.66 -15.18 18.07
N ARG F 313 37.98 -14.04 18.22
CA ARG F 313 36.68 -13.99 18.86
C ARG F 313 35.55 -13.92 17.83
N LYS F 314 34.67 -14.94 17.86
CA LYS F 314 33.46 -15.05 17.07
C LYS F 314 32.23 -14.48 17.77
N THR F 315 32.35 -14.15 19.06
CA THR F 315 31.21 -13.90 19.92
C THR F 315 30.25 -12.87 19.31
N PRO F 316 28.92 -13.02 19.52
CA PRO F 316 27.95 -12.10 18.90
C PRO F 316 27.69 -10.82 19.67
N CYS F 317 27.98 -10.81 20.97
CA CYS F 317 27.75 -9.62 21.77
C CYS F 317 28.71 -8.52 21.37
N HIS F 318 28.16 -7.35 21.08
CA HIS F 318 28.96 -6.31 20.47
C HIS F 318 28.51 -4.94 20.93
N LEU F 319 29.44 -4.13 21.46
CA LEU F 319 29.13 -2.78 21.94
C LEU F 319 30.07 -1.77 21.32
N ASP F 320 29.54 -0.59 20.99
CA ASP F 320 30.35 0.57 20.57
C ASP F 320 30.18 1.67 21.61
N ILE F 321 31.31 2.15 22.13
CA ILE F 321 31.27 3.07 23.25
C ILE F 321 32.13 4.28 22.91
N PRO F 322 31.51 5.42 22.56
CA PRO F 322 32.27 6.67 22.40
C PRO F 322 32.44 7.46 23.69
N LEU F 323 33.64 8.02 23.84
CA LEU F 323 34.05 8.82 24.98
C LEU F 323 34.35 10.25 24.55
N ARG F 324 33.87 11.20 25.34
CA ARG F 324 34.11 12.61 25.10
C ARG F 324 35.32 13.11 25.90
N ASN F 325 35.80 14.30 25.51
CA ASN F 325 36.80 15.05 26.26
C ASN F 325 38.09 14.26 26.50
N CYS F 326 38.52 13.43 25.56
CA CYS F 326 39.68 12.59 25.81
C CYS F 326 40.91 13.21 25.17
N ASP F 327 42.08 12.76 25.64
CA ASP F 327 43.34 12.93 24.94
C ASP F 327 43.70 11.59 24.31
N ILE F 328 44.04 11.63 23.02
CA ILE F 328 44.38 10.43 22.26
C ILE F 328 45.77 10.65 21.67
N TYR F 329 46.71 9.81 22.09
CA TYR F 329 48.09 9.85 21.61
C TYR F 329 48.39 8.64 20.73
N LEU F 330 49.15 8.89 19.66
CA LEU F 330 49.78 7.85 18.84
C LEU F 330 51.27 7.94 19.12
N ASP F 331 51.80 6.92 19.81
CA ASP F 331 53.16 6.98 20.39
C ASP F 331 53.18 8.21 21.29
N ASP F 332 54.03 9.20 21.05
CA ASP F 332 54.06 10.38 21.93
C ASP F 332 53.32 11.58 21.36
N LYS F 333 52.68 11.44 20.20
CA LYS F 333 52.05 12.55 19.50
C LYS F 333 50.55 12.55 19.76
N ALA F 334 50.02 13.69 20.18
CA ALA F 334 48.59 13.81 20.43
C ALA F 334 47.85 14.07 19.12
N VAL F 335 46.82 13.27 18.83
CA VAL F 335 45.96 13.52 17.68
C VAL F 335 44.67 14.21 18.13
N VAL F 336 44.23 13.92 19.36
CA VAL F 336 43.06 14.57 19.95
C VAL F 336 43.46 15.06 21.33
N LEU F 337 43.08 16.29 21.66
CA LEU F 337 43.37 16.88 22.97
C LEU F 337 42.06 17.41 23.53
N ALA F 338 41.62 16.82 24.64
CA ALA F 338 40.40 17.22 25.33
C ALA F 338 39.19 17.20 24.39
N GLY F 339 39.12 16.19 23.53
CA GLY F 339 37.98 16.08 22.64
C GLY F 339 38.05 16.92 21.39
N ASP F 340 39.16 17.62 21.16
CA ASP F 340 39.37 18.39 19.94
C ASP F 340 40.49 17.78 19.11
N VAL F 341 40.26 17.71 17.80
CA VAL F 341 41.24 17.17 16.86
C VAL F 341 42.38 18.16 16.68
N VAL F 342 43.63 17.69 16.92
CA VAL F 342 44.78 18.58 16.85
C VAL F 342 45.78 18.11 15.79
N ALA F 343 45.88 16.80 15.57
CA ALA F 343 46.84 16.26 14.62
C ALA F 343 46.24 15.09 13.85
N PRO F 344 46.58 14.92 12.56
CA PRO F 344 47.40 15.84 11.77
C PRO F 344 46.57 17.04 11.35
N GLU F 345 47.24 18.16 11.10
CA GLU F 345 46.55 19.40 10.76
C GLU F 345 45.62 19.20 9.58
N GLU F 346 46.03 18.41 8.60
CA GLU F 346 45.28 18.17 7.39
C GLU F 346 43.98 17.42 7.62
N SER F 347 43.79 16.83 8.80
CA SER F 347 42.56 16.15 9.15
C SER F 347 41.57 17.03 9.89
N ARG F 348 41.97 18.23 10.32
CA ARG F 348 41.08 19.07 11.09
C ARG F 348 40.05 19.75 10.19
N ALA F 349 38.93 20.13 10.79
CA ALA F 349 37.92 20.87 10.06
C ALA F 349 37.79 22.29 10.63
FE FE2 G . -1.84 -6.19 36.10
OB D6O H . -3.04 -8.74 30.11
CG D6O H . -2.09 -8.09 30.63
NE1 D6O H . -0.35 -10.13 32.01
CZ D6O H . -0.16 -10.25 30.69
OH D6O H . -0.14 -11.31 30.05
CE2 D6O H . 0.08 -9.00 29.94
CD2 D6O H . -0.81 -8.00 29.91
CG1 D6O H . -1.20 -10.87 32.73
OB1 D6O H . -2.39 -10.96 32.43
OB2 D6O H . -2.18 -7.51 31.74
C1 EDO I . 11.35 -21.06 14.94
O1 EDO I . 11.30 -19.63 14.99
C2 EDO I . 10.20 -21.62 14.10
O2 EDO I . 9.65 -22.78 14.75
FE FE2 J . 5.44 -18.36 -31.43
OB D6O K . 5.95 -17.57 -26.74
CG D6O K . 5.99 -17.89 -25.51
NE1 D6O K . 4.67 -20.56 -26.04
CZ D6O K . 4.52 -20.28 -24.73
OH D6O K . 4.72 -21.08 -23.82
CE2 D6O K . 4.05 -18.93 -24.38
CD2 D6O K . 4.73 -17.84 -24.75
CG1 D6O K . 5.47 -21.54 -26.46
OB1 D6O K . 6.69 -21.43 -26.30
OB2 D6O K . 7.03 -18.25 -24.92
FE FE2 L . 8.10 28.59 21.25
OB G6C M . 5.72 26.72 19.31
CG G6C M . 4.46 26.23 19.30
CD1 G6C M . 3.44 27.04 19.80
CD2 G6C M . 4.19 24.95 18.82
NE1 G6C M . 2.20 26.59 19.82
CE2 G6C M . 2.88 24.50 18.86
CZ G6C M . 1.90 25.35 19.36
OH G6C M . 0.60 24.95 19.38
C1 EDO N . 19.25 25.70 6.18
O1 EDO N . 18.19 24.78 5.92
C2 EDO N . 20.48 24.94 6.65
O2 EDO N . 20.09 23.80 7.44
C1 EDO O . 3.82 40.66 43.45
O1 EDO O . 4.75 39.77 44.09
C2 EDO O . 4.53 41.64 42.52
O2 EDO O . 4.97 40.99 41.31
C1 PGE P . 25.58 32.43 25.84
O1 PGE P . 25.32 31.20 26.52
C2 PGE P . 27.08 32.62 25.60
O2 PGE P . 27.71 31.41 25.19
C3 PGE P . 29.03 31.58 24.68
C4 PGE P . 29.29 30.59 23.55
O4 PGE P . 27.47 30.14 19.27
C6 PGE P . 27.08 30.05 20.63
C5 PGE P . 28.30 29.84 21.49
O3 PGE P . 28.17 30.57 22.70
FE FE2 Q . -14.39 15.45 -29.67
OB G6C R . -11.96 15.47 -27.69
CG G6C R . -10.60 15.33 -27.57
CD1 G6C R . -9.76 16.19 -28.28
CD2 G6C R . -10.08 14.32 -26.75
NE1 G6C R . -8.45 16.04 -28.18
CE2 G6C R . -8.71 14.18 -26.65
CZ G6C R . -7.91 15.07 -27.38
OH G6C R . -6.56 14.99 -27.28
C1 EDO S . -25.60 15.10 -14.11
O1 EDO S . -24.22 14.82 -13.80
C2 EDO S . -26.34 13.76 -14.19
O2 EDO S . -25.39 12.72 -14.51
C1 PGE T . -32.40 10.65 -34.54
O1 PGE T . -31.43 11.63 -34.87
C2 PGE T . -33.76 11.33 -34.41
O2 PGE T . -34.52 10.66 -33.43
C3 PGE T . -34.43 11.25 -32.14
C4 PGE T . -35.07 10.34 -31.11
O4 PGE T . -33.16 12.25 -27.26
C6 PGE T . -33.11 11.74 -28.58
C5 PGE T . -34.40 11.04 -28.93
O3 PGE T . -34.16 10.19 -30.04
FE FE2 U . -29.61 -17.32 -13.33
OB G6C V . -27.62 -14.72 -10.78
CG G6C V . -27.98 -13.51 -10.26
CD1 G6C V . -29.33 -13.17 -10.08
CD2 G6C V . -26.98 -12.62 -9.93
NE1 G6C V . -29.67 -11.98 -9.57
CE2 G6C V . -27.35 -11.41 -9.40
CZ G6C V . -28.69 -11.11 -9.23
OH G6C V . -28.99 -9.90 -8.69
C1 EDO W . -14.91 -28.12 -8.10
O1 EDO W . -15.41 -27.28 -7.06
C2 EDO W . -14.78 -27.26 -9.34
O2 EDO W . -13.77 -27.74 -10.24
C1 EDO X . -27.21 -30.95 -27.61
O1 EDO X . -27.15 -30.99 -29.04
C2 EDO X . -27.42 -29.51 -27.15
O2 EDO X . -28.51 -29.50 -26.21
FE FE2 Y . 32.44 -2.20 17.18
OB G6C Z . 29.75 -1.50 13.87
CG G6C Z . 29.90 -0.48 12.98
CD1 G6C Z . 31.16 0.03 12.66
CD2 G6C Z . 28.75 0.06 12.40
NE1 G6C Z . 31.27 1.04 11.78
CE2 G6C Z . 28.91 1.09 11.49
CZ G6C Z . 30.17 1.57 11.19
OH G6C Z . 30.28 2.57 10.28
C1 EDO AA . 33.52 -9.77 34.53
O1 EDO AA . 34.36 -10.10 33.42
C2 EDO AA . 33.24 -8.27 34.50
O2 EDO AA . 32.58 -7.90 35.72
C1 EDO BA . 21.34 -17.86 18.52
O1 EDO BA . 20.76 -16.58 18.86
C2 EDO BA . 22.19 -17.70 17.26
O2 EDO BA . 21.58 -16.75 16.37
#